data_5KQM
# 
_entry.id   5KQM 
# 
_audit_conform.dict_name       mmcif_pdbx.dic 
_audit_conform.dict_version    5.379 
_audit_conform.dict_location   http://mmcif.pdb.org/dictionaries/ascii/mmcif_pdbx.dic 
# 
loop_
_database_2.database_id 
_database_2.database_code 
_database_2.pdbx_database_accession 
_database_2.pdbx_DOI 
PDB   5KQM         pdb_00005kqm 10.2210/pdb5kqm/pdb 
WWPDB D_1000222628 ?            ?                   
# 
loop_
_pdbx_database_related.content_type 
_pdbx_database_related.db_id 
_pdbx_database_related.db_name 
_pdbx_database_related.details 
unspecified 5KQG PDB . 
unspecified 5KQL PDB . 
unspecified 5KQP PDB . 
# 
_pdbx_database_status.status_code                     REL 
_pdbx_database_status.status_code_sf                  REL 
_pdbx_database_status.status_code_mr                  ? 
_pdbx_database_status.entry_id                        5KQM 
_pdbx_database_status.recvd_initial_deposition_date   2016-07-06 
_pdbx_database_status.SG_entry                        N 
_pdbx_database_status.deposit_site                    RCSB 
_pdbx_database_status.process_site                    RCSB 
_pdbx_database_status.status_code_cs                  ? 
_pdbx_database_status.methods_development_category    ? 
_pdbx_database_status.pdb_format_compatible           Y 
_pdbx_database_status.status_code_nmr_data            ? 
# 
loop_
_audit_author.name 
_audit_author.pdbx_ordinal 
'Wang, J.'     1 
'Zhang, Z.-Y.' 2 
'Yu, Z.-H.'    3 
# 
_citation.abstract                  ? 
_citation.abstract_id_CAS           ? 
_citation.book_id_ISBN              ? 
_citation.book_publisher            ? 
_citation.book_publisher_city       ? 
_citation.book_title                ? 
_citation.coordinate_linkage        ? 
_citation.country                   US 
_citation.database_id_Medline       ? 
_citation.details                   ? 
_citation.id                        primary 
_citation.journal_abbrev            J.Med.Chem. 
_citation.journal_id_ASTM           JMCMAR 
_citation.journal_id_CSD            0151 
_citation.journal_id_ISSN           0022-2623 
_citation.journal_full              ? 
_citation.journal_issue             ? 
_citation.journal_volume            ? 
_citation.language                  ? 
_citation.page_first                ? 
_citation.page_last                 ? 
_citation.title                     'Inhibition of low molecular weight protein tyrosine phosphatase by an induced-fit mechanism.' 
_citation.year                      2016 
_citation.database_id_CSD           ? 
_citation.pdbx_database_id_DOI      10.1021/acs.jmedchem.6b00993 
_citation.pdbx_database_id_PubMed   27676368 
_citation.unpublished_flag          ? 
# 
loop_
_citation_author.citation_id 
_citation_author.name 
_citation_author.ordinal 
_citation_author.identifier_ORCID 
primary 'He, R.'      1 ? 
primary 'Wang, J.'    2 ? 
primary 'Yu, Z.H.'    3 ? 
primary 'Zhang, R.Y.' 4 ? 
primary 'Liu, S.'     5 ? 
primary 'Wu, L.'      6 ? 
primary 'Zhang, Z.Y.' 7 ? 
# 
_cell.angle_alpha                  90.00 
_cell.angle_alpha_esd              ? 
_cell.angle_beta                   90.00 
_cell.angle_beta_esd               ? 
_cell.angle_gamma                  90.00 
_cell.angle_gamma_esd              ? 
_cell.entry_id                     5KQM 
_cell.details                      ? 
_cell.formula_units_Z              ? 
_cell.length_a                     33.690 
_cell.length_a_esd                 ? 
_cell.length_b                     54.826 
_cell.length_b_esd                 ? 
_cell.length_c                     95.191 
_cell.length_c_esd                 ? 
_cell.volume                       ? 
_cell.volume_esd                   ? 
_cell.Z_PDB                        4 
_cell.reciprocal_angle_alpha       ? 
_cell.reciprocal_angle_beta        ? 
_cell.reciprocal_angle_gamma       ? 
_cell.reciprocal_angle_alpha_esd   ? 
_cell.reciprocal_angle_beta_esd    ? 
_cell.reciprocal_angle_gamma_esd   ? 
_cell.reciprocal_length_a          ? 
_cell.reciprocal_length_b          ? 
_cell.reciprocal_length_c          ? 
_cell.reciprocal_length_a_esd      ? 
_cell.reciprocal_length_b_esd      ? 
_cell.reciprocal_length_c_esd      ? 
_cell.pdbx_unique_axis             ? 
# 
_symmetry.entry_id                         5KQM 
_symmetry.cell_setting                     ? 
_symmetry.Int_Tables_number                19 
_symmetry.space_group_name_Hall            ? 
_symmetry.space_group_name_H-M             'P 21 21 21' 
_symmetry.pdbx_full_space_group_name_H-M   ? 
# 
loop_
_entity.id 
_entity.type 
_entity.src_method 
_entity.pdbx_description 
_entity.formula_weight 
_entity.pdbx_number_of_molecules 
_entity.pdbx_ec 
_entity.pdbx_mutation 
_entity.pdbx_fragment 
_entity.details 
1 polymer     man 'Low molecular weight phosphotyrosine protein phosphatase' 20236.879 1   3.1.3.48,3.1.3.2 ? ? ? 
2 non-polymer syn '2-(N-MORPHOLINO)-ETHANESULFONIC ACID'                     195.237   1   ?                ? ? ? 
3 water       nat water                                                      18.015    121 ?                ? ? ? 
# 
_entity_name_com.entity_id   1 
_entity_name_com.name        
'LMW-PTPase,Adipocyte acid phosphatase,Low molecular weight cytosolic acid phosphatase,Red cell acid phosphatase 1' 
# 
_entity_poly.entity_id                      1 
_entity_poly.type                           'polypeptide(L)' 
_entity_poly.nstd_linkage                   no 
_entity_poly.nstd_monomer                   no 
_entity_poly.pdbx_seq_one_letter_code       
;MGSSHHHHHHSSGLVPRGSHMAEQATKSVLFVCLGNICRSPIAEAVFRKLVTDQNISENWRVDSAATSGYEIGNPPDYRG
QSCMKRHGIPMSHVARQITKEDFATFDYILCMDESNLRDLNRKSNQVKTCKAKIELLGSYDPQKQLIIEDPYYGNDSDFE
TVYQQCVRCCRAFLEKAH
;
_entity_poly.pdbx_seq_one_letter_code_can   
;MGSSHHHHHHSSGLVPRGSHMAEQATKSVLFVCLGNICRSPIAEAVFRKLVTDQNISENWRVDSAATSGYEIGNPPDYRG
QSCMKRHGIPMSHVARQITKEDFATFDYILCMDESNLRDLNRKSNQVKTCKAKIELLGSYDPQKQLIIEDPYYGNDSDFE
TVYQQCVRCCRAFLEKAH
;
_entity_poly.pdbx_strand_id                 A 
_entity_poly.pdbx_target_identifier         ? 
# 
loop_
_entity_poly_seq.entity_id 
_entity_poly_seq.num 
_entity_poly_seq.mon_id 
_entity_poly_seq.hetero 
1 1   MET n 
1 2   GLY n 
1 3   SER n 
1 4   SER n 
1 5   HIS n 
1 6   HIS n 
1 7   HIS n 
1 8   HIS n 
1 9   HIS n 
1 10  HIS n 
1 11  SER n 
1 12  SER n 
1 13  GLY n 
1 14  LEU n 
1 15  VAL n 
1 16  PRO n 
1 17  ARG n 
1 18  GLY n 
1 19  SER n 
1 20  HIS n 
1 21  MET n 
1 22  ALA n 
1 23  GLU n 
1 24  GLN n 
1 25  ALA n 
1 26  THR n 
1 27  LYS n 
1 28  SER n 
1 29  VAL n 
1 30  LEU n 
1 31  PHE n 
1 32  VAL n 
1 33  CYS n 
1 34  LEU n 
1 35  GLY n 
1 36  ASN n 
1 37  ILE n 
1 38  CYS n 
1 39  ARG n 
1 40  SER n 
1 41  PRO n 
1 42  ILE n 
1 43  ALA n 
1 44  GLU n 
1 45  ALA n 
1 46  VAL n 
1 47  PHE n 
1 48  ARG n 
1 49  LYS n 
1 50  LEU n 
1 51  VAL n 
1 52  THR n 
1 53  ASP n 
1 54  GLN n 
1 55  ASN n 
1 56  ILE n 
1 57  SER n 
1 58  GLU n 
1 59  ASN n 
1 60  TRP n 
1 61  ARG n 
1 62  VAL n 
1 63  ASP n 
1 64  SER n 
1 65  ALA n 
1 66  ALA n 
1 67  THR n 
1 68  SER n 
1 69  GLY n 
1 70  TYR n 
1 71  GLU n 
1 72  ILE n 
1 73  GLY n 
1 74  ASN n 
1 75  PRO n 
1 76  PRO n 
1 77  ASP n 
1 78  TYR n 
1 79  ARG n 
1 80  GLY n 
1 81  GLN n 
1 82  SER n 
1 83  CYS n 
1 84  MET n 
1 85  LYS n 
1 86  ARG n 
1 87  HIS n 
1 88  GLY n 
1 89  ILE n 
1 90  PRO n 
1 91  MET n 
1 92  SER n 
1 93  HIS n 
1 94  VAL n 
1 95  ALA n 
1 96  ARG n 
1 97  GLN n 
1 98  ILE n 
1 99  THR n 
1 100 LYS n 
1 101 GLU n 
1 102 ASP n 
1 103 PHE n 
1 104 ALA n 
1 105 THR n 
1 106 PHE n 
1 107 ASP n 
1 108 TYR n 
1 109 ILE n 
1 110 LEU n 
1 111 CYS n 
1 112 MET n 
1 113 ASP n 
1 114 GLU n 
1 115 SER n 
1 116 ASN n 
1 117 LEU n 
1 118 ARG n 
1 119 ASP n 
1 120 LEU n 
1 121 ASN n 
1 122 ARG n 
1 123 LYS n 
1 124 SER n 
1 125 ASN n 
1 126 GLN n 
1 127 VAL n 
1 128 LYS n 
1 129 THR n 
1 130 CYS n 
1 131 LYS n 
1 132 ALA n 
1 133 LYS n 
1 134 ILE n 
1 135 GLU n 
1 136 LEU n 
1 137 LEU n 
1 138 GLY n 
1 139 SER n 
1 140 TYR n 
1 141 ASP n 
1 142 PRO n 
1 143 GLN n 
1 144 LYS n 
1 145 GLN n 
1 146 LEU n 
1 147 ILE n 
1 148 ILE n 
1 149 GLU n 
1 150 ASP n 
1 151 PRO n 
1 152 TYR n 
1 153 TYR n 
1 154 GLY n 
1 155 ASN n 
1 156 ASP n 
1 157 SER n 
1 158 ASP n 
1 159 PHE n 
1 160 GLU n 
1 161 THR n 
1 162 VAL n 
1 163 TYR n 
1 164 GLN n 
1 165 GLN n 
1 166 CYS n 
1 167 VAL n 
1 168 ARG n 
1 169 CYS n 
1 170 CYS n 
1 171 ARG n 
1 172 ALA n 
1 173 PHE n 
1 174 LEU n 
1 175 GLU n 
1 176 LYS n 
1 177 ALA n 
1 178 HIS n 
# 
_entity_src_gen.entity_id                          1 
_entity_src_gen.pdbx_src_id                        1 
_entity_src_gen.pdbx_alt_source_flag               sample 
_entity_src_gen.pdbx_seq_type                      'Biological sequence' 
_entity_src_gen.pdbx_beg_seq_num                   1 
_entity_src_gen.pdbx_end_seq_num                   178 
_entity_src_gen.gene_src_common_name               Human 
_entity_src_gen.gene_src_genus                     ? 
_entity_src_gen.pdbx_gene_src_gene                 ACP1 
_entity_src_gen.gene_src_species                   ? 
_entity_src_gen.gene_src_strain                    ? 
_entity_src_gen.gene_src_tissue                    ? 
_entity_src_gen.gene_src_tissue_fraction           ? 
_entity_src_gen.gene_src_details                   ? 
_entity_src_gen.pdbx_gene_src_fragment             ? 
_entity_src_gen.pdbx_gene_src_scientific_name      'Homo sapiens' 
_entity_src_gen.pdbx_gene_src_ncbi_taxonomy_id     9606 
_entity_src_gen.pdbx_gene_src_variant              ? 
_entity_src_gen.pdbx_gene_src_cell_line            ? 
_entity_src_gen.pdbx_gene_src_atcc                 ? 
_entity_src_gen.pdbx_gene_src_organ                ? 
_entity_src_gen.pdbx_gene_src_organelle            ? 
_entity_src_gen.pdbx_gene_src_cell                 ? 
_entity_src_gen.pdbx_gene_src_cellular_location    ? 
_entity_src_gen.host_org_common_name               ? 
_entity_src_gen.pdbx_host_org_scientific_name      'Escherichia coli BL21(DE3)' 
_entity_src_gen.pdbx_host_org_ncbi_taxonomy_id     469008 
_entity_src_gen.host_org_genus                     ? 
_entity_src_gen.pdbx_host_org_gene                 ? 
_entity_src_gen.pdbx_host_org_organ                ? 
_entity_src_gen.host_org_species                   ? 
_entity_src_gen.pdbx_host_org_tissue               ? 
_entity_src_gen.pdbx_host_org_tissue_fraction      ? 
_entity_src_gen.pdbx_host_org_strain               ? 
_entity_src_gen.pdbx_host_org_variant              ? 
_entity_src_gen.pdbx_host_org_cell_line            ? 
_entity_src_gen.pdbx_host_org_atcc                 ? 
_entity_src_gen.pdbx_host_org_culture_collection   ? 
_entity_src_gen.pdbx_host_org_cell                 ? 
_entity_src_gen.pdbx_host_org_organelle            ? 
_entity_src_gen.pdbx_host_org_cellular_location    ? 
_entity_src_gen.pdbx_host_org_vector_type          ? 
_entity_src_gen.pdbx_host_org_vector               ? 
_entity_src_gen.host_org_details                   ? 
_entity_src_gen.expression_system_id               ? 
_entity_src_gen.plasmid_name                       ? 
_entity_src_gen.plasmid_details                    ? 
_entity_src_gen.pdbx_description                   ? 
# 
_struct_ref.id                         1 
_struct_ref.db_name                    UNP 
_struct_ref.db_code                    PPAC_HUMAN 
_struct_ref.pdbx_db_accession          P24666 
_struct_ref.pdbx_db_isoform            ? 
_struct_ref.entity_id                  1 
_struct_ref.pdbx_seq_one_letter_code   
;MAEQATKSVLFVCLGNICRSPIAEAVFRKLVTDQNISENWRVDSAATSGYEIGNPPDYRGQSCMKRHGIPMSHVARQITK
EDFATFDYILCMDESNLRDLNRKSNQVKTCKAKIELLGSYDPQKQLIIEDPYYGNDSDFETVYQQCVRCCRAFLEKAH
;
_struct_ref.pdbx_align_begin           1 
# 
_struct_ref_seq.align_id                      1 
_struct_ref_seq.ref_id                        1 
_struct_ref_seq.pdbx_PDB_id_code              5KQM 
_struct_ref_seq.pdbx_strand_id                A 
_struct_ref_seq.seq_align_beg                 21 
_struct_ref_seq.pdbx_seq_align_beg_ins_code   ? 
_struct_ref_seq.seq_align_end                 178 
_struct_ref_seq.pdbx_seq_align_end_ins_code   ? 
_struct_ref_seq.pdbx_db_accession             P24666 
_struct_ref_seq.db_align_beg                  1 
_struct_ref_seq.pdbx_db_align_beg_ins_code    ? 
_struct_ref_seq.db_align_end                  158 
_struct_ref_seq.pdbx_db_align_end_ins_code    ? 
_struct_ref_seq.pdbx_auth_seq_align_beg       0 
_struct_ref_seq.pdbx_auth_seq_align_end       157 
# 
loop_
_struct_ref_seq_dif.align_id 
_struct_ref_seq_dif.pdbx_pdb_id_code 
_struct_ref_seq_dif.mon_id 
_struct_ref_seq_dif.pdbx_pdb_strand_id 
_struct_ref_seq_dif.seq_num 
_struct_ref_seq_dif.pdbx_pdb_ins_code 
_struct_ref_seq_dif.pdbx_seq_db_name 
_struct_ref_seq_dif.pdbx_seq_db_accession_code 
_struct_ref_seq_dif.db_mon_id 
_struct_ref_seq_dif.pdbx_seq_db_seq_num 
_struct_ref_seq_dif.details 
_struct_ref_seq_dif.pdbx_auth_seq_num 
_struct_ref_seq_dif.pdbx_ordinal 
1 5KQM MET A 1  ? UNP P24666 ? ? 'initiating methionine' -20 1  
1 5KQM GLY A 2  ? UNP P24666 ? ? 'expression tag'        -19 2  
1 5KQM SER A 3  ? UNP P24666 ? ? 'expression tag'        -18 3  
1 5KQM SER A 4  ? UNP P24666 ? ? 'expression tag'        -17 4  
1 5KQM HIS A 5  ? UNP P24666 ? ? 'expression tag'        -16 5  
1 5KQM HIS A 6  ? UNP P24666 ? ? 'expression tag'        -15 6  
1 5KQM HIS A 7  ? UNP P24666 ? ? 'expression tag'        -14 7  
1 5KQM HIS A 8  ? UNP P24666 ? ? 'expression tag'        -13 8  
1 5KQM HIS A 9  ? UNP P24666 ? ? 'expression tag'        -12 9  
1 5KQM HIS A 10 ? UNP P24666 ? ? 'expression tag'        -11 10 
1 5KQM SER A 11 ? UNP P24666 ? ? 'expression tag'        -10 11 
1 5KQM SER A 12 ? UNP P24666 ? ? 'expression tag'        -9  12 
1 5KQM GLY A 13 ? UNP P24666 ? ? 'expression tag'        -8  13 
1 5KQM LEU A 14 ? UNP P24666 ? ? 'expression tag'        -7  14 
1 5KQM VAL A 15 ? UNP P24666 ? ? 'expression tag'        -6  15 
1 5KQM PRO A 16 ? UNP P24666 ? ? 'expression tag'        -5  16 
1 5KQM ARG A 17 ? UNP P24666 ? ? 'expression tag'        -4  17 
1 5KQM GLY A 18 ? UNP P24666 ? ? 'expression tag'        -3  18 
1 5KQM SER A 19 ? UNP P24666 ? ? 'expression tag'        -2  19 
1 5KQM HIS A 20 ? UNP P24666 ? ? 'expression tag'        -1  20 
# 
loop_
_chem_comp.id 
_chem_comp.type 
_chem_comp.mon_nstd_flag 
_chem_comp.name 
_chem_comp.pdbx_synonyms 
_chem_comp.formula 
_chem_comp.formula_weight 
ALA 'L-peptide linking' y ALANINE                                ? 'C3 H7 N O2'     89.093  
ARG 'L-peptide linking' y ARGININE                               ? 'C6 H15 N4 O2 1' 175.209 
ASN 'L-peptide linking' y ASPARAGINE                             ? 'C4 H8 N2 O3'    132.118 
ASP 'L-peptide linking' y 'ASPARTIC ACID'                        ? 'C4 H7 N O4'     133.103 
CYS 'L-peptide linking' y CYSTEINE                               ? 'C3 H7 N O2 S'   121.158 
GLN 'L-peptide linking' y GLUTAMINE                              ? 'C5 H10 N2 O3'   146.144 
GLU 'L-peptide linking' y 'GLUTAMIC ACID'                        ? 'C5 H9 N O4'     147.129 
GLY 'peptide linking'   y GLYCINE                                ? 'C2 H5 N O2'     75.067  
HIS 'L-peptide linking' y HISTIDINE                              ? 'C6 H10 N3 O2 1' 156.162 
HOH non-polymer         . WATER                                  ? 'H2 O'           18.015  
ILE 'L-peptide linking' y ISOLEUCINE                             ? 'C6 H13 N O2'    131.173 
LEU 'L-peptide linking' y LEUCINE                                ? 'C6 H13 N O2'    131.173 
LYS 'L-peptide linking' y LYSINE                                 ? 'C6 H15 N2 O2 1' 147.195 
MES non-polymer         . '2-(N-MORPHOLINO)-ETHANESULFONIC ACID' ? 'C6 H13 N O4 S'  195.237 
MET 'L-peptide linking' y METHIONINE                             ? 'C5 H11 N O2 S'  149.211 
PHE 'L-peptide linking' y PHENYLALANINE                          ? 'C9 H11 N O2'    165.189 
PRO 'L-peptide linking' y PROLINE                                ? 'C5 H9 N O2'     115.130 
SER 'L-peptide linking' y SERINE                                 ? 'C3 H7 N O3'     105.093 
THR 'L-peptide linking' y THREONINE                              ? 'C4 H9 N O3'     119.119 
TRP 'L-peptide linking' y TRYPTOPHAN                             ? 'C11 H12 N2 O2'  204.225 
TYR 'L-peptide linking' y TYROSINE                               ? 'C9 H11 N O3'    181.189 
VAL 'L-peptide linking' y VALINE                                 ? 'C5 H11 N O2'    117.146 
# 
_exptl.absorpt_coefficient_mu     ? 
_exptl.absorpt_correction_T_max   ? 
_exptl.absorpt_correction_T_min   ? 
_exptl.absorpt_correction_type    ? 
_exptl.absorpt_process_details    ? 
_exptl.entry_id                   5KQM 
_exptl.crystals_number            1 
_exptl.details                    ? 
_exptl.method                     'X-RAY DIFFRACTION' 
_exptl.method_details             ? 
# 
_exptl_crystal.colour                      ? 
_exptl_crystal.density_diffrn              ? 
_exptl_crystal.density_Matthews            2.17 
_exptl_crystal.density_method              ? 
_exptl_crystal.density_percent_sol         43.37 
_exptl_crystal.description                 ? 
_exptl_crystal.F_000                       ? 
_exptl_crystal.id                          1 
_exptl_crystal.preparation                 ? 
_exptl_crystal.size_max                    ? 
_exptl_crystal.size_mid                    ? 
_exptl_crystal.size_min                    ? 
_exptl_crystal.size_rad                    ? 
_exptl_crystal.colour_lustre               ? 
_exptl_crystal.colour_modifier             ? 
_exptl_crystal.colour_primary              ? 
_exptl_crystal.density_meas                ? 
_exptl_crystal.density_meas_esd            ? 
_exptl_crystal.density_meas_gt             ? 
_exptl_crystal.density_meas_lt             ? 
_exptl_crystal.density_meas_temp           ? 
_exptl_crystal.density_meas_temp_esd       ? 
_exptl_crystal.density_meas_temp_gt        ? 
_exptl_crystal.density_meas_temp_lt        ? 
_exptl_crystal.pdbx_crystal_image_url      ? 
_exptl_crystal.pdbx_crystal_image_format   ? 
_exptl_crystal.pdbx_mosaicity              ? 
_exptl_crystal.pdbx_mosaicity_esd          ? 
# 
_exptl_crystal_grow.apparatus       ? 
_exptl_crystal_grow.atmosphere      ? 
_exptl_crystal_grow.crystal_id      1 
_exptl_crystal_grow.details         ? 
_exptl_crystal_grow.method          'VAPOR DIFFUSION, HANGING DROP' 
_exptl_crystal_grow.method_ref      ? 
_exptl_crystal_grow.pH              6.5 
_exptl_crystal_grow.pressure        ? 
_exptl_crystal_grow.pressure_esd    ? 
_exptl_crystal_grow.seeding         ? 
_exptl_crystal_grow.seeding_ref     ? 
_exptl_crystal_grow.temp            293 
_exptl_crystal_grow.temp_details    ? 
_exptl_crystal_grow.temp_esd        ? 
_exptl_crystal_grow.time            ? 
_exptl_crystal_grow.pdbx_details    '30% PEGME 5000, 0.2 M ammonium sulfate, 100 mM MES, pH=6.5' 
_exptl_crystal_grow.pdbx_pH_range   ? 
# 
_diffrn.ambient_environment    ? 
_diffrn.ambient_temp           100 
_diffrn.ambient_temp_details   ? 
_diffrn.ambient_temp_esd       ? 
_diffrn.crystal_id             1 
_diffrn.crystal_support        ? 
_diffrn.crystal_treatment      ? 
_diffrn.details                ? 
_diffrn.id                     1 
_diffrn.ambient_pressure       ? 
_diffrn.ambient_pressure_esd   ? 
_diffrn.ambient_pressure_gt    ? 
_diffrn.ambient_pressure_lt    ? 
_diffrn.ambient_temp_gt        ? 
_diffrn.ambient_temp_lt        ? 
# 
_diffrn_detector.details                      ? 
_diffrn_detector.detector                     CCD 
_diffrn_detector.diffrn_id                    1 
_diffrn_detector.type                         'ADSC QUANTUM 210' 
_diffrn_detector.area_resol_mean              ? 
_diffrn_detector.dtime                        ? 
_diffrn_detector.pdbx_frames_total            ? 
_diffrn_detector.pdbx_collection_time_total   ? 
_diffrn_detector.pdbx_collection_date         2011-11-02 
# 
_diffrn_radiation.collimation                      ? 
_diffrn_radiation.diffrn_id                        1 
_diffrn_radiation.filter_edge                      ? 
_diffrn_radiation.inhomogeneity                    ? 
_diffrn_radiation.monochromator                    ? 
_diffrn_radiation.polarisn_norm                    ? 
_diffrn_radiation.polarisn_ratio                   ? 
_diffrn_radiation.probe                            ? 
_diffrn_radiation.type                             ? 
_diffrn_radiation.xray_symbol                      ? 
_diffrn_radiation.wavelength_id                    1 
_diffrn_radiation.pdbx_monochromatic_or_laue_m_l   M 
_diffrn_radiation.pdbx_wavelength_list             ? 
_diffrn_radiation.pdbx_wavelength                  ? 
_diffrn_radiation.pdbx_diffrn_protocol             'SINGLE WAVELENGTH' 
_diffrn_radiation.pdbx_analyzer                    ? 
_diffrn_radiation.pdbx_scattering_type             x-ray 
# 
_diffrn_radiation_wavelength.id           1 
_diffrn_radiation_wavelength.wavelength   0.97918 
_diffrn_radiation_wavelength.wt           1.0 
# 
_diffrn_source.current                     ? 
_diffrn_source.details                     ? 
_diffrn_source.diffrn_id                   1 
_diffrn_source.power                       ? 
_diffrn_source.size                        ? 
_diffrn_source.source                      SYNCHROTRON 
_diffrn_source.target                      ? 
_diffrn_source.type                        'APS BEAMLINE 19-BM' 
_diffrn_source.voltage                     ? 
_diffrn_source.take-off_angle              ? 
_diffrn_source.pdbx_wavelength_list        0.97918 
_diffrn_source.pdbx_wavelength             ? 
_diffrn_source.pdbx_synchrotron_beamline   19-BM 
_diffrn_source.pdbx_synchrotron_site       APS 
# 
_reflns.B_iso_Wilson_estimate            ? 
_reflns.entry_id                         5KQM 
_reflns.data_reduction_details           ? 
_reflns.data_reduction_method            ? 
_reflns.d_resolution_high                1.91 
_reflns.d_resolution_low                 50.00 
_reflns.details                          ? 
_reflns.limit_h_max                      ? 
_reflns.limit_h_min                      ? 
_reflns.limit_k_max                      ? 
_reflns.limit_k_min                      ? 
_reflns.limit_l_max                      ? 
_reflns.limit_l_min                      ? 
_reflns.number_all                       ? 
_reflns.number_obs                       14276 
_reflns.observed_criterion               ? 
_reflns.observed_criterion_F_max         ? 
_reflns.observed_criterion_F_min         ? 
_reflns.observed_criterion_I_max         ? 
_reflns.observed_criterion_I_min         ? 
_reflns.observed_criterion_sigma_F       ? 
_reflns.observed_criterion_sigma_I       ? 
_reflns.percent_possible_obs             99.7 
_reflns.R_free_details                   ? 
_reflns.Rmerge_F_all                     ? 
_reflns.Rmerge_F_obs                     ? 
_reflns.Friedel_coverage                 ? 
_reflns.number_gt                        ? 
_reflns.threshold_expression             ? 
_reflns.pdbx_redundancy                  6.6 
_reflns.pdbx_Rmerge_I_obs                ? 
_reflns.pdbx_Rmerge_I_all                ? 
_reflns.pdbx_Rsym_value                  ? 
_reflns.pdbx_netI_over_av_sigmaI         ? 
_reflns.pdbx_netI_over_sigmaI            27.7 
_reflns.pdbx_res_netI_over_av_sigmaI_2   ? 
_reflns.pdbx_res_netI_over_sigmaI_2      ? 
_reflns.pdbx_chi_squared                 ? 
_reflns.pdbx_scaling_rejects             ? 
_reflns.pdbx_d_res_high_opt              ? 
_reflns.pdbx_d_res_low_opt               ? 
_reflns.pdbx_d_res_opt_method            ? 
_reflns.phase_calculation_details        ? 
_reflns.pdbx_Rrim_I_all                  ? 
_reflns.pdbx_Rpim_I_all                  ? 
_reflns.pdbx_d_opt                       ? 
_reflns.pdbx_number_measured_all         ? 
_reflns.pdbx_diffrn_id                   1 
_reflns.pdbx_ordinal                     1 
_reflns.pdbx_CC_half                     ? 
_reflns.pdbx_R_split                     ? 
# 
_reflns_shell.d_res_high                  . 
_reflns_shell.d_res_low                   ? 
_reflns_shell.meanI_over_sigI_all         ? 
_reflns_shell.meanI_over_sigI_obs         ? 
_reflns_shell.number_measured_all         ? 
_reflns_shell.number_measured_obs         ? 
_reflns_shell.number_possible             ? 
_reflns_shell.number_unique_all           ? 
_reflns_shell.number_unique_obs           ? 
_reflns_shell.percent_possible_all        ? 
_reflns_shell.percent_possible_obs        ? 
_reflns_shell.Rmerge_F_all                ? 
_reflns_shell.Rmerge_F_obs                ? 
_reflns_shell.Rmerge_I_all                ? 
_reflns_shell.Rmerge_I_obs                ? 
_reflns_shell.meanI_over_sigI_gt          ? 
_reflns_shell.meanI_over_uI_all           ? 
_reflns_shell.meanI_over_uI_gt            ? 
_reflns_shell.number_measured_gt          ? 
_reflns_shell.number_unique_gt            ? 
_reflns_shell.percent_possible_gt         ? 
_reflns_shell.Rmerge_F_gt                 ? 
_reflns_shell.Rmerge_I_gt                 ? 
_reflns_shell.pdbx_redundancy             ? 
_reflns_shell.pdbx_Rsym_value             ? 
_reflns_shell.pdbx_chi_squared            ? 
_reflns_shell.pdbx_netI_over_sigmaI_all   ? 
_reflns_shell.pdbx_netI_over_sigmaI_obs   ? 
_reflns_shell.pdbx_Rrim_I_all             ? 
_reflns_shell.pdbx_Rpim_I_all             ? 
_reflns_shell.pdbx_rejects                ? 
_reflns_shell.pdbx_ordinal                1 
_reflns_shell.pdbx_diffrn_id              1 
_reflns_shell.pdbx_CC_half                ? 
_reflns_shell.pdbx_R_split                ? 
# 
_refine.aniso_B[1][1]                            0.2987 
_refine.aniso_B[1][2]                            0.0000 
_refine.aniso_B[1][3]                            -0.0000 
_refine.aniso_B[2][2]                            5.4378 
_refine.aniso_B[2][3]                            0.0000 
_refine.aniso_B[3][3]                            -5.7365 
_refine.B_iso_max                                ? 
_refine.B_iso_mean                               ? 
_refine.B_iso_min                                ? 
_refine.correlation_coeff_Fo_to_Fc               ? 
_refine.correlation_coeff_Fo_to_Fc_free          ? 
_refine.details                                  ? 
_refine.diff_density_max                         ? 
_refine.diff_density_max_esd                     ? 
_refine.diff_density_min                         ? 
_refine.diff_density_min_esd                     ? 
_refine.diff_density_rms                         ? 
_refine.diff_density_rms_esd                     ? 
_refine.entry_id                                 5KQM 
_refine.pdbx_refine_id                           'X-RAY DIFFRACTION' 
_refine.ls_abs_structure_details                 ? 
_refine.ls_abs_structure_Flack                   ? 
_refine.ls_abs_structure_Flack_esd               ? 
_refine.ls_abs_structure_Rogers                  ? 
_refine.ls_abs_structure_Rogers_esd              ? 
_refine.ls_d_res_high                            1.910 
_refine.ls_d_res_low                             27.463 
_refine.ls_extinction_coef                       ? 
_refine.ls_extinction_coef_esd                   ? 
_refine.ls_extinction_expression                 ? 
_refine.ls_extinction_method                     ? 
_refine.ls_goodness_of_fit_all                   ? 
_refine.ls_goodness_of_fit_all_esd               ? 
_refine.ls_goodness_of_fit_obs                   ? 
_refine.ls_goodness_of_fit_obs_esd               ? 
_refine.ls_hydrogen_treatment                    ? 
_refine.ls_matrix_type                           ? 
_refine.ls_number_constraints                    ? 
_refine.ls_number_parameters                     ? 
_refine.ls_number_reflns_all                     ? 
_refine.ls_number_reflns_obs                     14231 
_refine.ls_number_reflns_R_free                  715 
_refine.ls_number_reflns_R_work                  ? 
_refine.ls_number_restraints                     ? 
_refine.ls_percent_reflns_obs                    99.22 
_refine.ls_percent_reflns_R_free                 5.02 
_refine.ls_R_factor_all                          ? 
_refine.ls_R_factor_obs                          0.1869 
_refine.ls_R_factor_R_free                       0.2281 
_refine.ls_R_factor_R_free_error                 ? 
_refine.ls_R_factor_R_free_error_details         ? 
_refine.ls_R_factor_R_work                       0.1847 
_refine.ls_R_Fsqd_factor_obs                     ? 
_refine.ls_R_I_factor_obs                        ? 
_refine.ls_redundancy_reflns_all                 ? 
_refine.ls_redundancy_reflns_obs                 ? 
_refine.ls_restrained_S_all                      ? 
_refine.ls_restrained_S_obs                      ? 
_refine.ls_shift_over_esd_max                    ? 
_refine.ls_shift_over_esd_mean                   ? 
_refine.ls_structure_factor_coef                 ? 
_refine.ls_weighting_details                     ? 
_refine.ls_weighting_scheme                      ? 
_refine.ls_wR_factor_all                         ? 
_refine.ls_wR_factor_obs                         ? 
_refine.ls_wR_factor_R_free                      ? 
_refine.ls_wR_factor_R_work                      ? 
_refine.occupancy_max                            ? 
_refine.occupancy_min                            ? 
_refine.solvent_model_details                    ? 
_refine.solvent_model_param_bsol                 35.385 
_refine.solvent_model_param_ksol                 0.360 
_refine.ls_R_factor_gt                           ? 
_refine.ls_goodness_of_fit_gt                    ? 
_refine.ls_goodness_of_fit_ref                   ? 
_refine.ls_shift_over_su_max                     ? 
_refine.ls_shift_over_su_max_lt                  ? 
_refine.ls_shift_over_su_mean                    ? 
_refine.ls_shift_over_su_mean_lt                 ? 
_refine.pdbx_ls_sigma_I                          ? 
_refine.pdbx_ls_sigma_F                          1.34 
_refine.pdbx_ls_sigma_Fsqd                       ? 
_refine.pdbx_data_cutoff_high_absF               ? 
_refine.pdbx_data_cutoff_high_rms_absF           ? 
_refine.pdbx_data_cutoff_low_absF                ? 
_refine.pdbx_isotropic_thermal_model             ? 
_refine.pdbx_ls_cross_valid_method               'FREE R-VALUE' 
_refine.pdbx_method_to_determine_struct          'MOLECULAR REPLACEMENT' 
_refine.pdbx_starting_model                      5PNT 
_refine.pdbx_stereochemistry_target_values       ? 
_refine.pdbx_R_Free_selection_details            ? 
_refine.pdbx_stereochem_target_val_spec_case     ? 
_refine.pdbx_overall_ESU_R                       ? 
_refine.pdbx_overall_ESU_R_Free                  ? 
_refine.pdbx_solvent_vdw_probe_radii             1.20 
_refine.pdbx_solvent_ion_probe_radii             ? 
_refine.pdbx_solvent_shrinkage_radii             0.95 
_refine.pdbx_real_space_R                        ? 
_refine.pdbx_density_correlation                 ? 
_refine.pdbx_pd_number_of_powder_patterns        ? 
_refine.pdbx_pd_number_of_points                 ? 
_refine.pdbx_pd_meas_number_of_points            ? 
_refine.pdbx_pd_proc_ls_prof_R_factor            ? 
_refine.pdbx_pd_proc_ls_prof_wR_factor           ? 
_refine.pdbx_pd_Marquardt_correlation_coeff      ? 
_refine.pdbx_pd_Fsqrd_R_factor                   ? 
_refine.pdbx_pd_ls_matrix_band_width             ? 
_refine.pdbx_overall_phase_error                 21.02 
_refine.pdbx_overall_SU_R_free_Cruickshank_DPI   ? 
_refine.pdbx_overall_SU_R_free_Blow_DPI          ? 
_refine.pdbx_overall_SU_R_Blow_DPI               ? 
_refine.pdbx_TLS_residual_ADP_flag               ? 
_refine.pdbx_diffrn_id                           1 
_refine.overall_SU_B                             ? 
_refine.overall_SU_ML                            0.30 
_refine.overall_SU_R_Cruickshank_DPI             ? 
_refine.overall_SU_R_free                        ? 
_refine.overall_FOM_free_R_set                   ? 
_refine.overall_FOM_work_R_set                   ? 
_refine.pdbx_average_fsc_overall                 ? 
_refine.pdbx_average_fsc_work                    ? 
_refine.pdbx_average_fsc_free                    ? 
# 
_refine_hist.pdbx_refine_id                   'X-RAY DIFFRACTION' 
_refine_hist.cycle_id                         LAST 
_refine_hist.pdbx_number_atoms_protein        1225 
_refine_hist.pdbx_number_atoms_nucleic_acid   0 
_refine_hist.pdbx_number_atoms_ligand         12 
_refine_hist.number_atoms_solvent             121 
_refine_hist.number_atoms_total               1358 
_refine_hist.d_res_high                       1.910 
_refine_hist.d_res_low                        27.463 
# 
loop_
_refine_ls_restr.pdbx_refine_id 
_refine_ls_restr.criterion 
_refine_ls_restr.dev_ideal 
_refine_ls_restr.dev_ideal_target 
_refine_ls_restr.number 
_refine_ls_restr.rejects 
_refine_ls_restr.type 
_refine_ls_restr.weight 
_refine_ls_restr.pdbx_restraint_function 
'X-RAY DIFFRACTION' ? 0.008  ? 1260 ? f_bond_d           ? ? 
'X-RAY DIFFRACTION' ? 1.989  ? 1700 ? f_angle_d          ? ? 
'X-RAY DIFFRACTION' ? 16.006 ? 483  ? f_dihedral_angle_d ? ? 
'X-RAY DIFFRACTION' ? 0.076  ? 182  ? f_chiral_restr     ? ? 
'X-RAY DIFFRACTION' ? 0.004  ? 222  ? f_plane_restr      ? ? 
# 
loop_
_refine_ls_shell.pdbx_refine_id 
_refine_ls_shell.d_res_high 
_refine_ls_shell.d_res_low 
_refine_ls_shell.number_reflns_all 
_refine_ls_shell.number_reflns_obs 
_refine_ls_shell.number_reflns_R_free 
_refine_ls_shell.number_reflns_R_work 
_refine_ls_shell.percent_reflns_obs 
_refine_ls_shell.percent_reflns_R_free 
_refine_ls_shell.R_factor_all 
_refine_ls_shell.R_factor_obs 
_refine_ls_shell.R_factor_R_free 
_refine_ls_shell.R_factor_R_free_error 
_refine_ls_shell.R_factor_R_work 
_refine_ls_shell.redundancy_reflns_all 
_refine_ls_shell.redundancy_reflns_obs 
_refine_ls_shell.wR_factor_all 
_refine_ls_shell.wR_factor_obs 
_refine_ls_shell.wR_factor_R_free 
_refine_ls_shell.wR_factor_R_work 
_refine_ls_shell.pdbx_total_number_of_bins_used 
_refine_ls_shell.pdbx_phase_error 
_refine_ls_shell.pdbx_fsc_work 
_refine_ls_shell.pdbx_fsc_free 
'X-RAY DIFFRACTION' 1.9100 2.0552  . . 149 2567 97.00  . . . 0.2580 . 0.2231 . . . . . . . . . . 
'X-RAY DIFFRACTION' 2.0552 2.2619  . . 144 2687 100.00 . . . 0.2622 . 0.2016 . . . . . . . . . . 
'X-RAY DIFFRACTION' 2.2619 2.5890  . . 142 2697 100.00 . . . 0.2750 . 0.1993 . . . . . . . . . . 
'X-RAY DIFFRACTION' 2.5890 3.2610  . . 128 2717 100.00 . . . 0.2421 . 0.1936 . . . . . . . . . . 
'X-RAY DIFFRACTION' 3.2610 27.4655 . . 152 2848 99.00  . . . 0.1971 . 0.1681 . . . . . . . . . . 
# 
_struct.entry_id                     5KQM 
_struct.title                        'Co-crystal structure of LMW-PTP in complex with MES' 
_struct.pdbx_model_details           ? 
_struct.pdbx_formula_weight          ? 
_struct.pdbx_formula_weight_method   ? 
_struct.pdbx_model_type_details      ? 
_struct.pdbx_CASP_flag               N 
# 
_struct_keywords.entry_id        5KQM 
_struct_keywords.text            'LMW-PTP, Inhibitor, Complex, HYDROLASE' 
_struct_keywords.pdbx_keywords   HYDROLASE 
# 
loop_
_struct_asym.id 
_struct_asym.pdbx_blank_PDB_chainid_flag 
_struct_asym.pdbx_modified 
_struct_asym.entity_id 
_struct_asym.details 
A N N 1 ? 
B N N 2 ? 
C N N 3 ? 
# 
loop_
_struct_conf.conf_type_id 
_struct_conf.id 
_struct_conf.pdbx_PDB_helix_id 
_struct_conf.beg_label_comp_id 
_struct_conf.beg_label_asym_id 
_struct_conf.beg_label_seq_id 
_struct_conf.pdbx_beg_PDB_ins_code 
_struct_conf.end_label_comp_id 
_struct_conf.end_label_asym_id 
_struct_conf.end_label_seq_id 
_struct_conf.pdbx_end_PDB_ins_code 
_struct_conf.beg_auth_comp_id 
_struct_conf.beg_auth_asym_id 
_struct_conf.beg_auth_seq_id 
_struct_conf.end_auth_comp_id 
_struct_conf.end_auth_asym_id 
_struct_conf.end_auth_seq_id 
_struct_conf.pdbx_PDB_helix_class 
_struct_conf.details 
_struct_conf.pdbx_PDB_helix_length 
HELX_P HELX_P1 AA1 ARG A 39  ? GLN A 54  ? ARG A 18  GLN A 33  1 ? 16 
HELX_P HELX_P2 AA2 ILE A 56  ? GLU A 58  ? ILE A 35  GLU A 37  5 ? 3  
HELX_P HELX_P3 AA3 ASP A 77  ? HIS A 87  ? ASP A 56  HIS A 66  1 ? 11 
HELX_P HELX_P4 AA4 THR A 99  ? PHE A 106 ? THR A 78  PHE A 85  1 ? 8  
HELX_P HELX_P5 AA5 ASP A 113 ? ASN A 125 ? ASP A 92  ASN A 104 1 ? 13 
HELX_P HELX_P6 AA6 GLY A 138 ? ASP A 141 ? GLY A 117 ASP A 120 5 ? 4  
HELX_P HELX_P7 AA7 ASN A 155 ? LYS A 176 ? ASN A 134 LYS A 155 1 ? 22 
# 
_struct_conf_type.id          HELX_P 
_struct_conf_type.criteria    ? 
_struct_conf_type.reference   ? 
# 
_struct_sheet.id               AA1 
_struct_sheet.type             ? 
_struct_sheet.number_strands   4 
_struct_sheet.details          ? 
# 
loop_
_struct_sheet_order.sheet_id 
_struct_sheet_order.range_id_1 
_struct_sheet_order.range_id_2 
_struct_sheet_order.offset 
_struct_sheet_order.sense 
AA1 1 2 ? parallel 
AA1 2 3 ? parallel 
AA1 3 4 ? parallel 
# 
loop_
_struct_sheet_range.sheet_id 
_struct_sheet_range.id 
_struct_sheet_range.beg_label_comp_id 
_struct_sheet_range.beg_label_asym_id 
_struct_sheet_range.beg_label_seq_id 
_struct_sheet_range.pdbx_beg_PDB_ins_code 
_struct_sheet_range.end_label_comp_id 
_struct_sheet_range.end_label_asym_id 
_struct_sheet_range.end_label_seq_id 
_struct_sheet_range.pdbx_end_PDB_ins_code 
_struct_sheet_range.beg_auth_comp_id 
_struct_sheet_range.beg_auth_asym_id 
_struct_sheet_range.beg_auth_seq_id 
_struct_sheet_range.end_auth_comp_id 
_struct_sheet_range.end_auth_asym_id 
_struct_sheet_range.end_auth_seq_id 
AA1 1 TRP A 60  ? ALA A 66  ? TRP A 39  ALA A 45  
AA1 2 LYS A 27  ? CYS A 33  ? LYS A 6   CYS A 12  
AA1 3 TYR A 108 ? CYS A 111 ? TYR A 87  CYS A 90  
AA1 4 LYS A 133 ? LEU A 136 ? LYS A 112 LEU A 115 
# 
loop_
_pdbx_struct_sheet_hbond.sheet_id 
_pdbx_struct_sheet_hbond.range_id_1 
_pdbx_struct_sheet_hbond.range_id_2 
_pdbx_struct_sheet_hbond.range_1_label_atom_id 
_pdbx_struct_sheet_hbond.range_1_label_comp_id 
_pdbx_struct_sheet_hbond.range_1_label_asym_id 
_pdbx_struct_sheet_hbond.range_1_label_seq_id 
_pdbx_struct_sheet_hbond.range_1_PDB_ins_code 
_pdbx_struct_sheet_hbond.range_1_auth_atom_id 
_pdbx_struct_sheet_hbond.range_1_auth_comp_id 
_pdbx_struct_sheet_hbond.range_1_auth_asym_id 
_pdbx_struct_sheet_hbond.range_1_auth_seq_id 
_pdbx_struct_sheet_hbond.range_2_label_atom_id 
_pdbx_struct_sheet_hbond.range_2_label_comp_id 
_pdbx_struct_sheet_hbond.range_2_label_asym_id 
_pdbx_struct_sheet_hbond.range_2_label_seq_id 
_pdbx_struct_sheet_hbond.range_2_PDB_ins_code 
_pdbx_struct_sheet_hbond.range_2_auth_atom_id 
_pdbx_struct_sheet_hbond.range_2_auth_comp_id 
_pdbx_struct_sheet_hbond.range_2_auth_asym_id 
_pdbx_struct_sheet_hbond.range_2_auth_seq_id 
AA1 1 2 O ARG A 61  ? O ARG A 40 N LYS A 27  ? N LYS A 6   
AA1 2 3 N LEU A 30  ? N LEU A 9  O TYR A 108 ? O TYR A 87  
AA1 3 4 N ILE A 109 ? N ILE A 88 O LYS A 133 ? O LYS A 112 
# 
_struct_site.id                   AC1 
_struct_site.pdbx_evidence_code   Software 
_struct_site.pdbx_auth_asym_id    A 
_struct_site.pdbx_auth_comp_id    MES 
_struct_site.pdbx_auth_seq_id     200 
_struct_site.pdbx_auth_ins_code   ? 
_struct_site.pdbx_num_residues    12 
_struct_site.details              'binding site for residue MES A 200' 
# 
loop_
_struct_site_gen.id 
_struct_site_gen.site_id 
_struct_site_gen.pdbx_num_res 
_struct_site_gen.label_comp_id 
_struct_site_gen.label_asym_id 
_struct_site_gen.label_seq_id 
_struct_site_gen.pdbx_auth_ins_code 
_struct_site_gen.auth_comp_id 
_struct_site_gen.auth_asym_id 
_struct_site_gen.auth_seq_id 
_struct_site_gen.label_atom_id 
_struct_site_gen.label_alt_id 
_struct_site_gen.symmetry 
_struct_site_gen.details 
1  AC1 12 CYS A 33  ? CYS A 12  . ? 1_555 ? 
2  AC1 12 LEU A 34  ? LEU A 13  . ? 1_555 ? 
3  AC1 12 GLY A 35  ? GLY A 14  . ? 1_555 ? 
4  AC1 12 ASN A 36  ? ASN A 15  . ? 1_555 ? 
5  AC1 12 ILE A 37  ? ILE A 16  . ? 1_555 ? 
6  AC1 12 CYS A 38  ? CYS A 17  . ? 1_555 ? 
7  AC1 12 ARG A 39  ? ARG A 18  . ? 1_555 ? 
8  AC1 12 GLU A 71  ? GLU A 50  . ? 1_555 ? 
9  AC1 12 ARG A 118 ? ARG A 97  . ? 4_455 ? 
10 AC1 12 ASP A 150 ? ASP A 129 . ? 1_555 ? 
11 AC1 12 TYR A 152 ? TYR A 131 . ? 1_555 ? 
12 AC1 12 HOH C .   ? HOH A 335 . ? 1_555 ? 
# 
_atom_sites.entry_id                    5KQM 
_atom_sites.fract_transf_matrix[1][1]   0.00269057 
_atom_sites.fract_transf_matrix[1][2]   -0.02327974 
_atom_sites.fract_transf_matrix[1][3]   0.01821636 
_atom_sites.fract_transf_matrix[2][1]   0.01702993 
_atom_sites.fract_transf_matrix[2][2]   -0.00269020 
_atom_sites.fract_transf_matrix[2][3]   -0.00595330 
_atom_sites.fract_transf_matrix[3][1]   0.00364002 
_atom_sites.fract_transf_matrix[3][2]   0.00633019 
_atom_sites.fract_transf_matrix[3][3]   0.00755208 
_atom_sites.fract_transf_vector[1]      0.088377 
_atom_sites.fract_transf_vector[2]      0.083811 
_atom_sites.fract_transf_vector[3]      0.112233 
# 
loop_
_atom_type.symbol 
C 
N 
O 
S 
# 
loop_
_atom_site.group_PDB 
_atom_site.id 
_atom_site.type_symbol 
_atom_site.label_atom_id 
_atom_site.label_alt_id 
_atom_site.label_comp_id 
_atom_site.label_asym_id 
_atom_site.label_entity_id 
_atom_site.label_seq_id 
_atom_site.pdbx_PDB_ins_code 
_atom_site.Cartn_x 
_atom_site.Cartn_y 
_atom_site.Cartn_z 
_atom_site.occupancy 
_atom_site.B_iso_or_equiv 
_atom_site.pdbx_formal_charge 
_atom_site.auth_seq_id 
_atom_site.auth_comp_id 
_atom_site.auth_asym_id 
_atom_site.auth_atom_id 
_atom_site.pdbx_PDB_model_num 
ATOM   1    N N   . THR A 1 26  ? 6.230   14.135  12.163  1.00 51.75 ? 5   THR A N   1 
ATOM   2    C CA  . THR A 1 26  ? 5.583   13.670  10.936  1.00 44.72 ? 5   THR A CA  1 
ATOM   3    C C   . THR A 1 26  ? 5.501   12.134  10.918  1.00 45.15 ? 5   THR A C   1 
ATOM   4    O O   . THR A 1 26  ? 6.460   11.451  11.287  1.00 50.90 ? 5   THR A O   1 
ATOM   5    C CB  . THR A 1 26  ? 6.288   14.245  9.678   1.00 45.35 ? 5   THR A CB  1 
ATOM   6    O OG1 . THR A 1 26  ? 6.120   13.361  8.560   1.00 52.52 ? 5   THR A OG1 1 
ATOM   7    C CG2 . THR A 1 26  ? 7.778   14.444  9.934   1.00 53.31 ? 5   THR A CG2 1 
ATOM   8    N N   . LYS A 1 27  ? 4.346   11.602  10.523  1.00 34.32 ? 6   LYS A N   1 
ATOM   9    C CA  . LYS A 1 27  ? 4.112   10.157  10.515  1.00 39.46 ? 6   LYS A CA  1 
ATOM   10   C C   . LYS A 1 27  ? 4.313   9.594   9.108   1.00 36.01 ? 6   LYS A C   1 
ATOM   11   O O   . LYS A 1 27  ? 4.168   10.317  8.113   1.00 32.49 ? 6   LYS A O   1 
ATOM   12   C CB  . LYS A 1 27  ? 2.696   9.853   11.005  1.00 36.61 ? 6   LYS A CB  1 
ATOM   13   C CG  . LYS A 1 27  ? 2.247   10.754  12.141  1.00 41.33 ? 6   LYS A CG  1 
ATOM   14   C CD  . LYS A 1 27  ? 0.759   10.621  12.394  1.00 42.58 ? 6   LYS A CD  1 
ATOM   15   C CE  . LYS A 1 27  ? 0.199   11.896  13.017  1.00 53.57 ? 6   LYS A CE  1 
ATOM   16   N NZ  . LYS A 1 27  ? 0.724   12.146  14.396  1.00 58.17 ? 6   LYS A NZ  1 
ATOM   17   N N   . SER A 1 28  ? 4.658   8.313   9.013   1.00 30.70 ? 7   SER A N   1 
ATOM   18   C CA  . SER A 1 28  ? 4.942   7.740   7.702   1.00 29.60 ? 7   SER A CA  1 
ATOM   19   C C   . SER A 1 28  ? 4.370   6.335   7.502   1.00 28.27 ? 7   SER A C   1 
ATOM   20   O O   . SER A 1 28  ? 4.335   5.510   8.425   1.00 28.79 ? 7   SER A O   1 
ATOM   21   C CB  . SER A 1 28  ? 6.447   7.735   7.434   1.00 28.57 ? 7   SER A CB  1 
ATOM   22   O OG  . SER A 1 28  ? 7.124   6.969   8.415   1.00 30.88 ? 7   SER A OG  1 
ATOM   23   N N   . VAL A 1 29  ? 3.912   6.074   6.287   1.00 26.80 ? 8   VAL A N   1 
ATOM   24   C CA  . VAL A 1 29  ? 3.416   4.748   5.937   1.00 26.81 ? 8   VAL A CA  1 
ATOM   25   C C   . VAL A 1 29  ? 3.829   4.384   4.524   1.00 27.61 ? 8   VAL A C   1 
ATOM   26   O O   . VAL A 1 29  ? 3.720   5.196   3.593   1.00 26.91 ? 8   VAL A O   1 
ATOM   27   C CB  . VAL A 1 29  ? 1.879   4.654   6.078   1.00 26.87 ? 8   VAL A CB  1 
ATOM   28   C CG1 . VAL A 1 29  ? 1.208   5.748   5.278   1.00 27.40 ? 8   VAL A CG1 1 
ATOM   29   C CG2 . VAL A 1 29  ? 1.387   3.278   5.631   1.00 27.34 ? 8   VAL A CG2 1 
ATOM   30   N N   . LEU A 1 30  ? 4.326   3.160   4.376   1.00 24.75 ? 9   LEU A N   1 
ATOM   31   C CA  . LEU A 1 30  ? 4.679   2.611   3.082   1.00 27.34 ? 9   LEU A CA  1 
ATOM   32   C C   . LEU A 1 30  ? 3.770   1.422   2.796   1.00 26.47 ? 9   LEU A C   1 
ATOM   33   O O   . LEU A 1 30  ? 3.778   0.447   3.548   1.00 26.34 ? 9   LEU A O   1 
ATOM   34   C CB  . LEU A 1 30  ? 6.136   2.126   3.124   1.00 26.10 ? 9   LEU A CB  1 
ATOM   35   C CG  . LEU A 1 30  ? 6.689   1.465   1.868   1.00 27.55 ? 9   LEU A CG  1 
ATOM   36   C CD1 . LEU A 1 30  ? 6.806   2.512   0.757   1.00 25.80 ? 9   LEU A CD1 1 
ATOM   37   C CD2 . LEU A 1 30  ? 8.057   0.840   2.181   1.00 23.94 ? 9   LEU A CD2 1 
ATOM   38   N N   . PHE A 1 31  ? 2.987   1.497   1.724   1.00 22.62 ? 10  PHE A N   1 
ATOM   39   C CA  . PHE A 1 31  ? 2.182   0.358   1.279   1.00 26.36 ? 10  PHE A CA  1 
ATOM   40   C C   . PHE A 1 31  ? 2.980   -0.525  0.327   1.00 25.11 ? 10  PHE A C   1 
ATOM   41   O O   . PHE A 1 31  ? 3.659   -0.031  -0.573  1.00 24.56 ? 10  PHE A O   1 
ATOM   42   C CB  . PHE A 1 31  ? 0.870   0.827   0.617   1.00 23.53 ? 10  PHE A CB  1 
ATOM   43   C CG  . PHE A 1 31  ? 0.049   1.737   1.498   1.00 24.49 ? 10  PHE A CG  1 
ATOM   44   C CD1 . PHE A 1 31  ? -0.880  1.211   2.381   1.00 25.38 ? 10  PHE A CD1 1 
ATOM   45   C CD2 . PHE A 1 31  ? 0.227   3.105   1.457   1.00 23.54 ? 10  PHE A CD2 1 
ATOM   46   C CE1 . PHE A 1 31  ? -1.628  2.043   3.196   1.00 25.84 ? 10  PHE A CE1 1 
ATOM   47   C CE2 . PHE A 1 31  ? -0.513  3.948   2.273   1.00 27.13 ? 10  PHE A CE2 1 
ATOM   48   C CZ  . PHE A 1 31  ? -1.441  3.414   3.149   1.00 25.02 ? 10  PHE A CZ  1 
ATOM   49   N N   . VAL A 1 32  ? 2.901   -1.837  0.529   1.00 23.68 ? 11  VAL A N   1 
ATOM   50   C CA  . VAL A 1 32  ? 3.754   -2.755  -0.211  1.00 24.38 ? 11  VAL A CA  1 
ATOM   51   C C   . VAL A 1 32  ? 2.975   -3.917  -0.822  1.00 28.25 ? 11  VAL A C   1 
ATOM   52   O O   . VAL A 1 32  ? 2.094   -4.504  -0.179  1.00 24.57 ? 11  VAL A O   1 
ATOM   53   C CB  . VAL A 1 32  ? 4.884   -3.313  0.681   1.00 25.07 ? 11  VAL A CB  1 
ATOM   54   C CG1 . VAL A 1 32  ? 5.677   -4.386  -0.069  1.00 22.12 ? 11  VAL A CG1 1 
ATOM   55   C CG2 . VAL A 1 32  ? 5.806   -2.181  1.164   1.00 23.74 ? 11  VAL A CG2 1 
ATOM   56   N N   . CYS A 1 33  ? 3.293   -4.229  -2.075  1.00 23.08 ? 12  CYS A N   1 
ATOM   57   C CA  . CYS A 1 33  ? 2.800   -5.442  -2.708  1.00 28.21 ? 12  CYS A CA  1 
ATOM   58   C C   . CYS A 1 33  ? 3.964   -6.070  -3.483  1.00 26.44 ? 12  CYS A C   1 
ATOM   59   O O   . CYS A 1 33  ? 5.100   -5.622  -3.352  1.00 23.19 ? 12  CYS A O   1 
ATOM   60   C CB  . CYS A 1 33  ? 1.559   -5.187  -3.593  1.00 26.37 ? 12  CYS A CB  1 
ATOM   61   S SG  . CYS A 1 33  ? 1.763   -4.052  -4.994  1.00 25.97 ? 12  CYS A SG  1 
ATOM   62   N N   . LEU A 1 34  ? 3.692   -7.093  -4.284  1.00 23.39 ? 13  LEU A N   1 
ATOM   63   C CA  . LEU A 1 34  ? 4.785   -7.826  -4.915  1.00 25.88 ? 13  LEU A CA  1 
ATOM   64   C C   . LEU A 1 34  ? 5.479   -7.009  -6.005  1.00 26.76 ? 13  LEU A C   1 
ATOM   65   O O   . LEU A 1 34  ? 6.714   -7.000  -6.111  1.00 28.24 ? 13  LEU A O   1 
ATOM   66   C CB  . LEU A 1 34  ? 4.271   -9.150  -5.476  1.00 27.27 ? 13  LEU A CB  1 
ATOM   67   C CG  . LEU A 1 34  ? 5.191   -9.852  -6.475  1.00 30.59 ? 13  LEU A CG  1 
ATOM   68   C CD1 . LEU A 1 34  ? 6.448   -10.308 -5.785  1.00 33.44 ? 13  LEU A CD1 1 
ATOM   69   C CD2 . LEU A 1 34  ? 4.464   -11.022 -7.098  1.00 37.03 ? 13  LEU A CD2 1 
ATOM   70   N N   . GLY A 1 35  ? 4.682   -6.307  -6.804  1.00 27.02 ? 14  GLY A N   1 
ATOM   71   C CA  . GLY A 1 35  ? 5.213   -5.576  -7.940  1.00 26.28 ? 14  GLY A CA  1 
ATOM   72   C C   . GLY A 1 35  ? 5.063   -4.064  -7.891  1.00 26.86 ? 14  GLY A C   1 
ATOM   73   O O   . GLY A 1 35  ? 5.706   -3.371  -8.672  1.00 24.37 ? 14  GLY A O   1 
ATOM   74   N N   . ASN A 1 36  ? 4.216   -3.555  -6.995  1.00 23.70 ? 15  ASN A N   1 
ATOM   75   C CA  . ASN A 1 36  ? 4.009   -2.111  -6.867  1.00 24.70 ? 15  ASN A CA  1 
ATOM   76   C C   . ASN A 1 36  ? 3.392   -1.537  -8.153  1.00 24.95 ? 15  ASN A C   1 
ATOM   77   O O   . ASN A 1 36  ? 3.681   -0.390  -8.519  1.00 25.73 ? 15  ASN A O   1 
ATOM   78   C CB  . ASN A 1 36  ? 5.341   -1.403  -6.488  1.00 24.86 ? 15  ASN A CB  1 
ATOM   79   C CG  . ASN A 1 36  ? 5.167   0.065   -6.087  1.00 26.60 ? 15  ASN A CG  1 
ATOM   80   O OD1 . ASN A 1 36  ? 6.031   0.906   -6.356  1.00 23.96 ? 15  ASN A OD1 1 
ATOM   81   N ND2 . ASN A 1 36  ? 4.062   0.372   -5.427  1.00 25.52 ? 15  ASN A ND2 1 
ATOM   82   N N   . ILE A 1 37  ? 2.560   -2.332  -8.842  1.00 24.65 ? 16  ILE A N   1 
ATOM   83   C CA  . ILE A 1 37  ? 1.741   -1.797  -9.949  1.00 24.84 ? 16  ILE A CA  1 
ATOM   84   C C   . ILE A 1 37  ? 0.221   -1.930  -9.777  1.00 26.90 ? 16  ILE A C   1 
ATOM   85   O O   . ILE A 1 37  ? -0.524  -1.061  -10.228 1.00 24.82 ? 16  ILE A O   1 
ATOM   86   C CB  . ILE A 1 37  ? 2.162   -2.326  -11.361 1.00 23.92 ? 16  ILE A CB  1 
ATOM   87   C CG1 . ILE A 1 37  ? 1.977   -3.842  -11.484 1.00 24.43 ? 16  ILE A CG1 1 
ATOM   88   C CG2 . ILE A 1 37  ? 3.597   -1.877  -11.697 1.00 22.39 ? 16  ILE A CG2 1 
ATOM   89   C CD1 . ILE A 1 37  ? 2.078   -4.352  -12.936 1.00 29.32 ? 16  ILE A CD1 1 
ATOM   90   N N   . CYS A 1 38  ? -0.246  -2.991  -9.122  1.00 25.37 ? 17  CYS A N   1 
ATOM   91   C CA  . CYS A 1 38  ? -1.694  -3.214  -9.013  1.00 27.73 ? 17  CYS A CA  1 
ATOM   92   C C   . CYS A 1 38  ? -2.336  -2.782  -7.696  1.00 28.68 ? 17  CYS A C   1 
ATOM   93   O O   . CYS A 1 38  ? -3.379  -2.126  -7.703  1.00 35.38 ? 17  CYS A O   1 
ATOM   94   C CB  . CYS A 1 38  ? -2.045  -4.684  -9.265  1.00 27.72 ? 17  CYS A CB  1 
ATOM   95   S SG  . CYS A 1 38  ? -1.678  -5.292  -10.917 1.00 26.95 ? 17  CYS A SG  1 
ATOM   96   N N   . ARG A 1 39  ? -1.745  -3.174  -6.572  1.00 26.94 ? 18  ARG A N   1 
ATOM   97   C CA  . ARG A 1 39  ? -2.393  -2.980  -5.264  1.00 27.24 ? 18  ARG A CA  1 
ATOM   98   C C   . ARG A 1 39  ? -1.865  -1.809  -4.444  1.00 27.16 ? 18  ARG A C   1 
ATOM   99   O O   . ARG A 1 39  ? -2.637  -0.931  -4.038  1.00 25.97 ? 18  ARG A O   1 
ATOM   100  C CB  . ARG A 1 39  ? -2.332  -4.266  -4.433  1.00 24.75 ? 18  ARG A CB  1 
ATOM   101  C CG  . ARG A 1 39  ? -3.193  -5.390  -5.023  1.00 22.25 ? 18  ARG A CG  1 
ATOM   102  C CD  . ARG A 1 39  ? -2.841  -6.739  -4.428  1.00 23.70 ? 18  ARG A CD  1 
ATOM   103  N NE  . ARG A 1 39  ? -1.526  -7.211  -4.873  1.00 25.12 ? 18  ARG A NE  1 
ATOM   104  C CZ  . ARG A 1 39  ? -0.917  -8.285  -4.371  1.00 27.32 ? 18  ARG A CZ  1 
ATOM   105  N NH1 . ARG A 1 39  ? -1.508  -8.986  -3.405  1.00 25.56 ? 18  ARG A NH1 1 
ATOM   106  N NH2 . ARG A 1 39  ? 0.280   -8.652  -4.819  1.00 25.84 ? 18  ARG A NH2 1 
ATOM   107  N N   . SER A 1 40  ? -0.563  -1.803  -4.173  1.00 24.01 ? 19  SER A N   1 
ATOM   108  C CA  . SER A 1 40  ? -0.010  -0.768  -3.302  1.00 24.39 ? 19  SER A CA  1 
ATOM   109  C C   . SER A 1 40  ? -0.111  0.667   -3.844  1.00 23.63 ? 19  SER A C   1 
ATOM   110  O O   . SER A 1 40  ? -0.276  1.600   -3.054  1.00 22.01 ? 19  SER A O   1 
ATOM   111  C CB  . SER A 1 40  ? 1.409   -1.108  -2.817  1.00 26.24 ? 19  SER A CB  1 
ATOM   112  O OG  . SER A 1 40  ? 2.322   -1.289  -3.882  1.00 24.53 ? 19  SER A OG  1 
ATOM   113  N N   . PRO A 1 41  ? -0.046  0.861   -5.181  1.00 23.75 ? 20  PRO A N   1 
ATOM   114  C CA  . PRO A 1 41  ? -0.252  2.249   -5.642  1.00 23.49 ? 20  PRO A CA  1 
ATOM   115  C C   . PRO A 1 41  ? -1.684  2.740   -5.391  1.00 23.45 ? 20  PRO A C   1 
ATOM   116  O O   . PRO A 1 41  ? -1.927  3.939   -5.187  1.00 24.63 ? 20  PRO A O   1 
ATOM   117  C CB  . PRO A 1 41  ? 0.046   2.173   -7.151  1.00 25.50 ? 20  PRO A CB  1 
ATOM   118  C CG  . PRO A 1 41  ? 0.930   0.930   -7.298  1.00 25.37 ? 20  PRO A CG  1 
ATOM   119  C CD  . PRO A 1 41  ? 0.327   -0.030  -6.293  1.00 25.78 ? 20  PRO A CD  1 
ATOM   120  N N   . ILE A 1 42  ? -2.630  1.814   -5.380  1.00 24.34 ? 21  ILE A N   1 
ATOM   121  C CA  . ILE A 1 42  ? -4.001  2.192   -5.070  1.00 24.71 ? 21  ILE A CA  1 
ATOM   122  C C   . ILE A 1 42  ? -4.149  2.530   -3.588  1.00 26.16 ? 21  ILE A C   1 
ATOM   123  O O   . ILE A 1 42  ? -4.802  3.512   -3.229  1.00 26.86 ? 21  ILE A O   1 
ATOM   124  C CB  . ILE A 1 42  ? -4.990  1.094   -5.482  1.00 24.98 ? 21  ILE A CB  1 
ATOM   125  C CG1 . ILE A 1 42  ? -5.163  1.114   -7.003  1.00 27.17 ? 21  ILE A CG1 1 
ATOM   126  C CG2 . ILE A 1 42  ? -6.333  1.300   -4.786  1.00 25.14 ? 21  ILE A CG2 1 
ATOM   127  C CD1 . ILE A 1 42  ? -5.935  -0.089  -7.546  1.00 32.42 ? 21  ILE A CD1 1 
ATOM   128  N N   . ALA A 1 43  ? -3.551  1.712   -2.727  1.00 24.03 ? 22  ALA A N   1 
ATOM   129  C CA  . ALA A 1 43  ? -3.590  1.992   -1.291  1.00 25.52 ? 22  ALA A CA  1 
ATOM   130  C C   . ALA A 1 43  ? -2.954  3.350   -1.009  1.00 24.84 ? 22  ALA A C   1 
ATOM   131  O O   . ALA A 1 43  ? -3.489  4.168   -0.261  1.00 26.12 ? 22  ALA A O   1 
ATOM   132  C CB  . ALA A 1 43  ? -2.876  0.900   -0.518  1.00 22.74 ? 22  ALA A CB  1 
ATOM   133  N N   . GLU A 1 44  ? -1.808  3.599   -1.619  1.00 23.37 ? 23  GLU A N   1 
ATOM   134  C CA  . GLU A 1 44  ? -1.101  4.851   -1.388  1.00 24.32 ? 23  GLU A CA  1 
ATOM   135  C C   . GLU A 1 44  ? -1.972  6.040   -1.782  1.00 26.22 ? 23  GLU A C   1 
ATOM   136  O O   . GLU A 1 44  ? -2.050  7.045   -1.058  1.00 27.34 ? 23  GLU A O   1 
ATOM   137  C CB  . GLU A 1 44  ? 0.198   4.883   -2.204  1.00 26.06 ? 23  GLU A CB  1 
ATOM   138  C CG  . GLU A 1 44  ? 0.931   6.225   -2.124  1.00 26.46 ? 23  GLU A CG  1 
ATOM   139  C CD  . GLU A 1 44  ? 1.978   6.400   -3.212  1.00 30.19 ? 23  GLU A CD  1 
ATOM   140  O OE1 . GLU A 1 44  ? 2.219   5.435   -3.975  1.00 27.17 ? 23  GLU A OE1 1 
ATOM   141  O OE2 . GLU A 1 44  ? 2.546   7.515   -3.313  1.00 27.80 ? 23  GLU A OE2 1 
ATOM   142  N N   . ALA A 1 45  ? -2.610  5.925   -2.940  1.00 23.68 ? 24  ALA A N   1 
ATOM   143  C CA  . ALA A 1 45  ? -3.358  7.022   -3.522  1.00 25.25 ? 24  ALA A CA  1 
ATOM   144  C C   . ALA A 1 45  ? -4.615  7.267   -2.701  1.00 27.88 ? 24  ALA A C   1 
ATOM   145  O O   . ALA A 1 45  ? -4.982  8.411   -2.445  1.00 26.77 ? 24  ALA A O   1 
ATOM   146  C CB  . ALA A 1 45  ? -3.717  6.719   -4.978  1.00 26.55 ? 24  ALA A CB  1 
ATOM   147  N N   . VAL A 1 46  ? -5.272  6.182   -2.299  1.00 25.94 ? 25  VAL A N   1 
ATOM   148  C CA  . VAL A 1 46  ? -6.427  6.279   -1.408  1.00 27.67 ? 25  VAL A CA  1 
ATOM   149  C C   . VAL A 1 46  ? -6.048  6.941   -0.075  1.00 29.24 ? 25  VAL A C   1 
ATOM   150  O O   . VAL A 1 46  ? -6.719  7.882   0.379   1.00 28.34 ? 25  VAL A O   1 
ATOM   151  C CB  . VAL A 1 46  ? -7.052  4.903   -1.132  1.00 24.33 ? 25  VAL A CB  1 
ATOM   152  C CG1 . VAL A 1 46  ? -8.165  5.022   -0.093  1.00 25.55 ? 25  VAL A CG1 1 
ATOM   153  C CG2 . VAL A 1 46  ? -7.604  4.280   -2.429  1.00 25.67 ? 25  VAL A CG2 1 
ATOM   154  N N   . PHE A 1 47  ? -4.985  6.455   0.563   1.00 25.28 ? 26  PHE A N   1 
ATOM   155  C CA  . PHE A 1 47  ? -4.552  7.049   1.826   1.00 26.14 ? 26  PHE A CA  1 
ATOM   156  C C   . PHE A 1 47  ? -4.174  8.528   1.687   1.00 29.10 ? 26  PHE A C   1 
ATOM   157  O O   . PHE A 1 47  ? -4.557  9.350   2.535   1.00 26.88 ? 26  PHE A O   1 
ATOM   158  C CB  . PHE A 1 47  ? -3.388  6.288   2.453   1.00 24.09 ? 26  PHE A CB  1 
ATOM   159  C CG  . PHE A 1 47  ? -3.010  6.791   3.812   1.00 28.79 ? 26  PHE A CG  1 
ATOM   160  C CD1 . PHE A 1 47  ? -3.709  6.380   4.939   1.00 27.52 ? 26  PHE A CD1 1 
ATOM   161  C CD2 . PHE A 1 47  ? -1.960  7.689   3.970   1.00 28.98 ? 26  PHE A CD2 1 
ATOM   162  C CE1 . PHE A 1 47  ? -3.364  6.854   6.207   1.00 28.73 ? 26  PHE A CE1 1 
ATOM   163  C CE2 . PHE A 1 47  ? -1.611  8.159   5.229   1.00 28.43 ? 26  PHE A CE2 1 
ATOM   164  C CZ  . PHE A 1 47  ? -2.318  7.735   6.349   1.00 28.52 ? 26  PHE A CZ  1 
ATOM   165  N N   . ARG A 1 48  ? -3.417  8.870   0.643   1.00 25.75 ? 27  ARG A N   1 
ATOM   166  C CA  . ARG A 1 48  ? -3.023  10.277  0.458   1.00 26.74 ? 27  ARG A CA  1 
ATOM   167  C C   . ARG A 1 48  ? -4.250  11.183  0.306   1.00 27.55 ? 27  ARG A C   1 
ATOM   168  O O   . ARG A 1 48  ? -4.282  12.290  0.839   1.00 27.94 ? 27  ARG A O   1 
ATOM   169  C CB  . ARG A 1 48  ? -2.083  10.459  -0.733  1.00 27.33 ? 27  ARG A CB  1 
ATOM   170  C CG  . ARG A 1 48  ? -1.676  11.921  -0.937  1.00 30.49 ? 27  ARG A CG  1 
ATOM   171  C CD  . ARG A 1 48  ? -0.624  12.079  -2.029  1.00 30.61 ? 27  ARG A CD  1 
ATOM   172  N NE  . ARG A 1 48  ? 0.661   11.513  -1.628  1.00 30.86 ? 27  ARG A NE  1 
ATOM   173  C CZ  . ARG A 1 48  ? 1.172   10.394  -2.135  1.00 30.69 ? 27  ARG A CZ  1 
ATOM   174  N NH1 . ARG A 1 48  ? 0.509   9.728   -3.070  1.00 32.22 ? 27  ARG A NH1 1 
ATOM   175  N NH2 . ARG A 1 48  ? 2.346   9.953   -1.719  1.00 30.48 ? 27  ARG A NH2 1 
ATOM   176  N N   . LYS A 1 49  ? -5.255  10.713  -0.419  1.00 27.96 ? 28  LYS A N   1 
ATOM   177  C CA  . LYS A 1 49  ? -6.498  11.470  -0.580  1.00 30.54 ? 28  LYS A CA  1 
ATOM   178  C C   . LYS A 1 49  ? -7.219  11.672  0.758   1.00 29.09 ? 28  LYS A C   1 
ATOM   179  O O   . LYS A 1 49  ? -7.711  12.765  1.052   1.00 28.85 ? 28  LYS A O   1 
ATOM   180  C CB  . LYS A 1 49  ? -7.435  10.779  -1.575  1.00 30.57 ? 28  LYS A CB  1 
ATOM   181  C CG  . LYS A 1 49  ? -8.821  11.435  -1.689  1.00 31.38 ? 28  LYS A CG  1 
ATOM   182  C CD  . LYS A 1 49  ? -8.902  12.359  -2.877  1.00 36.92 ? 28  LYS A CD  1 
ATOM   183  C CE  . LYS A 1 49  ? -10.344 12.528  -3.368  1.00 40.83 ? 28  LYS A CE  1 
ATOM   184  N NZ  . LYS A 1 49  ? -11.295 12.725  -2.235  1.00 42.43 ? 28  LYS A NZ  1 
ATOM   185  N N   . LEU A 1 50  ? -7.291  10.614  1.561   1.00 29.08 ? 29  LEU A N   1 
ATOM   186  C CA  . LEU A 1 50  ? -7.902  10.710  2.885   1.00 31.59 ? 29  LEU A CA  1 
ATOM   187  C C   . LEU A 1 50  ? -7.230  11.765  3.767   1.00 32.75 ? 29  LEU A C   1 
ATOM   188  O O   . LEU A 1 50  ? -7.916  12.603  4.359   1.00 32.40 ? 29  LEU A O   1 
ATOM   189  C CB  . LEU A 1 50  ? -7.919  9.350   3.591   1.00 34.32 ? 29  LEU A CB  1 
ATOM   190  C CG  . LEU A 1 50  ? -8.896  8.317   3.020   1.00 38.58 ? 29  LEU A CG  1 
ATOM   191  C CD1 . LEU A 1 50  ? -8.547  6.899   3.492   1.00 37.73 ? 29  LEU A CD1 1 
ATOM   192  C CD2 . LEU A 1 50  ? -10.346 8.672   3.375   1.00 40.83 ? 29  LEU A CD2 1 
ATOM   193  N N   . VAL A 1 51  ? -5.898  11.733  3.861   1.00 29.64 ? 30  VAL A N   1 
ATOM   194  C CA  . VAL A 1 51  ? -5.206  12.720  4.687   1.00 31.52 ? 30  VAL A CA  1 
ATOM   195  C C   . VAL A 1 51  ? -5.317  14.121  4.083   1.00 33.35 ? 30  VAL A C   1 
ATOM   196  O O   . VAL A 1 51  ? -5.439  15.109  4.812   1.00 31.35 ? 30  VAL A O   1 
ATOM   197  C CB  . VAL A 1 51  ? -3.717  12.348  4.991   1.00 30.28 ? 30  VAL A CB  1 
ATOM   198  C CG1 . VAL A 1 51  ? -3.633  11.039  5.769   1.00 27.50 ? 30  VAL A CG1 1 
ATOM   199  C CG2 . VAL A 1 51  ? -2.889  12.265  3.707   1.00 28.37 ? 30  VAL A CG2 1 
ATOM   200  N N   . THR A 1 52  ? -5.289  14.213  2.756   1.00 31.43 ? 31  THR A N   1 
ATOM   201  C CA  . THR A 1 52  ? -5.398  15.514  2.102   1.00 31.61 ? 31  THR A CA  1 
ATOM   202  C C   . THR A 1 52  ? -6.767  16.141  2.389   1.00 32.70 ? 31  THR A C   1 
ATOM   203  O O   . THR A 1 52  ? -6.868  17.320  2.757   1.00 35.02 ? 31  THR A O   1 
ATOM   204  C CB  . THR A 1 52  ? -5.173  15.412  0.589   1.00 31.75 ? 31  THR A CB  1 
ATOM   205  O OG1 . THR A 1 52  ? -3.820  15.005  0.339   1.00 30.40 ? 31  THR A OG1 1 
ATOM   206  C CG2 . THR A 1 52  ? -5.397  16.771  -0.063  1.00 34.52 ? 31  THR A CG2 1 
ATOM   207  N N   . ASP A 1 53  ? -7.809  15.334  2.250   1.00 31.69 ? 32  ASP A N   1 
ATOM   208  C CA  . ASP A 1 53  ? -9.175  15.746  2.572   1.00 34.51 ? 32  ASP A CA  1 
ATOM   209  C C   . ASP A 1 53  ? -9.319  16.204  4.025   1.00 33.43 ? 32  ASP A C   1 
ATOM   210  O O   . ASP A 1 53  ? -10.237 16.962  4.364   1.00 33.14 ? 32  ASP A O   1 
ATOM   211  C CB  . ASP A 1 53  ? -10.147 14.588  2.339   1.00 34.58 ? 32  ASP A CB  1 
ATOM   212  C CG  . ASP A 1 53  ? -10.429 14.337  0.865   1.00 36.29 ? 32  ASP A CG  1 
ATOM   213  O OD1 . ASP A 1 53  ? -9.993  15.142  0.013   1.00 40.26 ? 32  ASP A OD1 1 
ATOM   214  O OD2 . ASP A 1 53  ? -11.106 13.338  0.566   1.00 39.29 ? 32  ASP A OD2 1 
ATOM   215  N N   . GLN A 1 54  ? -8.438  15.723  4.895   1.00 30.25 ? 33  GLN A N   1 
ATOM   216  C CA  . GLN A 1 54  ? -8.534  16.086  6.303   1.00 36.27 ? 33  GLN A CA  1 
ATOM   217  C C   . GLN A 1 54  ? -7.496  17.128  6.712   1.00 32.47 ? 33  GLN A C   1 
ATOM   218  O O   . GLN A 1 54  ? -7.210  17.299  7.890   1.00 33.75 ? 33  GLN A O   1 
ATOM   219  C CB  . GLN A 1 54  ? -8.471  14.844  7.192   1.00 35.01 ? 33  GLN A CB  1 
ATOM   220  C CG  . GLN A 1 54  ? -9.672  13.960  7.015   1.00 39.96 ? 33  GLN A CG  1 
ATOM   221  C CD  . GLN A 1 54  ? -9.735  12.849  8.030   1.00 44.51 ? 33  GLN A CD  1 
ATOM   222  O OE1 . GLN A 1 54  ? -9.008  12.852  9.021   1.00 43.74 ? 33  GLN A OE1 1 
ATOM   223  N NE2 . GLN A 1 54  ? -10.610 11.882  7.788   1.00 52.93 ? 33  GLN A NE2 1 
ATOM   224  N N   . ASN A 1 55  ? -6.948  17.822  5.719   1.00 32.08 ? 34  ASN A N   1 
ATOM   225  C CA  . ASN A 1 55  ? -6.033  18.932  5.941   1.00 33.04 ? 34  ASN A CA  1 
ATOM   226  C C   . ASN A 1 55  ? -4.705  18.537  6.579   1.00 34.59 ? 34  ASN A C   1 
ATOM   227  O O   . ASN A 1 55  ? -3.955  19.401  7.034   1.00 36.12 ? 34  ASN A O   1 
ATOM   228  C CB  . ASN A 1 55  ? -6.716  20.000  6.814   1.00 32.71 ? 34  ASN A CB  1 
ATOM   229  C CG  . ASN A 1 55  ? -8.023  20.481  6.226   1.00 34.77 ? 34  ASN A CG  1 
ATOM   230  O OD1 . ASN A 1 55  ? -8.170  20.581  5.000   1.00 31.78 ? 34  ASN A OD1 1 
ATOM   231  N ND2 . ASN A 1 55  ? -8.987  20.792  7.094   1.00 29.79 ? 34  ASN A ND2 1 
ATOM   232  N N   . ILE A 1 56  ? -4.414  17.244  6.624   1.00 33.23 ? 35  ILE A N   1 
ATOM   233  C CA  . ILE A 1 56  ? -3.222  16.769  7.319   1.00 36.83 ? 35  ILE A CA  1 
ATOM   234  C C   . ILE A 1 56  ? -2.202  16.030  6.432   1.00 34.74 ? 35  ILE A C   1 
ATOM   235  O O   . ILE A 1 56  ? -1.343  15.304  6.938   1.00 32.86 ? 35  ILE A O   1 
ATOM   236  C CB  . ILE A 1 56  ? -3.602  15.892  8.524   1.00 36.33 ? 35  ILE A CB  1 
ATOM   237  C CG1 . ILE A 1 56  ? -4.439  14.704  8.060   1.00 35.55 ? 35  ILE A CG1 1 
ATOM   238  C CG2 . ILE A 1 56  ? -4.372  16.719  9.556   1.00 35.10 ? 35  ILE A CG2 1 
ATOM   239  C CD1 . ILE A 1 56  ? -4.550  13.593  9.066   1.00 40.27 ? 35  ILE A CD1 1 
ATOM   240  N N   . SER A 1 57  ? -2.271  16.241  5.121   1.00 31.93 ? 36  SER A N   1 
ATOM   241  C CA  . SER A 1 57  ? -1.302  15.629  4.219   1.00 35.62 ? 36  SER A CA  1 
ATOM   242  C C   . SER A 1 57  ? 0.118   16.041  4.590   1.00 37.51 ? 36  SER A C   1 
ATOM   243  O O   . SER A 1 57  ? 1.053   15.266  4.415   1.00 35.68 ? 36  SER A O   1 
ATOM   244  C CB  . SER A 1 57  ? -1.588  15.998  2.758   1.00 35.18 ? 36  SER A CB  1 
ATOM   245  O OG  . SER A 1 57  ? -1.376  17.381  2.529   1.00 40.92 ? 36  SER A OG  1 
ATOM   246  N N   . GLU A 1 58  ? 0.276   17.262  5.096   1.00 38.54 ? 37  GLU A N   1 
ATOM   247  C CA  . GLU A 1 58  ? 1.594   17.759  5.495   1.00 41.02 ? 37  GLU A CA  1 
ATOM   248  C C   . GLU A 1 58  ? 2.191   16.989  6.670   1.00 37.07 ? 37  GLU A C   1 
ATOM   249  O O   . GLU A 1 58  ? 3.403   16.999  6.860   1.00 36.18 ? 37  GLU A O   1 
ATOM   250  C CB  . GLU A 1 58  ? 1.544   19.252  5.837   1.00 46.12 ? 37  GLU A CB  1 
ATOM   251  C CG  . GLU A 1 58  ? 1.694   20.194  4.648   1.00 50.81 ? 37  GLU A CG  1 
ATOM   252  C CD  . GLU A 1 58  ? 1.772   21.665  5.080   1.00 69.54 ? 37  GLU A CD  1 
ATOM   253  O OE1 . GLU A 1 58  ? 2.308   22.495  4.307   1.00 71.60 ? 37  GLU A OE1 1 
ATOM   254  O OE2 . GLU A 1 58  ? 1.302   21.989  6.201   1.00 66.92 ? 37  GLU A OE2 1 
ATOM   255  N N   . ASN A 1 59  ? 1.343   16.337  7.459   1.00 36.39 ? 38  ASN A N   1 
ATOM   256  C CA  . ASN A 1 59  ? 1.806   15.586  8.621   1.00 37.06 ? 38  ASN A CA  1 
ATOM   257  C C   . ASN A 1 59  ? 2.239   14.174  8.262   1.00 36.45 ? 38  ASN A C   1 
ATOM   258  O O   . ASN A 1 59  ? 2.729   13.433  9.120   1.00 34.25 ? 38  ASN A O   1 
ATOM   259  C CB  . ASN A 1 59  ? 0.701   15.492  9.676   1.00 40.19 ? 38  ASN A CB  1 
ATOM   260  C CG  . ASN A 1 59  ? 0.239   16.850  10.172  1.00 44.05 ? 38  ASN A CG  1 
ATOM   261  O OD1 . ASN A 1 59  ? 0.909   17.861  9.966   1.00 49.75 ? 38  ASN A OD1 1 
ATOM   262  N ND2 . ASN A 1 59  ? -0.903  16.872  10.854  1.00 42.89 ? 38  ASN A ND2 1 
ATOM   263  N N   . TRP A 1 60  ? 2.029   13.793  7.004   1.00 33.58 ? 39  TRP A N   1 
ATOM   264  C CA  . TRP A 1 60  ? 2.218   12.403  6.591   1.00 34.32 ? 39  TRP A CA  1 
ATOM   265  C C   . TRP A 1 60  ? 3.156   12.233  5.414   1.00 32.08 ? 39  TRP A C   1 
ATOM   266  O O   . TRP A 1 60  ? 3.035   12.918  4.406   1.00 31.20 ? 39  TRP A O   1 
ATOM   267  C CB  . TRP A 1 60  ? 0.883   11.767  6.215   1.00 35.29 ? 39  TRP A CB  1 
ATOM   268  C CG  . TRP A 1 60  ? 0.102   11.266  7.370   1.00 32.52 ? 39  TRP A CG  1 
ATOM   269  C CD1 . TRP A 1 60  ? -0.862  11.944  8.066   1.00 33.10 ? 39  TRP A CD1 1 
ATOM   270  C CD2 . TRP A 1 60  ? 0.205   9.972   7.974   1.00 30.54 ? 39  TRP A CD2 1 
ATOM   271  N NE1 . TRP A 1 60  ? -1.362  11.148  9.070   1.00 35.57 ? 39  TRP A NE1 1 
ATOM   272  C CE2 . TRP A 1 60  ? -0.729  9.933   9.031   1.00 33.53 ? 39  TRP A CE2 1 
ATOM   273  C CE3 . TRP A 1 60  ? 0.990   8.842   7.720   1.00 32.03 ? 39  TRP A CE3 1 
ATOM   274  C CZ2 . TRP A 1 60  ? -0.891  8.806   9.838   1.00 31.95 ? 39  TRP A CZ2 1 
ATOM   275  C CZ3 . TRP A 1 60  ? 0.829   7.726   8.519   1.00 30.45 ? 39  TRP A CZ3 1 
ATOM   276  C CH2 . TRP A 1 60  ? -0.108  7.714   9.569   1.00 34.38 ? 39  TRP A CH2 1 
ATOM   277  N N   . ARG A 1 61  ? 4.090   11.303  5.549   1.00 30.85 ? 40  ARG A N   1 
ATOM   278  C CA  . ARG A 1 61  ? 4.865   10.830  4.412   1.00 32.33 ? 40  ARG A CA  1 
ATOM   279  C C   . ARG A 1 61  ? 4.220   9.522   3.929   1.00 27.80 ? 40  ARG A C   1 
ATOM   280  O O   . ARG A 1 61  ? 4.116   8.564   4.694   1.00 26.75 ? 40  ARG A O   1 
ATOM   281  C CB  . ARG A 1 61  ? 6.322   10.606  4.825   1.00 31.35 ? 40  ARG A CB  1 
ATOM   282  C CG  . ARG A 1 61  ? 7.190   10.007  3.725   1.00 34.99 ? 40  ARG A CG  1 
ATOM   283  C CD  . ARG A 1 61  ? 8.496   9.467   4.325   1.00 39.84 ? 40  ARG A CD  1 
ATOM   284  N NE  . ARG A 1 61  ? 9.367   8.866   3.316   1.00 35.44 ? 40  ARG A NE  1 
ATOM   285  C CZ  . ARG A 1 61  ? 10.279  7.940   3.585   1.00 36.76 ? 40  ARG A CZ  1 
ATOM   286  N NH1 . ARG A 1 61  ? 10.427  7.486   4.831   1.00 35.78 ? 40  ARG A NH1 1 
ATOM   287  N NH2 . ARG A 1 61  ? 11.031  7.452   2.607   1.00 37.83 ? 40  ARG A NH2 1 
ATOM   288  N N   . VAL A 1 62  ? 3.757   9.507   2.681   1.00 25.30 ? 41  VAL A N   1 
ATOM   289  C CA  . VAL A 1 62  ? 3.028   8.365   2.113   1.00 29.55 ? 41  VAL A CA  1 
ATOM   290  C C   . VAL A 1 62  ? 3.748   7.853   0.868   1.00 27.50 ? 41  VAL A C   1 
ATOM   291  O O   . VAL A 1 62  ? 4.134   8.650   0.006   1.00 26.77 ? 41  VAL A O   1 
ATOM   292  C CB  . VAL A 1 62  ? 1.579   8.766   1.725   1.00 27.79 ? 41  VAL A CB  1 
ATOM   293  C CG1 . VAL A 1 62  ? 0.724   7.525   1.410   1.00 25.78 ? 41  VAL A CG1 1 
ATOM   294  C CG2 . VAL A 1 62  ? 0.945   9.583   2.849   1.00 30.00 ? 41  VAL A CG2 1 
ATOM   295  N N   . ASP A 1 63  ? 3.928   6.533   0.768   1.00 26.57 ? 42  ASP A N   1 
ATOM   296  C CA  . ASP A 1 63  ? 4.627   5.951   -0.372  1.00 26.15 ? 42  ASP A CA  1 
ATOM   297  C C   . ASP A 1 63  ? 4.173   4.515   -0.615  1.00 27.77 ? 42  ASP A C   1 
ATOM   298  O O   . ASP A 1 63  ? 3.466   3.924   0.205   1.00 27.36 ? 42  ASP A O   1 
ATOM   299  C CB  . ASP A 1 63  ? 6.153   6.002   -0.137  1.00 27.02 ? 42  ASP A CB  1 
ATOM   300  C CG  . ASP A 1 63  ? 6.970   5.940   -1.443  1.00 30.98 ? 42  ASP A CG  1 
ATOM   301  O OD1 . ASP A 1 63  ? 6.403   6.103   -2.549  1.00 27.32 ? 42  ASP A OD1 1 
ATOM   302  O OD2 . ASP A 1 63  ? 8.200   5.729   -1.353  1.00 29.49 ? 42  ASP A OD2 1 
ATOM   303  N N   . SER A 1 64  ? 4.560   3.959   -1.760  1.00 23.78 ? 43  SER A N   1 
ATOM   304  C CA  . SER A 1 64  ? 4.359   2.536   -2.005  1.00 23.42 ? 43  SER A CA  1 
ATOM   305  C C   . SER A 1 64  ? 5.596   1.946   -2.677  1.00 27.29 ? 43  SER A C   1 
ATOM   306  O O   . SER A 1 64  ? 6.357   2.663   -3.332  1.00 23.47 ? 43  SER A O   1 
ATOM   307  C CB  . SER A 1 64  ? 3.079   2.256   -2.800  1.00 25.79 ? 43  SER A CB  1 
ATOM   308  O OG  . SER A 1 64  ? 3.071   2.878   -4.080  1.00 27.07 ? 43  SER A OG  1 
ATOM   309  N N   . ALA A 1 65  ? 5.811   0.650   -2.473  1.00 22.87 ? 44  ALA A N   1 
ATOM   310  C CA  . ALA A 1 65  ? 6.990   -0.013  -3.006  1.00 25.70 ? 44  ALA A CA  1 
ATOM   311  C C   . ALA A 1 65  ? 6.706   -1.500  -3.159  1.00 25.11 ? 44  ALA A C   1 
ATOM   312  O O   . ALA A 1 65  ? 5.717   -2.005  -2.624  1.00 25.99 ? 44  ALA A O   1 
ATOM   313  C CB  . ALA A 1 65  ? 8.193   0.229   -2.083  1.00 25.31 ? 44  ALA A CB  1 
ATOM   314  N N   . ALA A 1 66  ? 7.584   -2.194  -3.876  1.00 23.73 ? 45  ALA A N   1 
ATOM   315  C CA  . ALA A 1 66  ? 7.408   -3.605  -4.209  1.00 23.19 ? 45  ALA A CA  1 
ATOM   316  C C   . ALA A 1 66  ? 8.368   -4.486  -3.413  1.00 24.99 ? 45  ALA A C   1 
ATOM   317  O O   . ALA A 1 66  ? 9.465   -4.061  -3.077  1.00 24.45 ? 45  ALA A O   1 
ATOM   318  C CB  . ALA A 1 66  ? 7.661   -3.810  -5.701  1.00 25.99 ? 45  ALA A CB  1 
ATOM   319  N N   . THR A 1 67  ? 7.972   -5.722  -3.122  1.00 27.07 ? 46  THR A N   1 
ATOM   320  C CA  . THR A 1 67  ? 8.934   -6.663  -2.563  1.00 27.63 ? 46  THR A CA  1 
ATOM   321  C C   . THR A 1 67  ? 9.942   -7.081  -3.640  1.00 28.42 ? 46  THR A C   1 
ATOM   322  O O   . THR A 1 67  ? 11.096  -7.375  -3.343  1.00 27.84 ? 46  THR A O   1 
ATOM   323  C CB  . THR A 1 67  ? 8.243   -7.918  -1.957  1.00 30.27 ? 46  THR A CB  1 
ATOM   324  O OG1 . THR A 1 67  ? 7.499   -8.609  -2.973  1.00 27.90 ? 46  THR A OG1 1 
ATOM   325  C CG2 . THR A 1 67  ? 7.313   -7.524  -0.796  1.00 26.38 ? 46  THR A CG2 1 
ATOM   326  N N   . SER A 1 68  ? 9.498   -7.086  -4.896  1.00 29.70 ? 47  SER A N   1 
ATOM   327  C CA  . SER A 1 68  ? 10.293  -7.591  -6.018  1.00 28.93 ? 47  SER A CA  1 
ATOM   328  C C   . SER A 1 68  ? 10.737  -6.479  -6.965  1.00 28.97 ? 47  SER A C   1 
ATOM   329  O O   . SER A 1 68  ? 10.270  -5.344  -6.873  1.00 28.50 ? 47  SER A O   1 
ATOM   330  C CB  . SER A 1 68  ? 9.471   -8.587  -6.833  1.00 24.89 ? 47  SER A CB  1 
ATOM   331  O OG  . SER A 1 68  ? 8.645   -7.892  -7.764  1.00 29.03 ? 47  SER A OG  1 
ATOM   332  N N   . GLY A 1 69  ? 11.618  -6.820  -7.898  1.00 29.03 ? 48  GLY A N   1 
ATOM   333  C CA  . GLY A 1 69  ? 12.054  -5.872  -8.912  1.00 30.85 ? 48  GLY A CA  1 
ATOM   334  C C   . GLY A 1 69  ? 11.377  -6.061  -10.257 1.00 32.70 ? 48  GLY A C   1 
ATOM   335  O O   . GLY A 1 69  ? 11.845  -5.530  -11.274 1.00 31.70 ? 48  GLY A O   1 
ATOM   336  N N   . TYR A 1 70  ? 10.261  -6.789  -10.272 1.00 26.87 ? 49  TYR A N   1 
ATOM   337  C CA  . TYR A 1 70  ? 9.617   -7.164  -11.537 1.00 27.81 ? 49  TYR A CA  1 
ATOM   338  C C   . TYR A 1 70  ? 9.091   -5.989  -12.364 1.00 30.23 ? 49  TYR A C   1 
ATOM   339  O O   . TYR A 1 70  ? 9.013   -6.070  -13.589 1.00 31.09 ? 49  TYR A O   1 
ATOM   340  C CB  . TYR A 1 70  ? 8.479   -8.166  -11.306 1.00 26.59 ? 49  TYR A CB  1 
ATOM   341  C CG  . TYR A 1 70  ? 8.917   -9.613  -11.304 1.00 28.12 ? 49  TYR A CG  1 
ATOM   342  C CD1 . TYR A 1 70  ? 9.303   -10.240 -12.487 1.00 31.94 ? 49  TYR A CD1 1 
ATOM   343  C CD2 . TYR A 1 70  ? 8.934   -10.363 -10.128 1.00 30.92 ? 49  TYR A CD2 1 
ATOM   344  C CE1 . TYR A 1 70  ? 9.699   -11.573 -12.506 1.00 29.52 ? 49  TYR A CE1 1 
ATOM   345  C CE2 . TYR A 1 70  ? 9.341   -11.709 -10.131 1.00 25.99 ? 49  TYR A CE2 1 
ATOM   346  C CZ  . TYR A 1 70  ? 9.725   -12.298 -11.333 1.00 30.98 ? 49  TYR A CZ  1 
ATOM   347  O OH  . TYR A 1 70  ? 10.127  -13.626 -11.385 1.00 32.41 ? 49  TYR A OH  1 
ATOM   348  N N   . GLU A 1 71  ? 8.715   -4.900  -11.715 1.00 28.70 ? 50  GLU A N   1 
ATOM   349  C CA  . GLU A 1 71  ? 8.035   -3.844  -12.461 1.00 29.01 ? 50  GLU A CA  1 
ATOM   350  C C   . GLU A 1 71  ? 8.681   -2.488  -12.266 1.00 29.98 ? 50  GLU A C   1 
ATOM   351  O O   . GLU A 1 71  ? 8.039   -1.461  -12.469 1.00 28.15 ? 50  GLU A O   1 
ATOM   352  C CB  . GLU A 1 71  ? 6.554   -3.781  -12.061 1.00 26.14 ? 50  GLU A CB  1 
ATOM   353  C CG  . GLU A 1 71  ? 5.729   -5.012  -12.434 1.00 30.55 ? 50  GLU A CG  1 
ATOM   354  C CD  . GLU A 1 71  ? 5.311   -5.038  -13.898 1.00 34.10 ? 50  GLU A CD  1 
ATOM   355  O OE1 . GLU A 1 71  ? 5.377   -3.980  -14.566 1.00 30.90 ? 50  GLU A OE1 1 
ATOM   356  O OE2 . GLU A 1 71  ? 4.898   -6.118  -14.376 1.00 38.27 ? 50  GLU A OE2 1 
ATOM   357  N N   . ILE A 1 72  ? 9.944   -2.480  -11.857 1.00 26.83 ? 51  ILE A N   1 
ATOM   358  C CA  . ILE A 1 72  ? 10.589  -1.226  -11.486 1.00 27.13 ? 51  ILE A CA  1 
ATOM   359  C C   . ILE A 1 72  ? 10.460  -0.236  -12.634 1.00 30.73 ? 51  ILE A C   1 
ATOM   360  O O   . ILE A 1 72  ? 10.597  -0.616  -13.805 1.00 31.20 ? 51  ILE A O   1 
ATOM   361  C CB  . ILE A 1 72  ? 12.074  -1.436  -11.124 1.00 28.20 ? 51  ILE A CB  1 
ATOM   362  C CG1 . ILE A 1 72  ? 12.179  -2.323  -9.878  1.00 30.71 ? 51  ILE A CG1 1 
ATOM   363  C CG2 . ILE A 1 72  ? 12.776  -0.091  -10.883 1.00 32.82 ? 51  ILE A CG2 1 
ATOM   364  C CD1 . ILE A 1 72  ? 13.597  -2.522  -9.398  1.00 36.15 ? 51  ILE A CD1 1 
ATOM   365  N N   . GLY A 1 73  ? 10.150  1.015   -12.301 1.00 25.86 ? 52  GLY A N   1 
ATOM   366  C CA  . GLY A 1 73  ? 10.060  2.070   -13.294 1.00 28.52 ? 52  GLY A CA  1 
ATOM   367  C C   . GLY A 1 73  ? 8.711   2.195   -13.978 1.00 33.00 ? 52  GLY A C   1 
ATOM   368  O O   . GLY A 1 73  ? 8.485   3.122   -14.769 1.00 28.64 ? 52  GLY A O   1 
ATOM   369  N N   . ASN A 1 74  ? 7.807   1.262   -13.691 1.00 29.43 ? 53  ASN A N   1 
ATOM   370  C CA  . ASN A 1 74  ? 6.527   1.234   -14.397 1.00 27.94 ? 53  ASN A CA  1 
ATOM   371  C C   . ASN A 1 74  ? 5.402   1.928   -13.631 1.00 25.98 ? 53  ASN A C   1 
ATOM   372  O O   . ASN A 1 74  ? 5.365   1.892   -12.398 1.00 26.16 ? 53  ASN A O   1 
ATOM   373  C CB  . ASN A 1 74  ? 6.124   -0.212  -14.765 1.00 26.84 ? 53  ASN A CB  1 
ATOM   374  C CG  . ASN A 1 74  ? 7.087   -0.856  -15.747 1.00 34.08 ? 53  ASN A CG  1 
ATOM   375  O OD1 . ASN A 1 74  ? 7.805   -0.159  -16.461 1.00 37.19 ? 53  ASN A OD1 1 
ATOM   376  N ND2 . ASN A 1 74  ? 7.103   -2.194  -15.792 1.00 29.48 ? 53  ASN A ND2 1 
ATOM   377  N N   . PRO A 1 75  ? 4.476   2.569   -14.359 1.00 26.17 ? 54  PRO A N   1 
ATOM   378  C CA  . PRO A 1 75  ? 3.350   3.232   -13.684 1.00 25.91 ? 54  PRO A CA  1 
ATOM   379  C C   . PRO A 1 75  ? 2.335   2.186   -13.232 1.00 23.37 ? 54  PRO A C   1 
ATOM   380  O O   . PRO A 1 75  ? 2.450   1.019   -13.604 1.00 23.64 ? 54  PRO A O   1 
ATOM   381  C CB  . PRO A 1 75  ? 2.760   4.120   -14.784 1.00 24.48 ? 54  PRO A CB  1 
ATOM   382  C CG  . PRO A 1 75  ? 3.051   3.327   -16.065 1.00 29.44 ? 54  PRO A CG  1 
ATOM   383  C CD  . PRO A 1 75  ? 4.350   2.591   -15.830 1.00 26.72 ? 54  PRO A CD  1 
ATOM   384  N N   . PRO A 1 76  ? 1.338   2.592   -12.436 1.00 24.03 ? 55  PRO A N   1 
ATOM   385  C CA  . PRO A 1 76  ? 0.384   1.587   -11.951 1.00 26.87 ? 55  PRO A CA  1 
ATOM   386  C C   . PRO A 1 76  ? -0.324  0.890   -13.113 1.00 26.44 ? 55  PRO A C   1 
ATOM   387  O O   . PRO A 1 76  ? -0.433  1.465   -14.192 1.00 24.14 ? 55  PRO A O   1 
ATOM   388  C CB  . PRO A 1 76  ? -0.606  2.423   -11.115 1.00 25.39 ? 55  PRO A CB  1 
ATOM   389  C CG  . PRO A 1 76  ? 0.191   3.603   -10.674 1.00 26.38 ? 55  PRO A CG  1 
ATOM   390  C CD  . PRO A 1 76  ? 1.124   3.914   -11.826 1.00 23.84 ? 55  PRO A CD  1 
ATOM   391  N N   . ASP A 1 77  ? -0.780  -0.338  -12.900 1.00 26.54 ? 56  ASP A N   1 
ATOM   392  C CA  . ASP A 1 77  ? -1.562  -1.050  -13.907 1.00 27.80 ? 56  ASP A CA  1 
ATOM   393  C C   . ASP A 1 77  ? -2.653  -0.136  -14.463 1.00 28.69 ? 56  ASP A C   1 
ATOM   394  O O   . ASP A 1 77  ? -3.363  0.527   -13.706 1.00 26.09 ? 56  ASP A O   1 
ATOM   395  C CB  . ASP A 1 77  ? -2.210  -2.295  -13.294 1.00 27.69 ? 56  ASP A CB  1 
ATOM   396  C CG  . ASP A 1 77  ? -2.810  -3.225  -14.334 1.00 30.56 ? 56  ASP A CG  1 
ATOM   397  O OD1 . ASP A 1 77  ? -3.786  -2.834  -15.010 1.00 30.64 ? 56  ASP A OD1 1 
ATOM   398  O OD2 . ASP A 1 77  ? -2.338  -4.378  -14.449 1.00 33.29 ? 56  ASP A OD2 1 
ATOM   399  N N   . TYR A 1 78  ? -2.808  -0.112  -15.783 1.00 26.64 ? 57  TYR A N   1 
ATOM   400  C CA  . TYR A 1 78  ? -3.758  0.826   -16.364 1.00 29.36 ? 57  TYR A CA  1 
ATOM   401  C C   . TYR A 1 78  ? -5.193  0.519   -15.915 1.00 28.76 ? 57  TYR A C   1 
ATOM   402  O O   . TYR A 1 78  ? -6.028  1.410   -15.837 1.00 29.38 ? 57  TYR A O   1 
ATOM   403  C CB  . TYR A 1 78  ? -3.635  0.876   -17.889 1.00 30.57 ? 57  TYR A CB  1 
ATOM   404  C CG  . TYR A 1 78  ? -4.451  1.994   -18.504 1.00 31.42 ? 57  TYR A CG  1 
ATOM   405  C CD1 . TYR A 1 78  ? -3.999  3.310   -18.477 1.00 34.44 ? 57  TYR A CD1 1 
ATOM   406  C CD2 . TYR A 1 78  ? -5.681  1.734   -19.089 1.00 33.58 ? 57  TYR A CD2 1 
ATOM   407  C CE1 . TYR A 1 78  ? -4.752  4.338   -19.025 1.00 35.91 ? 57  TYR A CE1 1 
ATOM   408  C CE2 . TYR A 1 78  ? -6.442  2.753   -19.643 1.00 37.06 ? 57  TYR A CE2 1 
ATOM   409  C CZ  . TYR A 1 78  ? -5.974  4.049   -19.609 1.00 41.29 ? 57  TYR A CZ  1 
ATOM   410  O OH  . TYR A 1 78  ? -6.737  5.054   -20.166 1.00 50.86 ? 57  TYR A OH  1 
ATOM   411  N N   . ARG A 1 79  ? -5.470  -0.739  -15.594 1.00 28.16 ? 58  ARG A N   1 
ATOM   412  C CA  . ARG A 1 79  ? -6.769  -1.107  -15.041 1.00 26.57 ? 58  ARG A CA  1 
ATOM   413  C C   . ARG A 1 79  ? -6.982  -0.458  -13.674 1.00 28.37 ? 58  ARG A C   1 
ATOM   414  O O   . ARG A 1 79  ? -8.095  -0.064  -13.328 1.00 28.47 ? 58  ARG A O   1 
ATOM   415  C CB  . ARG A 1 79  ? -6.899  -2.633  -14.952 1.00 27.01 ? 58  ARG A CB  1 
ATOM   416  C CG  . ARG A 1 79  ? -7.043  -3.294  -16.333 1.00 29.16 ? 58  ARG A CG  1 
ATOM   417  C CD  . ARG A 1 79  ? -6.865  -4.797  -16.267 1.00 30.87 ? 58  ARG A CD  1 
ATOM   418  N NE  . ARG A 1 79  ? -5.530  -5.162  -15.809 1.00 26.02 ? 58  ARG A NE  1 
ATOM   419  C CZ  . ARG A 1 79  ? -5.175  -6.392  -15.438 1.00 31.30 ? 58  ARG A CZ  1 
ATOM   420  N NH1 . ARG A 1 79  ? -6.055  -7.384  -15.496 1.00 28.90 ? 58  ARG A NH1 1 
ATOM   421  N NH2 . ARG A 1 79  ? -3.936  -6.631  -15.019 1.00 28.03 ? 58  ARG A NH2 1 
ATOM   422  N N   . GLY A 1 80  ? -5.912  -0.346  -12.898 1.00 26.92 ? 59  GLY A N   1 
ATOM   423  C CA  . GLY A 1 80  ? -5.973  0.383   -11.648 1.00 26.12 ? 59  GLY A CA  1 
ATOM   424  C C   . GLY A 1 80  ? -6.188  1.866   -11.904 1.00 28.95 ? 59  GLY A C   1 
ATOM   425  O O   . GLY A 1 80  ? -6.940  2.533   -11.192 1.00 27.89 ? 59  GLY A O   1 
ATOM   426  N N   . GLN A 1 81  ? -5.530  2.413   -12.917 1.00 27.05 ? 60  GLN A N   1 
ATOM   427  C CA  . GLN A 1 81  ? -5.751  3.831   -13.173 1.00 31.68 ? 60  GLN A CA  1 
ATOM   428  C C   . GLN A 1 81  ? -7.214  4.075   -13.560 1.00 29.53 ? 60  GLN A C   1 
ATOM   429  O O   . GLN A 1 81  ? -7.806  5.090   -13.186 1.00 32.48 ? 60  GLN A O   1 
ATOM   430  C CB  . GLN A 1 81  ? -4.804  4.351   -14.251 1.00 34.63 ? 60  GLN A CB  1 
ATOM   431  C CG  . GLN A 1 81  ? -5.349  4.211   -15.651 1.00 39.58 ? 60  GLN A CG  1 
ATOM   432  C CD  . GLN A 1 81  ? -6.175  5.413   -16.096 1.00 44.46 ? 60  GLN A CD  1 
ATOM   433  O OE1 . GLN A 1 81  ? -5.889  6.553   -15.714 1.00 53.66 ? 60  GLN A OE1 1 
ATOM   434  N NE2 . GLN A 1 81  ? -7.200  5.163   -16.916 1.00 46.57 ? 60  GLN A NE2 1 
ATOM   435  N N   . SER A 1 82  ? -7.799  3.136   -14.298 1.00 31.35 ? 61  SER A N   1 
ATOM   436  C CA  . SER A 1 82  ? -9.165  3.304   -14.781 1.00 31.56 ? 61  SER A CA  1 
ATOM   437  C C   . SER A 1 82  ? -10.122 3.266   -13.610 1.00 29.86 ? 61  SER A C   1 
ATOM   438  O O   . SER A 1 82  ? -11.078 4.040   -13.537 1.00 31.18 ? 61  SER A O   1 
ATOM   439  C CB  . SER A 1 82  ? -9.523  2.224   -15.795 1.00 36.42 ? 61  SER A CB  1 
ATOM   440  O OG  . SER A 1 82  ? -8.734  2.363   -16.965 1.00 38.95 ? 61  SER A OG  1 
ATOM   441  N N   . CYS A 1 83  ? -9.853  2.362   -12.681 1.00 29.59 ? 62  CYS A N   1 
ATOM   442  C CA  . CYS A 1 83  ? -10.639 2.290   -11.450 1.00 30.08 ? 62  CYS A CA  1 
ATOM   443  C C   . CYS A 1 83  ? -10.554 3.598   -10.637 1.00 31.64 ? 62  CYS A C   1 
ATOM   444  O O   . CYS A 1 83  ? -11.575 4.143   -10.188 1.00 28.77 ? 62  CYS A O   1 
ATOM   445  C CB  . CYS A 1 83  ? -10.163 1.099   -10.621 1.00 31.40 ? 62  CYS A CB  1 
ATOM   446  S SG  . CYS A 1 83  ? -10.969 0.932   -9.029  1.00 31.51 ? 62  CYS A SG  1 
ATOM   447  N N   . MET A 1 84  ? -9.345  4.116   -10.450 1.00 26.46 ? 63  MET A N   1 
ATOM   448  C CA  . MET A 1 84  ? -9.171  5.317   -9.636  1.00 26.37 ? 63  MET A CA  1 
ATOM   449  C C   . MET A 1 84  ? -9.822  6.526   -10.291 1.00 32.00 ? 63  MET A C   1 
ATOM   450  O O   . MET A 1 84  ? -10.364 7.393   -9.608  1.00 30.41 ? 63  MET A O   1 
ATOM   451  C CB  . MET A 1 84  ? -7.695  5.580   -9.355  1.00 29.65 ? 63  MET A CB  1 
ATOM   452  C CG  . MET A 1 84  ? -7.059  4.454   -8.572  1.00 27.93 ? 63  MET A CG  1 
ATOM   453  S SD  . MET A 1 84  ? -7.705  4.365   -6.889  1.00 31.31 ? 63  MET A SD  1 
ATOM   454  C CE  . MET A 1 84  ? -6.569  5.496   -6.131  1.00 35.98 ? 63  MET A CE  1 
ATOM   455  N N   . LYS A 1 85  ? -9.775  6.570   -11.617 1.00 32.66 ? 64  LYS A N   1 
ATOM   456  C CA  . LYS A 1 85  ? -10.430 7.641   -12.365 1.00 34.56 ? 64  LYS A CA  1 
ATOM   457  C C   . LYS A 1 85  ? -11.950 7.626   -12.148 1.00 34.49 ? 64  LYS A C   1 
ATOM   458  O O   . LYS A 1 85  ? -12.569 8.681   -11.959 1.00 35.57 ? 64  LYS A O   1 
ATOM   459  C CB  . LYS A 1 85  ? -10.112 7.541   -13.851 1.00 37.36 ? 64  LYS A CB  1 
ATOM   460  C CG  . LYS A 1 85  ? -10.322 8.857   -14.598 1.00 43.15 ? 64  LYS A CG  1 
ATOM   461  C CD  . LYS A 1 85  ? -10.446 8.644   -16.107 1.00 45.62 ? 64  LYS A CD  1 
ATOM   462  C CE  . LYS A 1 85  ? -10.212 9.952   -16.847 1.00 47.79 ? 64  LYS A CE  1 
ATOM   463  N NZ  . LYS A 1 85  ? -10.823 11.101  -16.095 1.00 54.67 ? 64  LYS A NZ  1 
ATOM   464  N N   . ARG A 1 86  ? -12.546 6.440   -12.157 1.00 30.23 ? 65  ARG A N   1 
ATOM   465  C CA  . ARG A 1 86  ? -13.984 6.321   -11.908 1.00 35.93 ? 65  ARG A CA  1 
ATOM   466  C C   . ARG A 1 86  ? -14.352 6.888   -10.546 1.00 37.73 ? 65  ARG A C   1 
ATOM   467  O O   . ARG A 1 86  ? -15.436 7.446   -10.367 1.00 34.42 ? 65  ARG A O   1 
ATOM   468  C CB  . ARG A 1 86  ? -14.451 4.859   -11.982 1.00 37.39 ? 65  ARG A CB  1 
ATOM   469  C CG  . ARG A 1 86  ? -14.409 4.234   -13.371 1.00 39.68 ? 65  ARG A CG  1 
ATOM   470  C CD  . ARG A 1 86  ? -15.224 2.937   -13.426 1.00 40.55 ? 65  ARG A CD  1 
ATOM   471  N NE  . ARG A 1 86  ? -14.588 1.827   -12.710 1.00 38.20 ? 65  ARG A NE  1 
ATOM   472  C CZ  . ARG A 1 86  ? -14.937 1.425   -11.490 1.00 42.38 ? 65  ARG A CZ  1 
ATOM   473  N NH1 . ARG A 1 86  ? -15.916 2.045   -10.845 1.00 39.45 ? 65  ARG A NH1 1 
ATOM   474  N NH2 . ARG A 1 86  ? -14.310 0.401   -10.917 1.00 39.88 ? 65  ARG A NH2 1 
ATOM   475  N N   . HIS A 1 87  ? -13.442 6.743   -9.586  1.00 34.08 ? 66  HIS A N   1 
ATOM   476  C CA  . HIS A 1 87  ? -13.714 7.142   -8.209  1.00 36.03 ? 66  HIS A CA  1 
ATOM   477  C C   . HIS A 1 87  ? -13.184 8.526   -7.880  1.00 34.14 ? 66  HIS A C   1 
ATOM   478  O O   . HIS A 1 87  ? -13.314 8.991   -6.751  1.00 35.87 ? 66  HIS A O   1 
ATOM   479  C CB  . HIS A 1 87  ? -13.136 6.111   -7.237  1.00 34.42 ? 66  HIS A CB  1 
ATOM   480  C CG  . HIS A 1 87  ? -13.853 4.801   -7.263  1.00 31.54 ? 66  HIS A CG  1 
ATOM   481  N ND1 . HIS A 1 87  ? -15.098 4.624   -6.690  1.00 34.17 ? 66  HIS A ND1 1 
ATOM   482  C CD2 . HIS A 1 87  ? -13.506 3.600   -7.782  1.00 33.47 ? 66  HIS A CD2 1 
ATOM   483  C CE1 . HIS A 1 87  ? -15.482 3.372   -6.859  1.00 36.94 ? 66  HIS A CE1 1 
ATOM   484  N NE2 . HIS A 1 87  ? -14.535 2.728   -7.520  1.00 33.50 ? 66  HIS A NE2 1 
ATOM   485  N N   . GLY A 1 88  ? -12.588 9.175   -8.877  1.00 34.05 ? 67  GLY A N   1 
ATOM   486  C CA  . GLY A 1 88  ? -12.044 10.513  -8.713  1.00 31.96 ? 67  GLY A CA  1 
ATOM   487  C C   . GLY A 1 88  ? -10.887 10.581  -7.729  1.00 37.07 ? 67  GLY A C   1 
ATOM   488  O O   . GLY A 1 88  ? -10.746 11.559  -6.999  1.00 40.16 ? 67  GLY A O   1 
ATOM   489  N N   . ILE A 1 89  ? -10.049 9.547   -7.695  1.00 34.11 ? 68  ILE A N   1 
ATOM   490  C CA  . ILE A 1 89  ? -8.885  9.566   -6.816  1.00 32.11 ? 68  ILE A CA  1 
ATOM   491  C C   . ILE A 1 89  ? -7.598  9.778   -7.603  1.00 31.96 ? 68  ILE A C   1 
ATOM   492  O O   . ILE A 1 89  ? -7.235  8.934   -8.416  1.00 33.54 ? 68  ILE A O   1 
ATOM   493  C CB  . ILE A 1 89  ? -8.717  8.246   -6.056  1.00 33.19 ? 68  ILE A CB  1 
ATOM   494  C CG1 . ILE A 1 89  ? -10.050 7.771   -5.481  1.00 34.21 ? 68  ILE A CG1 1 
ATOM   495  C CG2 . ILE A 1 89  ? -7.660  8.419   -4.967  1.00 28.64 ? 68  ILE A CG2 1 
ATOM   496  C CD1 . ILE A 1 89  ? -10.615 8.706   -4.441  1.00 39.53 ? 68  ILE A CD1 1 
ATOM   497  N N   . PRO A 1 90  ? -6.899  10.893  -7.350  1.00 31.23 ? 69  PRO A N   1 
ATOM   498  C CA  . PRO A 1 90  ? -5.618  11.135  -8.025  1.00 35.12 ? 69  PRO A CA  1 
ATOM   499  C C   . PRO A 1 90  ? -4.649  9.989   -7.770  1.00 32.21 ? 69  PRO A C   1 
ATOM   500  O O   . PRO A 1 90  ? -4.543  9.526   -6.633  1.00 31.08 ? 69  PRO A O   1 
ATOM   501  C CB  . PRO A 1 90  ? -5.085  12.393  -7.326  1.00 33.25 ? 69  PRO A CB  1 
ATOM   502  C CG  . PRO A 1 90  ? -6.292  13.066  -6.748  1.00 32.21 ? 69  PRO A CG  1 
ATOM   503  C CD  . PRO A 1 90  ? -7.217  11.945  -6.365  1.00 33.93 ? 69  PRO A CD  1 
ATOM   504  N N   . MET A 1 91  ? -3.938  9.546   -8.800  1.00 29.41 ? 70  MET A N   1 
ATOM   505  C CA  . MET A 1 91  ? -2.892  8.541   -8.606  1.00 29.34 ? 70  MET A CA  1 
ATOM   506  C C   . MET A 1 91  ? -1.754  8.802   -9.568  1.00 33.31 ? 70  MET A C   1 
ATOM   507  O O   . MET A 1 91  ? -1.974  8.934   -10.764 1.00 38.23 ? 70  MET A O   1 
ATOM   508  C CB  . MET A 1 91  ? -3.436  7.124   -8.837  1.00 28.75 ? 70  MET A CB  1 
ATOM   509  C CG  . MET A 1 91  ? -2.373  6.025   -8.639  1.00 30.57 ? 70  MET A CG  1 
ATOM   510  S SD  . MET A 1 91  ? -3.042  4.358   -8.468  1.00 28.41 ? 70  MET A SD  1 
ATOM   511  C CE  . MET A 1 91  ? -3.689  4.091   -10.122 1.00 26.62 ? 70  MET A CE  1 
ATOM   512  N N   . SER A 1 92  ? -0.537  8.896   -9.050  1.00 31.10 ? 71  SER A N   1 
ATOM   513  C CA  . SER A 1 92  ? 0.630   8.902   -9.916  1.00 33.37 ? 71  SER A CA  1 
ATOM   514  C C   . SER A 1 92  ? 1.801   8.305   -9.161  1.00 31.88 ? 71  SER A C   1 
ATOM   515  O O   . SER A 1 92  ? 2.145   8.752   -8.073  1.00 33.14 ? 71  SER A O   1 
ATOM   516  C CB  . SER A 1 92  ? 0.951   10.307  -10.413 1.00 34.18 ? 71  SER A CB  1 
ATOM   517  O OG  . SER A 1 92  ? 1.085   11.193  -9.324  1.00 44.47 ? 71  SER A OG  1 
ATOM   518  N N   . HIS A 1 93  ? 2.402   7.279   -9.750  1.00 29.44 ? 72  HIS A N   1 
ATOM   519  C CA  . HIS A 1 93  ? 3.470   6.549   -9.089  1.00 28.30 ? 72  HIS A CA  1 
ATOM   520  C C   . HIS A 1 93  ? 4.389   5.963   -10.133 1.00 27.29 ? 72  HIS A C   1 
ATOM   521  O O   . HIS A 1 93  ? 3.981   5.702   -11.262 1.00 26.86 ? 72  HIS A O   1 
ATOM   522  C CB  . HIS A 1 93  ? 2.880   5.405   -8.261  1.00 27.64 ? 72  HIS A CB  1 
ATOM   523  C CG  . HIS A 1 93  ? 3.870   4.736   -7.360  1.00 26.65 ? 72  HIS A CG  1 
ATOM   524  N ND1 . HIS A 1 93  ? 4.451   5.375   -6.284  1.00 26.05 ? 72  HIS A ND1 1 
ATOM   525  C CD2 . HIS A 1 93  ? 4.381   3.481   -7.376  1.00 25.59 ? 72  HIS A CD2 1 
ATOM   526  C CE1 . HIS A 1 93  ? 5.274   4.538   -5.674  1.00 27.57 ? 72  HIS A CE1 1 
ATOM   527  N NE2 . HIS A 1 93  ? 5.248   3.384   -6.317  1.00 26.35 ? 72  HIS A NE2 1 
ATOM   528  N N   . VAL A 1 94  ? 5.637   5.754   -9.743  1.00 25.25 ? 73  VAL A N   1 
ATOM   529  C CA  . VAL A 1 94  ? 6.577   5.013   -10.561 1.00 25.74 ? 73  VAL A CA  1 
ATOM   530  C C   . VAL A 1 94  ? 7.033   3.846   -9.691  1.00 24.56 ? 73  VAL A C   1 
ATOM   531  O O   . VAL A 1 94  ? 7.533   4.061   -8.594  1.00 24.67 ? 73  VAL A O   1 
ATOM   532  C CB  . VAL A 1 94  ? 7.768   5.904   -10.947 1.00 31.25 ? 73  VAL A CB  1 
ATOM   533  C CG1 . VAL A 1 94  ? 8.823   5.100   -11.690 1.00 27.30 ? 73  VAL A CG1 1 
ATOM   534  C CG2 . VAL A 1 94  ? 7.297   7.086   -11.800 1.00 29.60 ? 73  VAL A CG2 1 
ATOM   535  N N   . ALA A 1 95  ? 6.832   2.619   -10.153 1.00 24.71 ? 74  ALA A N   1 
ATOM   536  C CA  . ALA A 1 95  ? 7.084   1.459   -9.301  1.00 27.64 ? 74  ALA A CA  1 
ATOM   537  C C   . ALA A 1 95  ? 8.537   1.426   -8.853  1.00 28.67 ? 74  ALA A C   1 
ATOM   538  O O   . ALA A 1 95  ? 9.440   1.697   -9.646  1.00 27.90 ? 74  ALA A O   1 
ATOM   539  C CB  . ALA A 1 95  ? 6.711   0.165   -10.034 1.00 25.75 ? 74  ALA A CB  1 
ATOM   540  N N   . ARG A 1 96  ? 8.766   1.106   -7.581  1.00 27.70 ? 75  ARG A N   1 
ATOM   541  C CA  . ARG A 1 96  ? 10.127  0.953   -7.050  1.00 26.10 ? 75  ARG A CA  1 
ATOM   542  C C   . ARG A 1 96  ? 10.161  -0.219  -6.071  1.00 30.06 ? 75  ARG A C   1 
ATOM   543  O O   . ARG A 1 96  ? 9.132   -0.613  -5.527  1.00 25.83 ? 75  ARG A O   1 
ATOM   544  C CB  . ARG A 1 96  ? 10.608  2.234   -6.334  1.00 29.73 ? 75  ARG A CB  1 
ATOM   545  C CG  . ARG A 1 96  ? 9.958   2.510   -4.977  1.00 31.99 ? 75  ARG A CG  1 
ATOM   546  C CD  . ARG A 1 96  ? 10.607  3.687   -4.256  1.00 27.07 ? 75  ARG A CD  1 
ATOM   547  N NE  . ARG A 1 96  ? 10.061  3.890   -2.910  1.00 27.95 ? 75  ARG A NE  1 
ATOM   548  C CZ  . ARG A 1 96  ? 10.524  3.310   -1.804  1.00 31.40 ? 75  ARG A CZ  1 
ATOM   549  N NH1 . ARG A 1 96  ? 11.567  2.473   -1.854  1.00 28.33 ? 75  ARG A NH1 1 
ATOM   550  N NH2 . ARG A 1 96  ? 9.948   3.574   -0.641  1.00 29.19 ? 75  ARG A NH2 1 
ATOM   551  N N   . GLN A 1 97  ? 11.348  -0.767  -5.841  1.00 26.39 ? 76  GLN A N   1 
ATOM   552  C CA  . GLN A 1 97  ? 11.484  -1.862  -4.890  1.00 28.24 ? 76  GLN A CA  1 
ATOM   553  C C   . GLN A 1 97  ? 11.791  -1.313  -3.501  1.00 26.31 ? 76  GLN A C   1 
ATOM   554  O O   . GLN A 1 97  ? 12.515  -0.319  -3.344  1.00 25.40 ? 76  GLN A O   1 
ATOM   555  C CB  . GLN A 1 97  ? 12.588  -2.825  -5.342  1.00 29.40 ? 76  GLN A CB  1 
ATOM   556  C CG  . GLN A 1 97  ? 12.739  -4.049  -4.462  1.00 30.76 ? 76  GLN A CG  1 
ATOM   557  C CD  . GLN A 1 97  ? 13.635  -5.103  -5.096  1.00 33.98 ? 76  GLN A CD  1 
ATOM   558  O OE1 . GLN A 1 97  ? 14.407  -4.809  -6.005  1.00 34.49 ? 76  GLN A OE1 1 
ATOM   559  N NE2 . GLN A 1 97  ? 13.529  -6.335  -4.621  1.00 34.60 ? 76  GLN A NE2 1 
ATOM   560  N N   . ILE A 1 98  ? 11.237  -1.952  -2.483  1.00 25.08 ? 77  ILE A N   1 
ATOM   561  C CA  . ILE A 1 98  ? 11.556  -1.577  -1.121  1.00 23.73 ? 77  ILE A CA  1 
ATOM   562  C C   . ILE A 1 98  ? 13.052  -1.726  -0.906  1.00 27.26 ? 77  ILE A C   1 
ATOM   563  O O   . ILE A 1 98  ? 13.675  -2.649  -1.456  1.00 27.09 ? 77  ILE A O   1 
ATOM   564  C CB  . ILE A 1 98  ? 10.783  -2.440  -0.102  1.00 26.07 ? 77  ILE A CB  1 
ATOM   565  C CG1 . ILE A 1 98  ? 10.940  -1.858  1.312   1.00 28.06 ? 77  ILE A CG1 1 
ATOM   566  C CG2 . ILE A 1 98  ? 11.215  -3.903  -0.202  1.00 25.25 ? 77  ILE A CG2 1 
ATOM   567  C CD1 . ILE A 1 98  ? 9.920   -2.405  2.332   1.00 29.89 ? 77  ILE A CD1 1 
ATOM   568  N N   . THR A 1 99  ? 13.619  -0.814  -0.118  1.00 27.93 ? 78  THR A N   1 
ATOM   569  C CA  . THR A 1 99  ? 15.046  -0.833  0.200   1.00 29.56 ? 78  THR A CA  1 
ATOM   570  C C   . THR A 1 99  ? 15.263  -1.082  1.692   1.00 32.32 ? 78  THR A C   1 
ATOM   571  O O   . THR A 1 99  ? 14.333  -0.975  2.499   1.00 28.07 ? 78  THR A O   1 
ATOM   572  C CB  . THR A 1 99  ? 15.730  0.506   -0.164  1.00 30.35 ? 78  THR A CB  1 
ATOM   573  O OG1 . THR A 1 99  ? 15.224  1.548   0.678   1.00 34.25 ? 78  THR A OG1 1 
ATOM   574  C CG2 . THR A 1 99  ? 15.469  0.876   -1.632  1.00 34.80 ? 78  THR A CG2 1 
ATOM   575  N N   . LYS A 1 100 ? 16.499  -1.404  2.061   1.00 29.99 ? 79  LYS A N   1 
ATOM   576  C CA  . LYS A 1 100 ? 16.843  -1.569  3.470   1.00 33.25 ? 79  LYS A CA  1 
ATOM   577  C C   . LYS A 1 100 ? 16.568  -0.284  4.263   1.00 30.06 ? 79  LYS A C   1 
ATOM   578  O O   . LYS A 1 100 ? 16.218  -0.328  5.445   1.00 28.72 ? 79  LYS A O   1 
ATOM   579  C CB  . LYS A 1 100 ? 18.312  -1.982  3.624   1.00 36.09 ? 79  LYS A CB  1 
ATOM   580  C CG  . LYS A 1 100 ? 18.623  -3.393  3.150   1.00 39.12 ? 79  LYS A CG  1 
ATOM   581  C CD  . LYS A 1 100 ? 20.036  -3.803  3.574   1.00 44.09 ? 79  LYS A CD  1 
ATOM   582  C CE  . LYS A 1 100 ? 20.462  -5.142  2.949   1.00 52.77 ? 79  LYS A CE  1 
ATOM   583  N NZ  . LYS A 1 100 ? 19.635  -6.303  3.407   1.00 49.75 ? 79  LYS A NZ  1 
ATOM   584  N N   . GLU A 1 101 ? 16.730  0.863   3.609   1.00 25.25 ? 80  GLU A N   1 
ATOM   585  C CA  . GLU A 1 101 ? 16.506  2.150   4.271   1.00 29.34 ? 80  GLU A CA  1 
ATOM   586  C C   . GLU A 1 101 ? 15.050  2.340   4.713   1.00 28.39 ? 80  GLU A C   1 
ATOM   587  O O   . GLU A 1 101 ? 14.771  2.975   5.731   1.00 27.42 ? 80  GLU A O   1 
ATOM   588  C CB  . GLU A 1 101 ? 16.913  3.284   3.336   1.00 34.17 ? 80  GLU A CB  1 
ATOM   589  C CG  . GLU A 1 101 ? 16.733  4.652   3.920   1.00 35.50 ? 80  GLU A CG  1 
ATOM   590  C CD  . GLU A 1 101 ? 17.375  5.727   3.056   1.00 43.92 ? 80  GLU A CD  1 
ATOM   591  O OE1 . GLU A 1 101 ? 17.674  5.435   1.876   1.00 42.17 ? 80  GLU A OE1 1 
ATOM   592  O OE2 . GLU A 1 101 ? 17.588  6.857   3.559   1.00 49.02 ? 80  GLU A OE2 1 
ATOM   593  N N   . ASP A 1 102 ? 14.124  1.785   3.942   1.00 30.66 ? 81  ASP A N   1 
ATOM   594  C CA  . ASP A 1 102 ? 12.690  1.909   4.235   1.00 27.40 ? 81  ASP A CA  1 
ATOM   595  C C   . ASP A 1 102 ? 12.287  1.343   5.597   1.00 29.79 ? 81  ASP A C   1 
ATOM   596  O O   . ASP A 1 102 ? 11.362  1.854   6.249   1.00 27.86 ? 81  ASP A O   1 
ATOM   597  C CB  . ASP A 1 102 ? 11.868  1.244   3.125   1.00 27.42 ? 81  ASP A CB  1 
ATOM   598  C CG  . ASP A 1 102 ? 11.938  2.011   1.821   1.00 29.29 ? 81  ASP A CG  1 
ATOM   599  O OD1 . ASP A 1 102 ? 11.990  3.259   1.861   1.00 30.59 ? 81  ASP A OD1 1 
ATOM   600  O OD2 . ASP A 1 102 ? 11.940  1.365   0.759   1.00 29.66 ? 81  ASP A OD2 1 
ATOM   601  N N   . PHE A 1 103 ? 12.977  0.293   6.034   1.00 29.02 ? 82  PHE A N   1 
ATOM   602  C CA  . PHE A 1 103 ? 12.670  -0.301  7.341   1.00 31.64 ? 82  PHE A CA  1 
ATOM   603  C C   . PHE A 1 103 ? 13.079  0.622   8.477   1.00 28.54 ? 82  PHE A C   1 
ATOM   604  O O   . PHE A 1 103 ? 12.504  0.585   9.569   1.00 28.16 ? 82  PHE A O   1 
ATOM   605  C CB  . PHE A 1 103 ? 13.358  -1.664  7.500   1.00 28.65 ? 82  PHE A CB  1 
ATOM   606  C CG  . PHE A 1 103 ? 12.903  -2.681  6.502   1.00 29.21 ? 82  PHE A CG  1 
ATOM   607  C CD1 . PHE A 1 103 ? 11.716  -3.378  6.690   1.00 29.24 ? 82  PHE A CD1 1 
ATOM   608  C CD2 . PHE A 1 103 ? 13.649  -2.939  5.368   1.00 31.31 ? 82  PHE A CD2 1 
ATOM   609  C CE1 . PHE A 1 103 ? 11.284  -4.315  5.761   1.00 27.93 ? 82  PHE A CE1 1 
ATOM   610  C CE2 . PHE A 1 103 ? 13.222  -3.892  4.433   1.00 31.78 ? 82  PHE A CE2 1 
ATOM   611  C CZ  . PHE A 1 103 ? 12.036  -4.569  4.634   1.00 27.66 ? 82  PHE A CZ  1 
ATOM   612  N N   . ALA A 1 104 ? 14.095  1.441   8.227   1.00 29.39 ? 83  ALA A N   1 
ATOM   613  C CA  . ALA A 1 104 ? 14.548  2.406   9.229   1.00 33.15 ? 83  ALA A CA  1 
ATOM   614  C C   . ALA A 1 104 ? 13.676  3.669   9.308   1.00 32.30 ? 83  ALA A C   1 
ATOM   615  O O   . ALA A 1 104 ? 13.509  4.238   10.386  1.00 30.31 ? 83  ALA A O   1 
ATOM   616  C CB  . ALA A 1 104 ? 16.019  2.785   8.981   1.00 30.10 ? 83  ALA A CB  1 
ATOM   617  N N   . THR A 1 105 ? 13.120  4.103   8.177   1.00 29.02 ? 84  THR A N   1 
ATOM   618  C CA  . THR A 1 105 ? 12.477  5.419   8.125   1.00 29.66 ? 84  THR A CA  1 
ATOM   619  C C   . THR A 1 105 ? 10.952  5.420   8.300   1.00 30.26 ? 84  THR A C   1 
ATOM   620  O O   . THR A 1 105 ? 10.383  6.417   8.752   1.00 31.82 ? 84  THR A O   1 
ATOM   621  C CB  . THR A 1 105 ? 12.820  6.167   6.823   1.00 30.04 ? 84  THR A CB  1 
ATOM   622  O OG1 . THR A 1 105 ? 12.341  5.419   5.696   1.00 33.46 ? 84  THR A OG1 1 
ATOM   623  C CG2 . THR A 1 105 ? 14.318  6.357   6.694   1.00 30.48 ? 84  THR A CG2 1 
ATOM   624  N N   . PHE A 1 106 ? 10.287  4.330   7.938   1.00 28.79 ? 85  PHE A N   1 
ATOM   625  C CA  . PHE A 1 106 ? 8.822   4.318   7.977   1.00 28.12 ? 85  PHE A CA  1 
ATOM   626  C C   . PHE A 1 106 ? 8.291   3.820   9.316   1.00 30.15 ? 85  PHE A C   1 
ATOM   627  O O   . PHE A 1 106 ? 8.838   2.887   9.898   1.00 27.94 ? 85  PHE A O   1 
ATOM   628  C CB  . PHE A 1 106 ? 8.227   3.488   6.826   1.00 27.09 ? 85  PHE A CB  1 
ATOM   629  C CG  . PHE A 1 106 ? 8.231   4.198   5.488   1.00 29.56 ? 85  PHE A CG  1 
ATOM   630  C CD1 . PHE A 1 106 ? 9.240   3.967   4.566   1.00 26.71 ? 85  PHE A CD1 1 
ATOM   631  C CD2 . PHE A 1 106 ? 7.223   5.094   5.157   1.00 27.49 ? 85  PHE A CD2 1 
ATOM   632  C CE1 . PHE A 1 106 ? 9.252   4.616   3.334   1.00 27.78 ? 85  PHE A CE1 1 
ATOM   633  C CE2 . PHE A 1 106 ? 7.222   5.745   3.927   1.00 30.02 ? 85  PHE A CE2 1 
ATOM   634  C CZ  . PHE A 1 106 ? 8.242   5.504   3.011   1.00 29.23 ? 85  PHE A CZ  1 
ATOM   635  N N   . ASP A 1 107 ? 7.230   4.454   9.804   1.00 25.90 ? 86  ASP A N   1 
ATOM   636  C CA  . ASP A 1 107 ? 6.565   4.003   11.023  1.00 30.29 ? 86  ASP A CA  1 
ATOM   637  C C   . ASP A 1 107 ? 5.805   2.702   10.794  1.00 30.47 ? 86  ASP A C   1 
ATOM   638  O O   . ASP A 1 107 ? 5.752   1.822   11.673  1.00 25.97 ? 86  ASP A O   1 
ATOM   639  C CB  . ASP A 1 107 ? 5.586   5.063   11.522  1.00 29.39 ? 86  ASP A CB  1 
ATOM   640  C CG  . ASP A 1 107 ? 6.268   6.342   11.922  1.00 33.92 ? 86  ASP A CG  1 
ATOM   641  O OD1 . ASP A 1 107 ? 7.272   6.273   12.668  1.00 39.32 ? 86  ASP A OD1 1 
ATOM   642  O OD2 . ASP A 1 107 ? 5.802   7.418   11.492  1.00 36.81 ? 86  ASP A OD2 1 
ATOM   643  N N   . TYR A 1 108 ? 5.205   2.602   9.611   1.00 25.08 ? 87  TYR A N   1 
ATOM   644  C CA  . TYR A 1 108 ? 4.378   1.466   9.243   1.00 27.72 ? 87  TYR A CA  1 
ATOM   645  C C   . TYR A 1 108 ? 4.688   0.998   7.842   1.00 26.84 ? 87  TYR A C   1 
ATOM   646  O O   . TYR A 1 108 ? 4.822   1.810   6.921   1.00 24.47 ? 87  TYR A O   1 
ATOM   647  C CB  . TYR A 1 108 ? 2.898   1.830   9.313   1.00 29.26 ? 87  TYR A CB  1 
ATOM   648  C CG  . TYR A 1 108 ? 2.420   2.058   10.721  1.00 34.06 ? 87  TYR A CG  1 
ATOM   649  C CD1 . TYR A 1 108 ? 1.958   1.003   11.492  1.00 34.60 ? 87  TYR A CD1 1 
ATOM   650  C CD2 . TYR A 1 108 ? 2.443   3.325   11.284  1.00 35.63 ? 87  TYR A CD2 1 
ATOM   651  C CE1 . TYR A 1 108 ? 1.524   1.200   12.788  1.00 39.15 ? 87  TYR A CE1 1 
ATOM   652  C CE2 . TYR A 1 108 ? 2.013   3.533   12.587  1.00 40.78 ? 87  TYR A CE2 1 
ATOM   653  C CZ  . TYR A 1 108 ? 1.555   2.466   13.330  1.00 40.40 ? 87  TYR A CZ  1 
ATOM   654  O OH  . TYR A 1 108 ? 1.118   2.669   14.625  1.00 52.28 ? 87  TYR A OH  1 
ATOM   655  N N   . ILE A 1 109 ? 4.800   -0.317  7.689   1.00 24.41 ? 88  ILE A N   1 
ATOM   656  C CA  . ILE A 1 109 ? 4.821   -0.919  6.371   1.00 25.07 ? 88  ILE A CA  1 
ATOM   657  C C   . ILE A 1 109 ? 3.620   -1.838  6.267   1.00 26.83 ? 88  ILE A C   1 
ATOM   658  O O   . ILE A 1 109 ? 3.543   -2.852  6.958   1.00 29.26 ? 88  ILE A O   1 
ATOM   659  C CB  . ILE A 1 109 ? 6.113   -1.695  6.119   1.00 25.46 ? 88  ILE A CB  1 
ATOM   660  C CG1 . ILE A 1 109 ? 7.292   -0.729  6.098   1.00 26.89 ? 88  ILE A CG1 1 
ATOM   661  C CG2 . ILE A 1 109 ? 6.027   -2.430  4.787   1.00 26.64 ? 88  ILE A CG2 1 
ATOM   662  C CD1 . ILE A 1 109 ? 8.647   -1.424  6.056   1.00 27.34 ? 88  ILE A CD1 1 
ATOM   663  N N   . LEU A 1 110 ? 2.662   -1.450  5.429   1.00 23.32 ? 89  LEU A N   1 
ATOM   664  C CA  . LEU A 1 110 ? 1.404   -2.163  5.334   1.00 25.50 ? 89  LEU A CA  1 
ATOM   665  C C   . LEU A 1 110 ? 1.335   -2.913  4.006   1.00 26.80 ? 89  LEU A C   1 
ATOM   666  O O   . LEU A 1 110 ? 1.304   -2.290  2.944   1.00 25.53 ? 89  LEU A O   1 
ATOM   667  C CB  . LEU A 1 110 ? 0.240   -1.172  5.461   1.00 25.03 ? 89  LEU A CB  1 
ATOM   668  C CG  . LEU A 1 110 ? 0.250   -0.309  6.728   1.00 27.73 ? 89  LEU A CG  1 
ATOM   669  C CD1 . LEU A 1 110 ? -0.982  0.586   6.786   1.00 26.40 ? 89  LEU A CD1 1 
ATOM   670  C CD2 . LEU A 1 110 ? 0.322   -1.185  7.980   1.00 27.07 ? 89  LEU A CD2 1 
ATOM   671  N N   . CYS A 1 111 ? 1.324   -4.248  4.069   1.00 26.92 ? 90  CYS A N   1 
ATOM   672  C CA  . CYS A 1 111 ? 1.358   -5.073  2.858   1.00 27.58 ? 90  CYS A CA  1 
ATOM   673  C C   . CYS A 1 111 ? 0.022   -5.751  2.530   1.00 27.81 ? 90  CYS A C   1 
ATOM   674  O O   . CYS A 1 111 ? -0.921  -5.683  3.310   1.00 26.35 ? 90  CYS A O   1 
ATOM   675  C CB  . CYS A 1 111 ? 2.502   -6.097  2.920   1.00 26.35 ? 90  CYS A CB  1 
ATOM   676  S SG  . CYS A 1 111 ? 2.352   -7.344  4.229   1.00 25.24 ? 90  CYS A SG  1 
ATOM   677  N N   . MET A 1 112 ? -0.044  -6.403  1.370   1.00 24.21 ? 91  MET A N   1 
ATOM   678  C CA  . MET A 1 112 ? -1.306  -6.897  0.822   1.00 27.95 ? 91  MET A CA  1 
ATOM   679  C C   . MET A 1 112 ? -1.654  -8.337  1.189   1.00 28.33 ? 91  MET A C   1 
ATOM   680  O O   . MET A 1 112 ? -2.812  -8.641  1.477   1.00 27.53 ? 91  MET A O   1 
ATOM   681  C CB  . MET A 1 112 ? -1.319  -6.739  -0.705  1.00 24.37 ? 91  MET A CB  1 
ATOM   682  C CG  . MET A 1 112 ? -1.113  -5.295  -1.153  1.00 26.78 ? 91  MET A CG  1 
ATOM   683  S SD  . MET A 1 112 ? -2.323  -4.132  -0.473  1.00 29.68 ? 91  MET A SD  1 
ATOM   684  C CE  . MET A 1 112 ? -1.334  -2.689  -0.157  1.00 27.79 ? 91  MET A CE  1 
ATOM   685  N N   . ASP A 1 113 ? -0.675  -9.231  1.164   1.00 25.79 ? 92  ASP A N   1 
ATOM   686  C CA  . ASP A 1 113 ? -0.979  -10.646 1.382   1.00 25.03 ? 92  ASP A CA  1 
ATOM   687  C C   . ASP A 1 113 ? 0.105   -11.322 2.223   1.00 28.95 ? 92  ASP A C   1 
ATOM   688  O O   . ASP A 1 113 ? 1.118   -10.694 2.554   1.00 26.81 ? 92  ASP A O   1 
ATOM   689  C CB  . ASP A 1 113 ? -1.273  -11.372 0.057   1.00 25.25 ? 92  ASP A CB  1 
ATOM   690  C CG  . ASP A 1 113 ? -0.057  -11.454 -0.865  1.00 27.38 ? 92  ASP A CG  1 
ATOM   691  O OD1 . ASP A 1 113 ? 1.082   -11.538 -0.358  1.00 29.52 ? 92  ASP A OD1 1 
ATOM   692  O OD2 . ASP A 1 113 ? -0.248  -11.461 -2.100  1.00 26.05 ? 92  ASP A OD2 1 
ATOM   693  N N   . GLU A 1 114 ? -0.127  -12.568 2.628   1.00 27.57 ? 93  GLU A N   1 
ATOM   694  C CA  . GLU A 1 114 ? 0.795   -13.232 3.557   1.00 28.21 ? 93  GLU A CA  1 
ATOM   695  C C   . GLU A 1 114 ? 2.155   -13.469 2.901   1.00 28.43 ? 93  GLU A C   1 
ATOM   696  O O   . GLU A 1 114 ? 3.191   -13.523 3.577   1.00 26.65 ? 93  GLU A O   1 
ATOM   697  C CB  . GLU A 1 114 ? 0.220   -14.561 4.061   1.00 31.95 ? 93  GLU A CB  1 
ATOM   698  C CG  . GLU A 1 114 ? -1.082  -14.452 4.873   1.00 36.27 ? 93  GLU A CG  1 
ATOM   699  C CD  . GLU A 1 114 ? -0.855  -14.143 6.353   1.00 45.67 ? 93  GLU A CD  1 
ATOM   700  O OE1 . GLU A 1 114 ? -1.857  -13.915 7.073   1.00 47.23 ? 93  GLU A OE1 1 
ATOM   701  O OE2 . GLU A 1 114 ? 0.315   -14.137 6.800   1.00 44.93 ? 93  GLU A OE2 1 
ATOM   702  N N   . SER A 1 115 ? 2.151   -13.626 1.584   1.00 25.80 ? 94  SER A N   1 
ATOM   703  C CA  . SER A 1 115 ? 3.403   -13.808 0.847   1.00 28.48 ? 94  SER A CA  1 
ATOM   704  C C   . SER A 1 115 ? 4.277   -12.557 0.947   1.00 26.71 ? 94  SER A C   1 
ATOM   705  O O   . SER A 1 115 ? 5.483   -12.666 1.195   1.00 28.28 ? 94  SER A O   1 
ATOM   706  C CB  . SER A 1 115 ? 3.128   -14.149 -0.616  1.00 29.38 ? 94  SER A CB  1 
ATOM   707  O OG  . SER A 1 115 ? 4.345   -14.283 -1.331  1.00 39.93 ? 94  SER A OG  1 
ATOM   708  N N   . ASN A 1 116 ? 3.671   -11.384 0.736   1.00 26.17 ? 95  ASN A N   1 
ATOM   709  C CA  . ASN A 1 116 ? 4.337   -10.099 0.997   1.00 25.92 ? 95  ASN A CA  1 
ATOM   710  C C   . ASN A 1 116 ? 4.894   -10.061 2.410   1.00 26.86 ? 95  ASN A C   1 
ATOM   711  O O   . ASN A 1 116 ? 6.008   -9.569  2.658   1.00 25.55 ? 95  ASN A O   1 
ATOM   712  C CB  . ASN A 1 116 ? 3.364   -8.921  0.885   1.00 24.19 ? 95  ASN A CB  1 
ATOM   713  C CG  . ASN A 1 116 ? 2.704   -8.812  -0.477  1.00 29.28 ? 95  ASN A CG  1 
ATOM   714  O OD1 . ASN A 1 116 ? 1.618   -8.231  -0.599  1.00 26.52 ? 95  ASN A OD1 1 
ATOM   715  N ND2 . ASN A 1 116 ? 3.344   -9.373  -1.506  1.00 25.93 ? 95  ASN A ND2 1 
ATOM   716  N N   . LEU A 1 117 ? 4.094   -10.554 3.350   1.00 25.57 ? 96  LEU A N   1 
ATOM   717  C CA  . LEU A 1 117 ? 4.460   -10.443 4.759   1.00 27.48 ? 96  LEU A CA  1 
ATOM   718  C C   . LEU A 1 117 ? 5.675   -11.319 5.082   1.00 25.86 ? 96  LEU A C   1 
ATOM   719  O O   . LEU A 1 117 ? 6.557   -10.889 5.823   1.00 28.75 ? 96  LEU A O   1 
ATOM   720  C CB  . LEU A 1 117 ? 3.261   -10.785 5.660   1.00 27.34 ? 96  LEU A CB  1 
ATOM   721  C CG  . LEU A 1 117 ? 3.374   -10.567 7.176   1.00 30.65 ? 96  LEU A CG  1 
ATOM   722  C CD1 . LEU A 1 117 ? 3.806   -9.141  7.504   1.00 31.35 ? 96  LEU A CD1 1 
ATOM   723  C CD2 . LEU A 1 117 ? 2.037   -10.865 7.856   1.00 33.77 ? 96  LEU A CD2 1 
ATOM   724  N N   . ARG A 1 118 ? 5.704   -12.539 4.537   1.00 24.18 ? 97  ARG A N   1 
ATOM   725  C CA  . ARG A 1 118 ? 6.829   -13.450 4.725   1.00 27.59 ? 97  ARG A CA  1 
ATOM   726  C C   . ARG A 1 118 ? 8.080   -12.779 4.173   1.00 28.35 ? 97  ARG A C   1 
ATOM   727  O O   . ARG A 1 118 ? 9.139   -12.768 4.805   1.00 28.30 ? 97  ARG A O   1 
ATOM   728  C CB  . ARG A 1 118 ? 6.598   -14.791 3.991   1.00 24.76 ? 97  ARG A CB  1 
ATOM   729  C CG  . ARG A 1 118 ? 5.716   -15.859 4.702   1.00 28.90 ? 97  ARG A CG  1 
ATOM   730  C CD  . ARG A 1 118 ? 5.353   -17.061 3.729   1.00 26.79 ? 97  ARG A CD  1 
ATOM   731  N NE  . ARG A 1 118 ? 3.902   -17.145 3.509   1.00 35.72 ? 97  ARG A NE  1 
ATOM   732  C CZ  . ARG A 1 118 ? 3.315   -17.202 2.325   1.00 33.35 ? 97  ARG A CZ  1 
ATOM   733  N NH1 . ARG A 1 118 ? 4.043   -17.202 1.220   1.00 35.34 ? 97  ARG A NH1 1 
ATOM   734  N NH2 . ARG A 1 118 ? 1.988   -17.273 2.237   1.00 46.54 ? 97  ARG A NH2 1 
ATOM   735  N N   . ASP A 1 119 ? 7.953   -12.203 2.984   1.00 26.41 ? 98  ASP A N   1 
ATOM   736  C CA  . ASP A 1 119 ? 9.098   -11.596 2.318   1.00 27.75 ? 98  ASP A CA  1 
ATOM   737  C C   . ASP A 1 119 ? 9.613   -10.377 3.085   1.00 29.21 ? 98  ASP A C   1 
ATOM   738  O O   . ASP A 1 119 ? 10.824  -10.211 3.294   1.00 26.64 ? 98  ASP A O   1 
ATOM   739  C CB  . ASP A 1 119 ? 8.729   -11.223 0.876   1.00 28.56 ? 98  ASP A CB  1 
ATOM   740  C CG  . ASP A 1 119 ? 9.939   -11.148 -0.028  1.00 41.28 ? 98  ASP A CG  1 
ATOM   741  O OD1 . ASP A 1 119 ? 10.708  -12.143 -0.088  1.00 40.69 ? 98  ASP A OD1 1 
ATOM   742  O OD2 . ASP A 1 119 ? 10.135  -10.086 -0.661  1.00 44.05 ? 98  ASP A OD2 1 
ATOM   743  N N   . LEU A 1 120 ? 8.694   -9.528  3.518   1.00 25.45 ? 99  LEU A N   1 
ATOM   744  C CA  . LEU A 1 120 ? 9.065   -8.345  4.278   1.00 26.29 ? 99  LEU A CA  1 
ATOM   745  C C   . LEU A 1 120 ? 9.738   -8.705  5.606   1.00 31.86 ? 99  LEU A C   1 
ATOM   746  O O   . LEU A 1 120 ? 10.731  -8.083  5.990   1.00 30.95 ? 99  LEU A O   1 
ATOM   747  C CB  . LEU A 1 120 ? 7.839   -7.466  4.534   1.00 26.21 ? 99  LEU A CB  1 
ATOM   748  C CG  . LEU A 1 120 ? 7.329   -6.728  3.291   1.00 26.49 ? 99  LEU A CG  1 
ATOM   749  C CD1 . LEU A 1 120 ? 6.015   -6.046  3.584   1.00 28.88 ? 99  LEU A CD1 1 
ATOM   750  C CD2 . LEU A 1 120 ? 8.363   -5.719  2.805   1.00 27.02 ? 99  LEU A CD2 1 
ATOM   751  N N   . ASN A 1 121 ? 9.189   -9.690  6.312   1.00 27.60 ? 100 ASN A N   1 
ATOM   752  C CA  . ASN A 1 121 ? 9.806   -10.162 7.549   1.00 26.06 ? 100 ASN A CA  1 
ATOM   753  C C   . ASN A 1 121 ? 11.218  -10.681 7.287   1.00 30.76 ? 100 ASN A C   1 
ATOM   754  O O   . ASN A 1 121 ? 12.126  -10.469 8.090   1.00 29.37 ? 100 ASN A O   1 
ATOM   755  C CB  . ASN A 1 121 ? 8.950   -11.256 8.208   1.00 29.58 ? 100 ASN A CB  1 
ATOM   756  C CG  . ASN A 1 121 ? 7.715   -10.699 8.916   1.00 32.81 ? 100 ASN A CG  1 
ATOM   757  O OD1 . ASN A 1 121 ? 7.728   -9.588  9.425   1.00 33.20 ? 100 ASN A OD1 1 
ATOM   758  N ND2 . ASN A 1 121 ? 6.646   -11.487 8.954   1.00 37.63 ? 100 ASN A ND2 1 
ATOM   759  N N   . ARG A 1 122 ? 11.408  -11.351 6.152   1.00 28.47 ? 101 ARG A N   1 
ATOM   760  C CA  . ARG A 1 122 ? 12.720  -11.898 5.818   1.00 31.42 ? 101 ARG A CA  1 
ATOM   761  C C   . ARG A 1 122 ? 13.714  -10.766 5.607   1.00 31.73 ? 101 ARG A C   1 
ATOM   762  O O   . ARG A 1 122 ? 14.799  -10.753 6.182   1.00 30.36 ? 101 ARG A O   1 
ATOM   763  C CB  . ARG A 1 122 ? 12.637  -12.754 4.554   1.00 27.14 ? 101 ARG A CB  1 
ATOM   764  C CG  . ARG A 1 122 ? 13.947  -13.438 4.177   1.00 31.70 ? 101 ARG A CG  1 
ATOM   765  C CD  . ARG A 1 122 ? 13.831  -14.143 2.809   1.00 31.35 ? 101 ARG A CD  1 
ATOM   766  N NE  . ARG A 1 122 ? 14.318  -13.278 1.736   1.00 36.64 ? 101 ARG A NE  1 
ATOM   767  C CZ  . ARG A 1 122 ? 13.531  -12.564 0.951   1.00 37.01 ? 101 ARG A CZ  1 
ATOM   768  N NH1 . ARG A 1 122 ? 12.221  -12.628 1.121   1.00 42.35 ? 101 ARG A NH1 1 
ATOM   769  N NH2 . ARG A 1 122 ? 14.044  -11.792 -0.005  1.00 35.93 ? 101 ARG A NH2 1 
ATOM   770  N N   . LYS A 1 123 ? 13.332  -9.813  4.769   1.00 30.07 ? 102 LYS A N   1 
ATOM   771  C CA  . LYS A 1 123 ? 14.155  -8.635  4.522   1.00 31.04 ? 102 LYS A CA  1 
ATOM   772  C C   . LYS A 1 123 ? 14.434  -7.816  5.784   1.00 32.11 ? 102 LYS A C   1 
ATOM   773  O O   . LYS A 1 123 ? 15.541  -7.301  5.965   1.00 31.36 ? 102 LYS A O   1 
ATOM   774  C CB  . LYS A 1 123 ? 13.487  -7.739  3.481   1.00 29.25 ? 102 LYS A CB  1 
ATOM   775  C CG  . LYS A 1 123 ? 13.379  -8.353  2.097   1.00 27.38 ? 102 LYS A CG  1 
ATOM   776  C CD  . LYS A 1 123 ? 12.387  -7.549  1.274   1.00 35.15 ? 102 LYS A CD  1 
ATOM   777  C CE  . LYS A 1 123 ? 12.974  -7.118  -0.052  1.00 40.25 ? 102 LYS A CE  1 
ATOM   778  N NZ  . LYS A 1 123 ? 13.036  -8.239  -0.996  1.00 33.63 ? 102 LYS A NZ  1 
ATOM   779  N N   . SER A 1 124 ? 13.432  -7.689  6.648   1.00 27.81 ? 103 SER A N   1 
ATOM   780  C CA  . SER A 1 124 ? 13.570  -6.871  7.846   1.00 31.19 ? 103 SER A CA  1 
ATOM   781  C C   . SER A 1 124 ? 14.584  -7.458  8.822   1.00 34.53 ? 103 SER A C   1 
ATOM   782  O O   . SER A 1 124 ? 15.197  -6.735  9.611   1.00 32.61 ? 103 SER A O   1 
ATOM   783  C CB  . SER A 1 124 ? 12.216  -6.701  8.545   1.00 32.59 ? 103 SER A CB  1 
ATOM   784  O OG  . SER A 1 124 ? 11.923  -7.809  9.376   1.00 36.54 ? 103 SER A OG  1 
ATOM   785  N N   . ASN A 1 125 ? 14.758  -8.771  8.784   1.00 32.94 ? 104 ASN A N   1 
ATOM   786  C CA  . ASN A 1 125 ? 15.718  -9.394  9.680   1.00 34.13 ? 104 ASN A CA  1 
ATOM   787  C C   . ASN A 1 125 ? 17.153  -9.288  9.165   1.00 32.81 ? 104 ASN A C   1 
ATOM   788  O O   . ASN A 1 125 ? 18.093  -9.665  9.860   1.00 38.81 ? 104 ASN A O   1 
ATOM   789  C CB  . ASN A 1 125 ? 15.312  -10.838 10.006  1.00 34.51 ? 104 ASN A CB  1 
ATOM   790  C CG  . ASN A 1 125 ? 14.093  -10.903 10.918  1.00 36.93 ? 104 ASN A CG  1 
ATOM   791  O OD1 . ASN A 1 125 ? 13.971  -10.122 11.859  1.00 45.94 ? 104 ASN A OD1 1 
ATOM   792  N ND2 . ASN A 1 125 ? 13.178  -11.826 10.630  1.00 43.36 ? 104 ASN A ND2 1 
ATOM   793  N N   . GLN A 1 126 ? 17.327  -8.751  7.963   1.00 31.55 ? 105 GLN A N   1 
ATOM   794  C CA  . GLN A 1 126 ? 18.668  -8.581  7.394   1.00 33.84 ? 105 GLN A CA  1 
ATOM   795  C C   . GLN A 1 126 ? 19.223  -7.177  7.669   1.00 39.97 ? 105 GLN A C   1 
ATOM   796  O O   . GLN A 1 126 ? 20.286  -6.790  7.177   1.00 44.18 ? 105 GLN A O   1 
ATOM   797  C CB  . GLN A 1 126 ? 18.643  -8.838  5.890   1.00 36.13 ? 105 GLN A CB  1 
ATOM   798  C CG  . GLN A 1 126 ? 18.011  -10.161 5.505   1.00 37.41 ? 105 GLN A CG  1 
ATOM   799  C CD  . GLN A 1 126 ? 18.174  -10.502 4.026   1.00 44.56 ? 105 GLN A CD  1 
ATOM   800  O OE1 . GLN A 1 126 ? 18.745  -11.541 3.683   1.00 51.14 ? 105 GLN A OE1 1 
ATOM   801  N NE2 . GLN A 1 126 ? 17.671  -9.633  3.142   1.00 42.99 ? 105 GLN A NE2 1 
ATOM   802  N N   . VAL A 1 127 ? 18.496  -6.436  8.490   1.00 37.66 ? 106 VAL A N   1 
ATOM   803  C CA  . VAL A 1 127 ? 18.700  -5.006  8.643   1.00 39.96 ? 106 VAL A CA  1 
ATOM   804  C C   . VAL A 1 127 ? 18.934  -4.687  10.129  1.00 38.24 ? 106 VAL A C   1 
ATOM   805  O O   . VAL A 1 127 ? 18.355  -5.328  11.005  1.00 36.94 ? 106 VAL A O   1 
ATOM   806  C CB  . VAL A 1 127 ? 17.466  -4.273  8.035   1.00 37.76 ? 106 VAL A CB  1 
ATOM   807  C CG1 . VAL A 1 127 ? 16.759  -3.399  9.039   1.00 35.63 ? 106 VAL A CG1 1 
ATOM   808  C CG2 . VAL A 1 127 ? 17.832  -3.555  6.743   1.00 39.62 ? 106 VAL A CG2 1 
ATOM   809  N N   . LYS A 1 128 ? 19.810  -3.727  10.413  1.00 37.08 ? 107 LYS A N   1 
ATOM   810  C CA  . LYS A 1 128 ? 20.120  -3.374  11.801  1.00 41.71 ? 107 LYS A CA  1 
ATOM   811  C C   . LYS A 1 128 ? 18.940  -2.668  12.464  1.00 36.88 ? 107 LYS A C   1 
ATOM   812  O O   . LYS A 1 128 ? 18.506  -3.043  13.553  1.00 38.01 ? 107 LYS A O   1 
ATOM   813  C CB  . LYS A 1 128 ? 21.366  -2.474  11.866  1.00 43.47 ? 107 LYS A CB  1 
ATOM   814  C CG  . LYS A 1 128 ? 22.308  -2.753  13.039  1.00 53.64 ? 107 LYS A CG  1 
ATOM   815  C CD  . LYS A 1 128 ? 23.758  -2.968  12.556  1.00 58.76 ? 107 LYS A CD  1 
ATOM   816  C CE  . LYS A 1 128 ? 24.406  -1.664  12.058  1.00 55.21 ? 107 LYS A CE  1 
ATOM   817  N NZ  . LYS A 1 128 ? 25.529  -1.905  11.082  1.00 41.87 ? 107 LYS A NZ  1 
ATOM   818  N N   . THR A 1 129 ? 18.433  -1.636  11.798  1.00 36.95 ? 108 THR A N   1 
ATOM   819  C CA  . THR A 1 129 ? 17.369  -0.804  12.351  1.00 38.02 ? 108 THR A CA  1 
ATOM   820  C C   . THR A 1 129 ? 16.027  -1.055  11.655  1.00 34.67 ? 108 THR A C   1 
ATOM   821  O O   . THR A 1 129 ? 15.880  -0.822  10.461  1.00 32.20 ? 108 THR A O   1 
ATOM   822  C CB  . THR A 1 129 ? 17.727  0.688   12.239  1.00 35.99 ? 108 THR A CB  1 
ATOM   823  O OG1 . THR A 1 129 ? 18.977  0.930   12.902  1.00 36.05 ? 108 THR A OG1 1 
ATOM   824  C CG2 . THR A 1 129 ? 16.645  1.553   12.871  1.00 37.10 ? 108 THR A CG2 1 
ATOM   825  N N   . CYS A 1 130 ? 15.050  -1.546  12.403  1.00 35.69 ? 109 CYS A N   1 
ATOM   826  C CA  . CYS A 1 130 ? 13.715  -1.722  11.849  1.00 34.16 ? 109 CYS A CA  1 
ATOM   827  C C   . CYS A 1 130 ? 12.716  -1.004  12.739  1.00 34.51 ? 109 CYS A C   1 
ATOM   828  O O   . CYS A 1 130 ? 12.173  -1.586  13.681  1.00 35.10 ? 109 CYS A O   1 
ATOM   829  C CB  . CYS A 1 130 ? 13.366  -3.208  11.676  1.00 36.81 ? 109 CYS A CB  1 
ATOM   830  S SG  . CYS A 1 130 ? 11.748  -3.538  10.863  1.00 34.91 ? 109 CYS A SG  1 
ATOM   831  N N   . LYS A 1 131 ? 12.521  0.280   12.454  1.00 34.33 ? 110 LYS A N   1 
ATOM   832  C CA  . LYS A 1 131 ? 11.515  1.092   13.122  1.00 33.24 ? 110 LYS A CA  1 
ATOM   833  C C   . LYS A 1 131 ? 10.128  0.593   12.759  1.00 34.95 ? 110 LYS A C   1 
ATOM   834  O O   . LYS A 1 131 ? 9.225   0.554   13.601  1.00 33.41 ? 110 LYS A O   1 
ATOM   835  C CB  . LYS A 1 131 ? 11.639  2.565   12.711  1.00 31.54 ? 110 LYS A CB  1 
ATOM   836  C CG  . LYS A 1 131 ? 10.606  3.476   13.387  1.00 36.15 ? 110 LYS A CG  1 
ATOM   837  C CD  . LYS A 1 131 ? 10.857  4.970   13.142  1.00 36.18 ? 110 LYS A CD  1 
ATOM   838  C CE  . LYS A 1 131 ? 10.489  5.396   11.721  1.00 34.32 ? 110 LYS A CE  1 
ATOM   839  N NZ  . LYS A 1 131 ? 10.683  6.882   11.494  1.00 36.36 ? 110 LYS A NZ  1 
ATOM   840  N N   . ALA A 1 132 ? 9.970   0.206   11.496  1.00 30.68 ? 111 ALA A N   1 
ATOM   841  C CA  . ALA A 1 132 ? 8.648   -0.062  10.939  1.00 32.86 ? 111 ALA A CA  1 
ATOM   842  C C   . ALA A 1 132 ? 7.908   -1.182  11.645  1.00 30.89 ? 111 ALA A C   1 
ATOM   843  O O   . ALA A 1 132 ? 8.492   -2.221  11.949  1.00 29.97 ? 111 ALA A O   1 
ATOM   844  C CB  . ALA A 1 132 ? 8.754   -0.376  9.460   1.00 29.42 ? 111 ALA A CB  1 
ATOM   845  N N   . LYS A 1 133 ? 6.624   -0.947  11.907  1.00 30.86 ? 112 LYS A N   1 
ATOM   846  C CA  . LYS A 1 133 ? 5.669   -2.012  12.217  1.00 31.55 ? 112 LYS A CA  1 
ATOM   847  C C   . LYS A 1 133 ? 5.185   -2.584  10.897  1.00 31.75 ? 112 LYS A C   1 
ATOM   848  O O   . LYS A 1 133 ? 4.611   -1.854  10.073  1.00 32.27 ? 112 LYS A O   1 
ATOM   849  C CB  . LYS A 1 133 ? 4.457   -1.454  12.972  1.00 30.56 ? 112 LYS A CB  1 
ATOM   850  C CG  . LYS A 1 133 ? 4.722   -1.163  14.447  1.00 43.46 ? 112 LYS A CG  1 
ATOM   851  C CD  . LYS A 1 133 ? 3.547   -1.682  15.274  1.00 50.78 ? 112 LYS A CD  1 
ATOM   852  C CE  . LYS A 1 133 ? 3.007   -2.981  14.662  1.00 51.86 ? 112 LYS A CE  1 
ATOM   853  N NZ  . LYS A 1 133 ? 1.864   -3.578  15.417  1.00 56.06 ? 112 LYS A NZ  1 
ATOM   854  N N   . ILE A 1 134 ? 5.419   -3.878  10.697  1.00 27.61 ? 113 ILE A N   1 
ATOM   855  C CA  . ILE A 1 134 ? 5.070   -4.540  9.446   1.00 27.93 ? 113 ILE A CA  1 
ATOM   856  C C   . ILE A 1 134 ? 3.818   -5.387  9.648   1.00 31.69 ? 113 ILE A C   1 
ATOM   857  O O   . ILE A 1 134 ? 3.796   -6.277  10.500  1.00 31.09 ? 113 ILE A O   1 
ATOM   858  C CB  . ILE A 1 134 ? 6.222   -5.437  8.960   1.00 28.18 ? 113 ILE A CB  1 
ATOM   859  C CG1 . ILE A 1 134 ? 7.525   -4.633  8.910   1.00 29.34 ? 113 ILE A CG1 1 
ATOM   860  C CG2 . ILE A 1 134 ? 5.884   -6.050  7.605   1.00 30.56 ? 113 ILE A CG2 1 
ATOM   861  C CD1 . ILE A 1 134 ? 8.761   -5.459  8.611   1.00 29.63 ? 113 ILE A CD1 1 
ATOM   862  N N   . GLU A 1 135 ? 2.773   -5.106  8.878   1.00 27.16 ? 114 GLU A N   1 
ATOM   863  C CA  . GLU A 1 135 ? 1.526   -5.855  9.005   1.00 30.87 ? 114 GLU A CA  1 
ATOM   864  C C   . GLU A 1 135 ? 0.692   -5.806  7.740   1.00 31.32 ? 114 GLU A C   1 
ATOM   865  O O   . GLU A 1 135 ? 0.955   -5.017  6.837   1.00 30.66 ? 114 GLU A O   1 
ATOM   866  C CB  . GLU A 1 135 ? 0.697   -5.324  10.171  1.00 35.12 ? 114 GLU A CB  1 
ATOM   867  C CG  . GLU A 1 135 ? 0.714   -3.811  10.306  1.00 37.84 ? 114 GLU A CG  1 
ATOM   868  C CD  . GLU A 1 135 ? -0.043  -3.320  11.539  1.00 39.49 ? 114 GLU A CD  1 
ATOM   869  O OE1 . GLU A 1 135 ? -0.124  -2.092  11.739  1.00 37.42 ? 114 GLU A OE1 1 
ATOM   870  O OE2 . GLU A 1 135 ? -0.571  -4.161  12.302  1.00 42.77 ? 114 GLU A OE2 1 
ATOM   871  N N   . LEU A 1 136 ? -0.331  -6.651  7.693   1.00 26.52 ? 115 LEU A N   1 
ATOM   872  C CA  . LEU A 1 136 ? -1.248  -6.673  6.571   1.00 26.08 ? 115 LEU A CA  1 
ATOM   873  C C   . LEU A 1 136 ? -2.168  -5.478  6.672   1.00 30.35 ? 115 LEU A C   1 
ATOM   874  O O   . LEU A 1 136 ? -2.715  -5.186  7.744   1.00 28.97 ? 115 LEU A O   1 
ATOM   875  C CB  . LEU A 1 136 ? -2.078  -7.952  6.606   1.00 28.37 ? 115 LEU A CB  1 
ATOM   876  C CG  . LEU A 1 136 ? -1.333  -9.283  6.524   1.00 28.50 ? 115 LEU A CG  1 
ATOM   877  C CD1 . LEU A 1 136 ? -2.270  -10.407 6.938   1.00 32.96 ? 115 LEU A CD1 1 
ATOM   878  C CD2 . LEU A 1 136 ? -0.819  -9.502  5.102   1.00 28.59 ? 115 LEU A CD2 1 
ATOM   879  N N   . LEU A 1 137 ? -2.329  -4.774  5.563   1.00 24.75 ? 116 LEU A N   1 
ATOM   880  C CA  . LEU A 1 137 ? -3.257  -3.656  5.525   1.00 26.76 ? 116 LEU A CA  1 
ATOM   881  C C   . LEU A 1 137 ? -4.668  -4.140  5.905   1.00 28.95 ? 116 LEU A C   1 
ATOM   882  O O   . LEU A 1 137 ? -5.422  -3.440  6.602   1.00 31.20 ? 116 LEU A O   1 
ATOM   883  C CB  . LEU A 1 137 ? -3.274  -3.060  4.118   1.00 26.14 ? 116 LEU A CB  1 
ATOM   884  C CG  . LEU A 1 137 ? -4.315  -1.969  3.878   1.00 28.85 ? 116 LEU A CG  1 
ATOM   885  C CD1 . LEU A 1 137 ? -4.161  -0.857  4.896   1.00 26.91 ? 116 LEU A CD1 1 
ATOM   886  C CD2 . LEU A 1 137 ? -4.190  -1.436  2.447   1.00 25.94 ? 116 LEU A CD2 1 
ATOM   887  N N   . GLY A 1 138 ? -5.006  -5.343  5.459   1.00 27.72 ? 117 GLY A N   1 
ATOM   888  C CA  . GLY A 1 138 ? -6.323  -5.916  5.693   1.00 31.89 ? 117 GLY A CA  1 
ATOM   889  C C   . GLY A 1 138 ? -6.626  -6.187  7.156   1.00 32.63 ? 117 GLY A C   1 
ATOM   890  O O   . GLY A 1 138 ? -7.780  -6.427  7.527   1.00 31.05 ? 117 GLY A O   1 
ATOM   891  N N   . SER A 1 139 ? -5.594  -6.169  7.991   1.00 30.40 ? 118 SER A N   1 
ATOM   892  C CA  . SER A 1 139 ? -5.794  -6.373  9.416   1.00 34.49 ? 118 SER A CA  1 
ATOM   893  C C   . SER A 1 139 ? -6.530  -5.174  10.029  1.00 34.73 ? 118 SER A C   1 
ATOM   894  O O   . SER A 1 139 ? -6.901  -5.188  11.207  1.00 33.65 ? 118 SER A O   1 
ATOM   895  C CB  . SER A 1 139 ? -4.461  -6.626  10.124  1.00 33.59 ? 118 SER A CB  1 
ATOM   896  O OG  . SER A 1 139 ? -3.685  -5.443  10.218  1.00 35.75 ? 118 SER A OG  1 
ATOM   897  N N   . TYR A 1 140 ? -6.723  -4.132  9.222   1.00 32.75 ? 119 TYR A N   1 
ATOM   898  C CA  . TYR A 1 140 ? -7.440  -2.937  9.672   1.00 35.48 ? 119 TYR A CA  1 
ATOM   899  C C   . TYR A 1 140 ? -8.889  -2.915  9.191   1.00 36.40 ? 119 TYR A C   1 
ATOM   900  O O   . TYR A 1 140 ? -9.662  -2.034  9.588   1.00 36.82 ? 119 TYR A O   1 
ATOM   901  C CB  . TYR A 1 140 ? -6.739  -1.662  9.196   1.00 32.00 ? 119 TYR A CB  1 
ATOM   902  C CG  . TYR A 1 140 ? -5.496  -1.340  9.979   1.00 30.36 ? 119 TYR A CG  1 
ATOM   903  C CD1 . TYR A 1 140 ? -4.260  -1.795  9.553   1.00 29.61 ? 119 TYR A CD1 1 
ATOM   904  C CD2 . TYR A 1 140 ? -5.558  -0.596  11.153  1.00 32.62 ? 119 TYR A CD2 1 
ATOM   905  C CE1 . TYR A 1 140 ? -3.122  -1.527  10.257  1.00 29.75 ? 119 TYR A CE1 1 
ATOM   906  C CE2 . TYR A 1 140 ? -4.416  -0.319  11.879  1.00 30.91 ? 119 TYR A CE2 1 
ATOM   907  C CZ  . TYR A 1 140 ? -3.196  -0.791  11.417  1.00 33.28 ? 119 TYR A CZ  1 
ATOM   908  O OH  . TYR A 1 140 ? -2.039  -0.541  12.099  1.00 31.33 ? 119 TYR A OH  1 
ATOM   909  N N   . ASP A 1 141 ? -9.246  -3.859  8.325   1.00 34.32 ? 120 ASP A N   1 
ATOM   910  C CA  . ASP A 1 141 ? -10.589 -3.882  7.743   1.00 36.36 ? 120 ASP A CA  1 
ATOM   911  C C   . ASP A 1 141 ? -11.614 -4.197  8.830   1.00 39.19 ? 120 ASP A C   1 
ATOM   912  O O   . ASP A 1 141 ? -11.508 -5.220  9.507   1.00 39.55 ? 120 ASP A O   1 
ATOM   913  C CB  . ASP A 1 141 ? -10.668 -4.916  6.616   1.00 36.97 ? 120 ASP A CB  1 
ATOM   914  C CG  . ASP A 1 141 ? -12.017 -4.912  5.895   1.00 36.27 ? 120 ASP A CG  1 
ATOM   915  O OD1 . ASP A 1 141 ? -12.840 -4.006  6.126   1.00 37.00 ? 120 ASP A OD1 1 
ATOM   916  O OD2 . ASP A 1 141 ? -12.248 -5.816  5.071   1.00 41.94 ? 120 ASP A OD2 1 
ATOM   917  N N   . PRO A 1 142 ? -12.599 -3.304  9.019   1.00 39.04 ? 121 PRO A N   1 
ATOM   918  C CA  . PRO A 1 142 ? -13.701 -3.624  9.938   1.00 39.41 ? 121 PRO A CA  1 
ATOM   919  C C   . PRO A 1 142 ? -14.448 -4.867  9.461   1.00 40.98 ? 121 PRO A C   1 
ATOM   920  O O   . PRO A 1 142 ? -14.967 -5.624  10.283  1.00 42.67 ? 121 PRO A O   1 
ATOM   921  C CB  . PRO A 1 142 ? -14.614 -2.393  9.837   1.00 42.12 ? 121 PRO A CB  1 
ATOM   922  C CG  . PRO A 1 142 ? -13.720 -1.290  9.351   1.00 43.38 ? 121 PRO A CG  1 
ATOM   923  C CD  . PRO A 1 142 ? -12.727 -1.955  8.441   1.00 40.45 ? 121 PRO A CD  1 
ATOM   924  N N   . GLN A 1 143 ? -14.488 -5.073  8.146   1.00 42.59 ? 122 GLN A N   1 
ATOM   925  C CA  . GLN A 1 143 ? -15.213 -6.197  7.550   1.00 43.52 ? 122 GLN A CA  1 
ATOM   926  C C   . GLN A 1 143 ? -14.401 -7.491  7.520   1.00 42.55 ? 122 GLN A C   1 
ATOM   927  O O   . GLN A 1 143 ? -14.845 -8.498  6.966   1.00 47.69 ? 122 GLN A O   1 
ATOM   928  C CB  . GLN A 1 143 ? -15.669 -5.853  6.130   1.00 43.82 ? 122 GLN A CB  1 
ATOM   929  C CG  . GLN A 1 143 ? -16.694 -4.730  6.042   1.00 46.26 ? 122 GLN A CG  1 
ATOM   930  C CD  . GLN A 1 143 ? -17.281 -4.597  4.646   1.00 48.73 ? 122 GLN A CD  1 
ATOM   931  O OE1 . GLN A 1 143 ? -17.058 -5.451  3.780   1.00 53.48 ? 122 GLN A OE1 1 
ATOM   932  N NE2 . GLN A 1 143 ? -18.035 -3.524  4.419   1.00 50.79 ? 122 GLN A NE2 1 
ATOM   933  N N   . LYS A 1 144 ? -13.199 -7.447  8.083   1.00 40.87 ? 123 LYS A N   1 
ATOM   934  C CA  . LYS A 1 144 ? -12.354 -8.629  8.225   1.00 40.10 ? 123 LYS A CA  1 
ATOM   935  C C   . LYS A 1 144 ? -11.973 -9.356  6.921   1.00 42.11 ? 123 LYS A C   1 
ATOM   936  O O   . LYS A 1 144 ? -11.666 -10.547 6.953   1.00 40.86 ? 123 LYS A O   1 
ATOM   937  C CB  . LYS A 1 144 ? -12.993 -9.620  9.206   1.00 46.69 ? 123 LYS A CB  1 
ATOM   938  C CG  . LYS A 1 144 ? -13.312 -9.029  10.575  1.00 49.33 ? 123 LYS A CG  1 
ATOM   939  C CD  . LYS A 1 144 ? -12.056 -8.630  11.320  1.00 49.90 ? 123 LYS A CD  1 
ATOM   940  C CE  . LYS A 1 144 ? -12.358 -8.316  12.778  1.00 57.54 ? 123 LYS A CE  1 
ATOM   941  N NZ  . LYS A 1 144 ? -11.117 -7.992  13.535  1.00 62.03 ? 123 LYS A NZ  1 
ATOM   942  N N   . GLN A 1 145 ? -11.984 -8.647  5.792   1.00 37.65 ? 124 GLN A N   1 
ATOM   943  C CA  . GLN A 1 145 ? -11.464 -9.192  4.541   1.00 40.16 ? 124 GLN A CA  1 
ATOM   944  C C   . GLN A 1 145 ? -9.941  -9.081  4.602   1.00 39.19 ? 124 GLN A C   1 
ATOM   945  O O   . GLN A 1 145 ? -9.346  -8.130  4.087   1.00 38.20 ? 124 GLN A O   1 
ATOM   946  C CB  . GLN A 1 145 ? -12.015 -8.413  3.341   1.00 39.30 ? 124 GLN A CB  1 
ATOM   947  C CG  . GLN A 1 145 ? -13.021 -9.162  2.480   1.00 48.75 ? 124 GLN A CG  1 
ATOM   948  C CD  . GLN A 1 145 ? -13.148 -8.566  1.070   1.00 49.29 ? 124 GLN A CD  1 
ATOM   949  O OE1 . GLN A 1 145 ? -13.540 -7.402  0.900   1.00 41.28 ? 124 GLN A OE1 1 
ATOM   950  N NE2 . GLN A 1 145 ? -12.818 -9.373  0.050   1.00 46.01 ? 124 GLN A NE2 1 
ATOM   951  N N   . LEU A 1 146 ? -9.320  -10.050 5.260   1.00 31.28 ? 125 LEU A N   1 
ATOM   952  C CA  . LEU A 1 146 ? -7.913  -9.983  5.629   1.00 36.01 ? 125 LEU A CA  1 
ATOM   953  C C   . LEU A 1 146 ? -6.937  -9.760  4.467   1.00 33.62 ? 125 LEU A C   1 
ATOM   954  O O   . LEU A 1 146 ? -6.007  -8.966  4.582   1.00 33.89 ? 125 LEU A O   1 
ATOM   955  C CB  . LEU A 1 146 ? -7.534  -11.268 6.365   1.00 36.00 ? 125 LEU A CB  1 
ATOM   956  C CG  . LEU A 1 146 ? -6.517  -11.282 7.504   1.00 41.24 ? 125 LEU A CG  1 
ATOM   957  C CD1 . LEU A 1 146 ? -5.431  -12.329 7.216   1.00 43.09 ? 125 LEU A CD1 1 
ATOM   958  C CD2 . LEU A 1 146 ? -5.920  -9.900  7.834   1.00 37.76 ? 125 LEU A CD2 1 
ATOM   959  N N   . ILE A 1 147 ? -7.125  -10.481 3.369   1.00 29.94 ? 126 ILE A N   1 
ATOM   960  C CA  . ILE A 1 147 ? -6.148  -10.473 2.273   1.00 30.46 ? 126 ILE A CA  1 
ATOM   961  C C   . ILE A 1 147 ? -6.606  -9.586  1.121   1.00 31.92 ? 126 ILE A C   1 
ATOM   962  O O   . ILE A 1 147 ? -7.750  -9.669  0.682   1.00 28.76 ? 126 ILE A O   1 
ATOM   963  C CB  . ILE A 1 147 ? -5.915  -11.889 1.714   1.00 31.16 ? 126 ILE A CB  1 
ATOM   964  C CG1 . ILE A 1 147 ? -5.536  -12.859 2.840   1.00 36.66 ? 126 ILE A CG1 1 
ATOM   965  C CG2 . ILE A 1 147 ? -4.841  -11.875 0.607   1.00 31.52 ? 126 ILE A CG2 1 
ATOM   966  C CD1 . ILE A 1 147 ? -4.284  -12.471 3.609   1.00 29.76 ? 126 ILE A CD1 1 
ATOM   967  N N   . ILE A 1 148 ? -5.708  -8.737  0.634   1.00 28.56 ? 127 ILE A N   1 
ATOM   968  C CA  . ILE A 1 148 ? -5.978  -7.978  -0.578  1.00 27.49 ? 127 ILE A CA  1 
ATOM   969  C C   . ILE A 1 148 ? -5.302  -8.708  -1.727  1.00 28.15 ? 127 ILE A C   1 
ATOM   970  O O   . ILE A 1 148 ? -4.072  -8.653  -1.894  1.00 25.11 ? 127 ILE A O   1 
ATOM   971  C CB  . ILE A 1 148 ? -5.531  -6.510  -0.427  1.00 28.13 ? 127 ILE A CB  1 
ATOM   972  C CG1 . ILE A 1 148 ? -6.345  -5.858  0.702   1.00 28.87 ? 127 ILE A CG1 1 
ATOM   973  C CG2 . ILE A 1 148 ? -5.711  -5.760  -1.741  1.00 28.50 ? 127 ILE A CG2 1 
ATOM   974  C CD1 . ILE A 1 148 ? -5.776  -4.567  1.257   1.00 28.85 ? 127 ILE A CD1 1 
ATOM   975  N N   . GLU A 1 149 ? -6.114  -9.442  -2.487  1.00 27.85 ? 128 GLU A N   1 
ATOM   976  C CA  . GLU A 1 149 ? -5.602  -10.388 -3.464  1.00 30.11 ? 128 GLU A CA  1 
ATOM   977  C C   . GLU A 1 149 ? -5.116  -9.717  -4.731  1.00 28.89 ? 128 GLU A C   1 
ATOM   978  O O   . GLU A 1 149 ? -5.715  -8.758  -5.205  1.00 27.04 ? 128 GLU A O   1 
ATOM   979  C CB  . GLU A 1 149 ? -6.673  -11.407 -3.834  1.00 32.29 ? 128 GLU A CB  1 
ATOM   980  C CG  . GLU A 1 149 ? -7.396  -11.965 -2.630  1.00 35.21 ? 128 GLU A CG  1 
ATOM   981  C CD  . GLU A 1 149 ? -7.493  -13.464 -2.677  1.00 53.36 ? 128 GLU A CD  1 
ATOM   982  O OE1 . GLU A 1 149 ? -8.445  -13.972 -3.312  1.00 51.00 ? 128 GLU A OE1 1 
ATOM   983  O OE2 . GLU A 1 149 ? -6.612  -14.127 -2.081  1.00 56.14 ? 128 GLU A OE2 1 
ATOM   984  N N   . ASP A 1 150 ? -4.048  -10.268 -5.291  1.00 26.88 ? 129 ASP A N   1 
ATOM   985  C CA  . ASP A 1 150 ? -3.492  -9.775  -6.543  1.00 27.05 ? 129 ASP A CA  1 
ATOM   986  C C   . ASP A 1 150 ? -4.557  -9.823  -7.647  1.00 27.52 ? 129 ASP A C   1 
ATOM   987  O O   . ASP A 1 150 ? -5.065  -10.897 -7.968  1.00 26.80 ? 129 ASP A O   1 
ATOM   988  C CB  . ASP A 1 150 ? -2.301  -10.657 -6.918  1.00 23.48 ? 129 ASP A CB  1 
ATOM   989  C CG  . ASP A 1 150 ? -1.493  -10.089 -8.064  1.00 29.25 ? 129 ASP A CG  1 
ATOM   990  O OD1 . ASP A 1 150 ? -1.978  -9.172  -8.761  1.00 26.27 ? 129 ASP A OD1 1 
ATOM   991  O OD2 . ASP A 1 150 ? -0.366  -10.577 -8.267  1.00 29.86 ? 129 ASP A OD2 1 
ATOM   992  N N   . PRO A 1 151 ? -4.902  -8.659  -8.239  1.00 25.45 ? 130 PRO A N   1 
ATOM   993  C CA  . PRO A 1 151 ? -5.917  -8.645  -9.302  1.00 23.77 ? 130 PRO A CA  1 
ATOM   994  C C   . PRO A 1 151 ? -5.316  -8.721  -10.710 1.00 27.55 ? 130 PRO A C   1 
ATOM   995  O O   . PRO A 1 151 ? -6.049  -8.555  -11.687 1.00 26.92 ? 130 PRO A O   1 
ATOM   996  C CB  . PRO A 1 151 ? -6.547  -7.268  -9.126  1.00 27.16 ? 130 PRO A CB  1 
ATOM   997  C CG  . PRO A 1 151 ? -5.351  -6.394  -8.744  1.00 25.08 ? 130 PRO A CG  1 
ATOM   998  C CD  . PRO A 1 151 ? -4.465  -7.293  -7.878  1.00 23.73 ? 130 PRO A CD  1 
ATOM   999  N N   . TYR A 1 152 ? -4.011  -8.959  -10.821 1.00 24.33 ? 131 TYR A N   1 
ATOM   1000 C CA  . TYR A 1 152 ? -3.351  -8.869  -12.121 1.00 26.99 ? 131 TYR A CA  1 
ATOM   1001 C C   . TYR A 1 152 ? -3.975  -9.801  -13.150 1.00 24.58 ? 131 TYR A C   1 
ATOM   1002 O O   . TYR A 1 152 ? -4.204  -9.406  -14.290 1.00 26.79 ? 131 TYR A O   1 
ATOM   1003 C CB  . TYR A 1 152 ? -1.854  -9.157  -11.996 1.00 26.74 ? 131 TYR A CB  1 
ATOM   1004 C CG  . TYR A 1 152 ? -1.070  -9.010  -13.289 1.00 28.49 ? 131 TYR A CG  1 
ATOM   1005 C CD1 . TYR A 1 152 ? -0.678  -7.754  -13.760 1.00 27.31 ? 131 TYR A CD1 1 
ATOM   1006 C CD2 . TYR A 1 152 ? -0.703  -10.130 -14.027 1.00 29.95 ? 131 TYR A CD2 1 
ATOM   1007 C CE1 . TYR A 1 152 ? 0.057   -7.627  -14.932 1.00 29.60 ? 131 TYR A CE1 1 
ATOM   1008 C CE2 . TYR A 1 152 ? 0.025   -10.014 -15.194 1.00 30.80 ? 131 TYR A CE2 1 
ATOM   1009 C CZ  . TYR A 1 152 ? 0.405   -8.764  -15.643 1.00 34.83 ? 131 TYR A CZ  1 
ATOM   1010 O OH  . TYR A 1 152 ? 1.137   -8.674  -16.810 1.00 33.15 ? 131 TYR A OH  1 
ATOM   1011 N N   . TYR A 1 153 ? -4.242  -11.042 -12.752 1.00 28.59 ? 132 TYR A N   1 
ATOM   1012 C CA  . TYR A 1 153 ? -4.845  -12.014 -13.661 1.00 24.70 ? 132 TYR A CA  1 
ATOM   1013 C C   . TYR A 1 153 ? -6.367  -12.007 -13.578 1.00 32.12 ? 132 TYR A C   1 
ATOM   1014 O O   . TYR A 1 153 ? -7.033  -12.904 -14.115 1.00 33.34 ? 132 TYR A O   1 
ATOM   1015 C CB  . TYR A 1 153 ? -4.276  -13.424 -13.429 1.00 29.85 ? 132 TYR A CB  1 
ATOM   1016 C CG  . TYR A 1 153 ? -2.852  -13.537 -13.935 1.00 27.08 ? 132 TYR A CG  1 
ATOM   1017 C CD1 . TYR A 1 153 ? -2.592  -13.562 -15.296 1.00 28.98 ? 132 TYR A CD1 1 
ATOM   1018 C CD2 . TYR A 1 153 ? -1.774  -13.565 -13.056 1.00 28.01 ? 132 TYR A CD2 1 
ATOM   1019 C CE1 . TYR A 1 153 ? -1.313  -13.638 -15.772 1.00 27.18 ? 132 TYR A CE1 1 
ATOM   1020 C CE2 . TYR A 1 153 ? -0.476  -13.637 -13.532 1.00 27.08 ? 132 TYR A CE2 1 
ATOM   1021 C CZ  . TYR A 1 153 ? -0.261  -13.673 -14.894 1.00 28.09 ? 132 TYR A CZ  1 
ATOM   1022 O OH  . TYR A 1 153 ? 1.009   -13.743 -15.394 1.00 28.73 ? 132 TYR A OH  1 
ATOM   1023 N N   . GLY A 1 154 ? -6.905  -10.982 -12.919 1.00 27.99 ? 133 GLY A N   1 
ATOM   1024 C CA  . GLY A 1 154 ? -8.344  -10.823 -12.781 1.00 29.63 ? 133 GLY A CA  1 
ATOM   1025 C C   . GLY A 1 154 ? -8.907  -9.830  -13.782 1.00 31.57 ? 133 GLY A C   1 
ATOM   1026 O O   . GLY A 1 154 ? -8.349  -9.622  -14.864 1.00 33.78 ? 133 GLY A O   1 
ATOM   1027 N N   . ASN A 1 155 ? -10.020 -9.205  -13.427 1.00 31.58 ? 134 ASN A N   1 
ATOM   1028 C CA  . ASN A 1 155 ? -10.610 -8.193  -14.300 1.00 35.87 ? 134 ASN A CA  1 
ATOM   1029 C C   . ASN A 1 155 ? -10.926 -6.904  -13.543 1.00 32.63 ? 134 ASN A C   1 
ATOM   1030 O O   . ASN A 1 155 ? -10.530 -6.731  -12.394 1.00 31.21 ? 134 ASN A O   1 
ATOM   1031 C CB  . ASN A 1 155 ? -11.858 -8.748  -15.005 1.00 36.21 ? 134 ASN A CB  1 
ATOM   1032 C CG  . ASN A 1 155 ? -12.890 -9.284  -14.027 1.00 39.16 ? 134 ASN A CG  1 
ATOM   1033 O OD1 . ASN A 1 155 ? -12.950 -8.855  -12.875 1.00 39.52 ? 134 ASN A OD1 1 
ATOM   1034 N ND2 . ASN A 1 155 ? -13.708 -10.232 -14.482 1.00 42.07 ? 134 ASN A ND2 1 
ATOM   1035 N N   . ASP A 1 156 ? -11.648 -5.999  -14.189 1.00 34.82 ? 135 ASP A N   1 
ATOM   1036 C CA  . ASP A 1 156 ? -11.992 -4.726  -13.576 1.00 35.86 ? 135 ASP A CA  1 
ATOM   1037 C C   . ASP A 1 156 ? -12.694 -4.883  -12.232 1.00 33.69 ? 135 ASP A C   1 
ATOM   1038 O O   . ASP A 1 156 ? -12.517 -4.054  -11.342 1.00 31.57 ? 135 ASP A O   1 
ATOM   1039 C CB  . ASP A 1 156 ? -12.858 -3.896  -14.532 1.00 37.75 ? 135 ASP A CB  1 
ATOM   1040 C CG  . ASP A 1 156 ? -12.079 -3.407  -15.743 1.00 43.61 ? 135 ASP A CG  1 
ATOM   1041 O OD1 . ASP A 1 156 ? -10.933 -2.936  -15.571 1.00 44.80 ? 135 ASP A OD1 1 
ATOM   1042 O OD2 . ASP A 1 156 ? -12.613 -3.497  -16.869 1.00 55.65 ? 135 ASP A OD2 1 
ATOM   1043 N N   . SER A 1 157 ? -13.488 -5.940  -12.078 1.00 31.86 ? 136 SER A N   1 
ATOM   1044 C CA  . SER A 1 157 ? -14.222 -6.141  -10.831 1.00 34.44 ? 136 SER A CA  1 
ATOM   1045 C C   . SER A 1 157 ? -13.274 -6.489  -9.680  1.00 30.71 ? 136 SER A C   1 
ATOM   1046 O O   . SER A 1 157 ? -13.584 -6.257  -8.522  1.00 31.13 ? 136 SER A O   1 
ATOM   1047 C CB  . SER A 1 157 ? -15.309 -7.217  -10.981 1.00 33.41 ? 136 SER A CB  1 
ATOM   1048 O OG  . SER A 1 157 ? -14.737 -8.507  -11.122 1.00 37.75 ? 136 SER A OG  1 
ATOM   1049 N N   . ASP A 1 158 ? -12.116 -7.045  -10.006 1.00 31.05 ? 137 ASP A N   1 
ATOM   1050 C CA  . ASP A 1 158 ? -11.137 -7.375  -8.985  1.00 32.61 ? 137 ASP A CA  1 
ATOM   1051 C C   . ASP A 1 158 ? -10.375 -6.130  -8.549  1.00 31.07 ? 137 ASP A C   1 
ATOM   1052 O O   . ASP A 1 158 ? -10.013 -5.990  -7.382  1.00 29.52 ? 137 ASP A O   1 
ATOM   1053 C CB  . ASP A 1 158 ? -10.187 -8.468  -9.474  1.00 32.46 ? 137 ASP A CB  1 
ATOM   1054 C CG  . ASP A 1 158 ? -10.910 -9.762  -9.771  1.00 33.71 ? 137 ASP A CG  1 
ATOM   1055 O OD1 . ASP A 1 158 ? -11.468 -10.362 -8.829  1.00 33.77 ? 137 ASP A OD1 1 
ATOM   1056 O OD2 . ASP A 1 158 ? -10.936 -10.163 -10.945 1.00 33.94 ? 137 ASP A OD2 1 
ATOM   1057 N N   . PHE A 1 159 ? -10.142 -5.212  -9.482  1.00 27.66 ? 138 PHE A N   1 
ATOM   1058 C CA  . PHE A 1 159 ? -9.564  -3.930  -9.101  1.00 28.08 ? 138 PHE A CA  1 
ATOM   1059 C C   . PHE A 1 159 ? -10.526 -3.130  -8.226  1.00 28.65 ? 138 PHE A C   1 
ATOM   1060 O O   . PHE A 1 159 ? -10.114 -2.447  -7.298  1.00 28.44 ? 138 PHE A O   1 
ATOM   1061 C CB  . PHE A 1 159 ? -9.134  -3.137  -10.342 1.00 29.01 ? 138 PHE A CB  1 
ATOM   1062 C CG  . PHE A 1 159 ? -7.846  -3.633  -10.937 1.00 28.96 ? 138 PHE A CG  1 
ATOM   1063 C CD1 . PHE A 1 159 ? -7.832  -4.740  -11.770 1.00 28.19 ? 138 PHE A CD1 1 
ATOM   1064 C CD2 . PHE A 1 159 ? -6.640  -3.024  -10.620 1.00 30.03 ? 138 PHE A CD2 1 
ATOM   1065 C CE1 . PHE A 1 159 ? -6.639  -5.214  -12.307 1.00 26.37 ? 138 PHE A CE1 1 
ATOM   1066 C CE2 . PHE A 1 159 ? -5.445  -3.502  -11.153 1.00 26.31 ? 138 PHE A CE2 1 
ATOM   1067 C CZ  . PHE A 1 159 ? -5.455  -4.596  -11.996 1.00 27.25 ? 138 PHE A CZ  1 
ATOM   1068 N N   . GLU A 1 160 ? -11.812 -3.216  -8.522  1.00 28.97 ? 139 GLU A N   1 
ATOM   1069 C CA  . GLU A 1 160 ? -12.808 -2.526  -7.713  1.00 28.17 ? 139 GLU A CA  1 
ATOM   1070 C C   . GLU A 1 160 ? -12.799 -3.070  -6.278  1.00 29.92 ? 139 GLU A C   1 
ATOM   1071 O O   . GLU A 1 160 ? -12.887 -2.306  -5.315  1.00 31.25 ? 139 GLU A O   1 
ATOM   1072 C CB  . GLU A 1 160 ? -14.191 -2.667  -8.354  1.00 35.02 ? 139 GLU A CB  1 
ATOM   1073 C CG  . GLU A 1 160 ? -15.333 -2.103  -7.525  1.00 34.23 ? 139 GLU A CG  1 
ATOM   1074 C CD  . GLU A 1 160 ? -15.271 -0.599  -7.377  1.00 37.51 ? 139 GLU A CD  1 
ATOM   1075 O OE1 . GLU A 1 160 ? -14.455 0.055   -8.077  1.00 34.57 ? 139 GLU A OE1 1 
ATOM   1076 O OE2 . GLU A 1 160 ? -16.045 -0.071  -6.544  1.00 36.92 ? 139 GLU A OE2 1 
ATOM   1077 N N   . THR A 1 161 ? -12.673 -4.384  -6.126  1.00 29.07 ? 140 THR A N   1 
ATOM   1078 C CA  . THR A 1 161 ? -12.629 -4.971  -4.791  1.00 30.54 ? 140 THR A CA  1 
ATOM   1079 C C   . THR A 1 161 ? -11.391 -4.469  -4.043  1.00 30.34 ? 140 THR A C   1 
ATOM   1080 O O   . THR A 1 161 ? -11.468 -4.112  -2.873  1.00 29.77 ? 140 THR A O   1 
ATOM   1081 C CB  . THR A 1 161 ? -12.612 -6.512  -4.832  1.00 31.60 ? 140 THR A CB  1 
ATOM   1082 O OG1 . THR A 1 161 ? -13.771 -6.987  -5.530  1.00 35.88 ? 140 THR A OG1 1 
ATOM   1083 C CG2 . THR A 1 161 ? -12.616 -7.083  -3.425  1.00 33.91 ? 140 THR A CG2 1 
ATOM   1084 N N   . VAL A 1 162 ? -10.250 -4.447  -4.726  1.00 26.97 ? 141 VAL A N   1 
ATOM   1085 C CA  . VAL A 1 162 ? -9.030  -3.959  -4.106  1.00 26.57 ? 141 VAL A CA  1 
ATOM   1086 C C   . VAL A 1 162 ? -9.249  -2.532  -3.664  1.00 27.48 ? 141 VAL A C   1 
ATOM   1087 O O   . VAL A 1 162 ? -8.928  -2.167  -2.539  1.00 26.83 ? 141 VAL A O   1 
ATOM   1088 C CB  . VAL A 1 162 ? -7.814  -4.043  -5.062  1.00 28.31 ? 141 VAL A CB  1 
ATOM   1089 C CG1 . VAL A 1 162 ? -6.642  -3.226  -4.508  1.00 23.93 ? 141 VAL A CG1 1 
ATOM   1090 C CG2 . VAL A 1 162 ? -7.418  -5.508  -5.274  1.00 28.03 ? 141 VAL A CG2 1 
ATOM   1091 N N   . TYR A 1 163 ? -9.822  -1.727  -4.554  1.00 29.74 ? 142 TYR A N   1 
ATOM   1092 C CA  . TYR A 1 163 ? -10.119 -0.345  -4.214  1.00 28.77 ? 142 TYR A CA  1 
ATOM   1093 C C   . TYR A 1 163 ? -10.979 -0.257  -2.958  1.00 29.96 ? 142 TYR A C   1 
ATOM   1094 O O   . TYR A 1 163 ? -10.649 0.477   -2.034  1.00 28.02 ? 142 TYR A O   1 
ATOM   1095 C CB  . TYR A 1 163 ? -10.834 0.370   -5.359  1.00 30.04 ? 142 TYR A CB  1 
ATOM   1096 C CG  . TYR A 1 163 ? -11.382 1.702   -4.922  1.00 32.03 ? 142 TYR A CG  1 
ATOM   1097 C CD1 . TYR A 1 163 ? -10.540 2.786   -4.737  1.00 32.53 ? 142 TYR A CD1 1 
ATOM   1098 C CD2 . TYR A 1 163 ? -12.734 1.866   -4.646  1.00 32.41 ? 142 TYR A CD2 1 
ATOM   1099 C CE1 . TYR A 1 163 ? -11.025 4.004   -4.324  1.00 35.68 ? 142 TYR A CE1 1 
ATOM   1100 C CE2 . TYR A 1 163 ? -13.230 3.090   -4.224  1.00 32.90 ? 142 TYR A CE2 1 
ATOM   1101 C CZ  . TYR A 1 163 ? -12.373 4.149   -4.068  1.00 34.78 ? 142 TYR A CZ  1 
ATOM   1102 O OH  . TYR A 1 163 ? -12.854 5.366   -3.649  1.00 37.61 ? 142 TYR A OH  1 
ATOM   1103 N N   . GLN A 1 164 ? -12.081 -1.000  -2.920  1.00 27.88 ? 143 GLN A N   1 
ATOM   1104 C CA  . GLN A 1 164 ? -12.993 -0.887  -1.778  1.00 31.41 ? 143 GLN A CA  1 
ATOM   1105 C C   . GLN A 1 164 ? -12.311 -1.347  -0.492  1.00 29.39 ? 143 GLN A C   1 
ATOM   1106 O O   . GLN A 1 164 ? -12.571 -0.811  0.577   1.00 31.25 ? 143 GLN A O   1 
ATOM   1107 C CB  . GLN A 1 164 ? -14.291 -1.674  -2.010  1.00 30.04 ? 143 GLN A CB  1 
ATOM   1108 C CG  . GLN A 1 164 ? -15.143 -1.163  -3.176  1.00 36.41 ? 143 GLN A CG  1 
ATOM   1109 C CD  . GLN A 1 164 ? -15.750 0.211   -2.920  1.00 37.54 ? 143 GLN A CD  1 
ATOM   1110 O OE1 . GLN A 1 164 ? -15.900 0.638   -1.771  1.00 37.73 ? 143 GLN A OE1 1 
ATOM   1111 N NE2 . GLN A 1 164 ? -16.109 0.911   -3.999  1.00 36.31 ? 143 GLN A NE2 1 
ATOM   1112 N N   . GLN A 1 165 ? -11.437 -2.344  -0.594  1.00 31.43 ? 144 GLN A N   1 
ATOM   1113 C CA  . GLN A 1 165 ? -10.709 -2.807  0.588   1.00 28.30 ? 144 GLN A CA  1 
ATOM   1114 C C   . GLN A 1 165 ? -9.773  -1.729  1.092   1.00 30.77 ? 144 GLN A C   1 
ATOM   1115 O O   . GLN A 1 165 ? -9.689  -1.477  2.298   1.00 28.88 ? 144 GLN A O   1 
ATOM   1116 C CB  . GLN A 1 165 ? -9.900  -4.065  0.294   1.00 29.52 ? 144 GLN A CB  1 
ATOM   1117 C CG  . GLN A 1 165 ? -10.731 -5.292  0.006   1.00 32.25 ? 144 GLN A CG  1 
ATOM   1118 C CD  . GLN A 1 165 ? -9.861  -6.486  -0.305  1.00 32.81 ? 144 GLN A CD  1 
ATOM   1119 O OE1 . GLN A 1 165 ? -9.346  -6.612  -1.416  1.00 31.17 ? 144 GLN A OE1 1 
ATOM   1120 N NE2 . GLN A 1 165 ? -9.674  -7.363  0.678   1.00 30.15 ? 144 GLN A NE2 1 
ATOM   1121 N N   . CYS A 1 166 ? -9.052  -1.100  0.170   1.00 30.59 ? 145 CYS A N   1 
ATOM   1122 C CA  . CYS A 1 166 ? -8.146  -0.029  0.549   1.00 28.78 ? 145 CYS A CA  1 
ATOM   1123 C C   . CYS A 1 166 ? -8.900  1.093   1.232   1.00 28.17 ? 145 CYS A C   1 
ATOM   1124 O O   . CYS A 1 166 ? -8.403  1.689   2.176   1.00 28.67 ? 145 CYS A O   1 
ATOM   1125 C CB  . CYS A 1 166 ? -7.376  0.501   -0.655  1.00 26.33 ? 145 CYS A CB  1 
ATOM   1126 S SG  . CYS A 1 166 ? -6.222  -0.724  -1.297  1.00 29.39 ? 145 CYS A SG  1 
ATOM   1127 N N   . VAL A 1 167 ? -10.107 1.377   0.767   1.00 29.28 ? 146 VAL A N   1 
ATOM   1128 C CA  . VAL A 1 167 ? -10.872 2.455   1.391   1.00 29.49 ? 146 VAL A CA  1 
ATOM   1129 C C   . VAL A 1 167 ? -11.144 2.145   2.868   1.00 29.06 ? 146 VAL A C   1 
ATOM   1130 O O   . VAL A 1 167 ? -10.804 2.947   3.750   1.00 28.17 ? 146 VAL A O   1 
ATOM   1131 C CB  . VAL A 1 167 ? -12.155 2.770   0.592   1.00 32.19 ? 146 VAL A CB  1 
ATOM   1132 C CG1 . VAL A 1 167 ? -13.131 3.595   1.426   1.00 33.91 ? 146 VAL A CG1 1 
ATOM   1133 C CG2 . VAL A 1 167 ? -11.780 3.509   -0.698  1.00 29.18 ? 146 VAL A CG2 1 
ATOM   1134 N N   . ARG A 1 168 ? -11.706 0.969   3.144   1.00 29.70 ? 147 ARG A N   1 
ATOM   1135 C CA  . ARG A 1 168 ? -12.032 0.587   4.524   1.00 32.59 ? 147 ARG A CA  1 
ATOM   1136 C C   . ARG A 1 168 ? -10.788 0.517   5.387   1.00 31.85 ? 147 ARG A C   1 
ATOM   1137 O O   . ARG A 1 168 ? -10.768 1.007   6.517   1.00 31.85 ? 147 ARG A O   1 
ATOM   1138 C CB  . ARG A 1 168 ? -12.707 -0.785  4.581   1.00 32.64 ? 147 ARG A CB  1 
ATOM   1139 C CG  . ARG A 1 168 ? -14.021 -0.914  3.862   1.00 36.46 ? 147 ARG A CG  1 
ATOM   1140 C CD  . ARG A 1 168 ? -14.572 -2.335  4.044   1.00 37.30 ? 147 ARG A CD  1 
ATOM   1141 N NE  . ARG A 1 168 ? -15.019 -2.842  2.761   1.00 48.06 ? 147 ARG A NE  1 
ATOM   1142 C CZ  . ARG A 1 168 ? -14.540 -3.923  2.165   1.00 41.33 ? 147 ARG A CZ  1 
ATOM   1143 N NH1 . ARG A 1 168 ? -13.612 -4.670  2.751   1.00 36.05 ? 147 ARG A NH1 1 
ATOM   1144 N NH2 . ARG A 1 168 ? -15.029 -4.269  0.985   1.00 47.49 ? 147 ARG A NH2 1 
ATOM   1145 N N   . CYS A 1 169 ? -9.745  -0.116  4.856   1.00 30.24 ? 148 CYS A N   1 
ATOM   1146 C CA  . CYS A 1 169 ? -8.519  -0.314  5.622   1.00 30.69 ? 148 CYS A CA  1 
ATOM   1147 C C   . CYS A 1 169 ? -7.766  0.990   5.899   1.00 31.38 ? 148 CYS A C   1 
ATOM   1148 O O   . CYS A 1 169 ? -7.314  1.226   7.026   1.00 29.00 ? 148 CYS A O   1 
ATOM   1149 C CB  . CYS A 1 169 ? -7.598  -1.316  4.919   1.00 29.21 ? 148 CYS A CB  1 
ATOM   1150 S SG  . CYS A 1 169 ? -8.249  -3.009  4.780   1.00 32.50 ? 148 CYS A SG  1 
ATOM   1151 N N   . CYS A 1 170 ? -7.606  1.834   4.881   1.00 29.25 ? 149 CYS A N   1 
ATOM   1152 C CA  . CYS A 1 170 ? -6.920  3.114   5.099   1.00 27.69 ? 149 CYS A CA  1 
ATOM   1153 C C   . CYS A 1 170 ? -7.663  4.010   6.083   1.00 33.13 ? 149 CYS A C   1 
ATOM   1154 O O   . CYS A 1 170 ? -7.051  4.648   6.932   1.00 34.94 ? 149 CYS A O   1 
ATOM   1155 C CB  . CYS A 1 170 ? -6.688  3.857   3.781   1.00 30.40 ? 149 CYS A CB  1 
ATOM   1156 S SG  . CYS A 1 170 ? -5.488  3.026   2.696   1.00 34.71 ? 149 CYS A SG  1 
ATOM   1157 N N   . ARG A 1 171 ? -8.983  4.072   5.962   1.00 32.71 ? 150 ARG A N   1 
ATOM   1158 C CA  . ARG A 1 171 ? -9.770  4.869   6.888   1.00 31.47 ? 150 ARG A CA  1 
ATOM   1159 C C   . ARG A 1 171 ? -9.553  4.391   8.325   1.00 33.05 ? 150 ARG A C   1 
ATOM   1160 O O   . ARG A 1 171 ? -9.299  5.194   9.230   1.00 34.36 ? 150 ARG A O   1 
ATOM   1161 C CB  . ARG A 1 171 ? -11.252 4.785   6.533   1.00 34.11 ? 150 ARG A CB  1 
ATOM   1162 C CG  . ARG A 1 171 ? -12.119 5.725   7.355   1.00 40.75 ? 150 ARG A CG  1 
ATOM   1163 C CD  . ARG A 1 171 ? -13.506 5.139   7.608   1.00 46.71 ? 150 ARG A CD  1 
ATOM   1164 N NE  . ARG A 1 171 ? -14.060 4.450   6.441   1.00 50.73 ? 150 ARG A NE  1 
ATOM   1165 C CZ  . ARG A 1 171 ? -14.079 3.122   6.288   1.00 50.89 ? 150 ARG A CZ  1 
ATOM   1166 N NH1 . ARG A 1 171 ? -13.562 2.313   7.227   1.00 44.79 ? 150 ARG A NH1 1 
ATOM   1167 N NH2 . ARG A 1 171 ? -14.612 2.595   5.188   1.00 49.41 ? 150 ARG A NH2 1 
ATOM   1168 N N   . ALA A 1 172 ? -9.651  3.080   8.532   1.00 34.36 ? 151 ALA A N   1 
ATOM   1169 C CA  . ALA A 1 172 ? -9.480  2.504   9.865   1.00 34.87 ? 151 ALA A CA  1 
ATOM   1170 C C   . ALA A 1 172 ? -8.050  2.699   10.391  1.00 33.80 ? 151 ALA A C   1 
ATOM   1171 O O   . ALA A 1 172 ? -7.853  3.068   11.548  1.00 35.08 ? 151 ALA A O   1 
ATOM   1172 C CB  . ALA A 1 172 ? -9.883  1.024   9.870   1.00 34.22 ? 151 ALA A CB  1 
ATOM   1173 N N   . PHE A 1 173 ? -7.055  2.470   9.537   1.00 30.51 ? 152 PHE A N   1 
ATOM   1174 C CA  . PHE A 1 173 ? -5.662  2.740   9.908   1.00 29.62 ? 152 PHE A CA  1 
ATOM   1175 C C   . PHE A 1 173 ? -5.462  4.190   10.337  1.00 32.12 ? 152 PHE A C   1 
ATOM   1176 O O   . PHE A 1 173 ? -4.835  4.449   11.365  1.00 30.92 ? 152 PHE A O   1 
ATOM   1177 C CB  . PHE A 1 173 ? -4.717  2.407   8.749   1.00 32.12 ? 152 PHE A CB  1 
ATOM   1178 C CG  . PHE A 1 173 ? -3.310  2.924   8.931   1.00 29.37 ? 152 PHE A CG  1 
ATOM   1179 C CD1 . PHE A 1 173 ? -2.497  2.431   9.944   1.00 31.47 ? 152 PHE A CD1 1 
ATOM   1180 C CD2 . PHE A 1 173 ? -2.785  3.869   8.057   1.00 29.03 ? 152 PHE A CD2 1 
ATOM   1181 C CE1 . PHE A 1 173 ? -1.194  2.899   10.104  1.00 28.35 ? 152 PHE A CE1 1 
ATOM   1182 C CE2 . PHE A 1 173 ? -1.484  4.342   8.206   1.00 31.92 ? 152 PHE A CE2 1 
ATOM   1183 C CZ  . PHE A 1 173 ? -0.684  3.855   9.234   1.00 31.89 ? 152 PHE A CZ  1 
ATOM   1184 N N   . LEU A 1 174 ? -5.976  5.135   9.549   1.00 31.60 ? 153 LEU A N   1 
ATOM   1185 C CA  . LEU A 1 174 ? -5.832  6.548   9.892   1.00 31.00 ? 153 LEU A CA  1 
ATOM   1186 C C   . LEU A 1 174 ? -6.491  6.825   11.246  1.00 37.76 ? 153 LEU A C   1 
ATOM   1187 O O   . LEU A 1 174 ? -5.933  7.535   12.083  1.00 38.43 ? 153 LEU A O   1 
ATOM   1188 C CB  . LEU A 1 174 ? -6.414  7.459   8.799   1.00 30.90 ? 153 LEU A CB  1 
ATOM   1189 C CG  . LEU A 1 174 ? -6.376  8.980   9.035   1.00 33.22 ? 153 LEU A CG  1 
ATOM   1190 C CD1 . LEU A 1 174 ? -4.960  9.485   9.249   1.00 32.41 ? 153 LEU A CD1 1 
ATOM   1191 C CD2 . LEU A 1 174 ? -7.025  9.728   7.869   1.00 34.55 ? 153 LEU A CD2 1 
ATOM   1192 N N   . GLU A 1 175 ? -7.668  6.245   11.459  1.00 36.66 ? 154 GLU A N   1 
ATOM   1193 C CA  . GLU A 1 175 ? -8.402  6.419   12.712  1.00 38.96 ? 154 GLU A CA  1 
ATOM   1194 C C   . GLU A 1 175 ? -7.549  6.050   13.909  1.00 40.97 ? 154 GLU A C   1 
ATOM   1195 O O   . GLU A 1 175 ? -7.422  6.811   14.870  1.00 41.08 ? 154 GLU A O   1 
ATOM   1196 C CB  . GLU A 1 175 ? -9.640  5.533   12.706  1.00 42.18 ? 154 GLU A CB  1 
ATOM   1197 C CG  . GLU A 1 175 ? -10.879 6.202   12.164  1.00 54.50 ? 154 GLU A CG  1 
ATOM   1198 C CD  . GLU A 1 175 ? -11.785 6.690   13.273  1.00 66.75 ? 154 GLU A CD  1 
ATOM   1199 O OE1 . GLU A 1 175 ? -11.568 6.274   14.437  1.00 66.61 ? 154 GLU A OE1 1 
ATOM   1200 O OE2 . GLU A 1 175 ? -12.707 7.490   12.983  1.00 70.84 ? 154 GLU A OE2 1 
ATOM   1201 N N   . LYS A 1 176 ? -6.964  4.862   13.855  1.00 41.31 ? 155 LYS A N   1 
ATOM   1202 C CA  . LYS A 1 176 ? -6.199  4.362   14.981  1.00 40.60 ? 155 LYS A CA  1 
ATOM   1203 C C   . LYS A 1 176 ? -5.267  3.283   14.502  1.00 39.77 ? 155 LYS A C   1 
ATOM   1204 O O   . LYS A 1 176 ? -5.691  2.168   14.188  1.00 39.35 ? 155 LYS A O   1 
ATOM   1205 C CB  . LYS A 1 176 ? -7.133  3.809   16.062  1.00 46.66 ? 155 LYS A CB  1 
ATOM   1206 C CG  . LYS A 1 176 ? -6.452  3.482   17.395  1.00 47.62 ? 155 LYS A CG  1 
ATOM   1207 C CD  . LYS A 1 176 ? -7.440  2.840   18.368  1.00 53.62 ? 155 LYS A CD  1 
ATOM   1208 C CE  . LYS A 1 176 ? -6.859  2.692   19.766  1.00 60.18 ? 155 LYS A CE  1 
ATOM   1209 N NZ  . LYS A 1 176 ? -7.749  3.304   20.802  1.00 63.07 ? 155 LYS A NZ  1 
ATOM   1210 N N   . ALA A 1 177 ? -3.989  3.623   14.434  1.00 37.89 ? 156 ALA A N   1 
ATOM   1211 C CA  . ALA A 1 177 ? -2.970  2.660   14.049  1.00 37.96 ? 156 ALA A CA  1 
ATOM   1212 C C   . ALA A 1 177 ? -2.738  1.698   15.218  1.00 43.71 ? 156 ALA A C   1 
ATOM   1213 O O   . ALA A 1 177 ? -2.810  2.100   16.384  1.00 47.82 ? 156 ALA A O   1 
ATOM   1214 C CB  . ALA A 1 177 ? -1.690  3.395   13.696  1.00 38.65 ? 156 ALA A CB  1 
ATOM   1215 N N   . HIS A 1 178 ? -2.474  0.430   14.927  0.74 39.38 ? 157 HIS A N   1 
ATOM   1216 C CA  . HIS A 1 178 ? -2.064  -0.468  15.995  0.74 44.61 ? 157 HIS A CA  1 
ATOM   1217 C C   . HIS A 1 178 ? -0.598  -0.903  15.862  0.74 50.27 ? 157 HIS A C   1 
ATOM   1218 O O   . HIS A 1 178 ? 0.643   -0.819  15.873  0.74 52.18 ? 157 HIS A O   1 
ATOM   1219 C CB  . HIS A 1 178 ? -3.040  -1.647  16.219  0.74 47.53 ? 157 HIS A CB  1 
ATOM   1220 C CG  . HIS A 1 178 ? -3.470  -2.357  14.975  0.74 41.91 ? 157 HIS A CG  1 
ATOM   1221 N ND1 . HIS A 1 178 ? -2.600  -3.068  14.185  0.74 44.80 ? 157 HIS A ND1 1 
ATOM   1222 C CD2 . HIS A 1 178 ? -4.700  -2.514  14.415  0.74 38.92 ? 157 HIS A CD2 1 
ATOM   1223 C CE1 . HIS A 1 178 ? -3.260  -3.612  13.174  0.74 35.09 ? 157 HIS A CE1 1 
ATOM   1224 N NE2 . HIS A 1 178 ? -4.538  -3.292  13.300  0.74 36.33 ? 157 HIS A NE2 1 
ATOM   1225 O OXT . HIS A 1 178 ? -0.400  0.263   16.209  0.74 43.75 ? 157 HIS A OXT 1 
HETATM 1226 O O1  . MES B 2 .   ? 3.835   -9.475  -13.165 1.00 32.07 ? 200 MES A O1  1 
HETATM 1227 C C2  . MES B 2 .   ? 4.396   -9.950  -11.970 1.00 31.02 ? 200 MES A C2  1 
HETATM 1228 C C3  . MES B 2 .   ? 4.105   -9.070  -10.811 1.00 31.86 ? 200 MES A C3  1 
HETATM 1229 N N4  . MES B 2 .   ? 2.753   -8.675  -10.737 1.00 31.33 ? 200 MES A N4  1 
HETATM 1230 C C5  . MES B 2 .   ? 2.311   -8.057  -11.903 1.00 33.11 ? 200 MES A C5  1 
HETATM 1231 C C6  . MES B 2 .   ? 3.256   -8.215  -13.053 1.00 36.62 ? 200 MES A C6  1 
HETATM 1232 C C7  . MES B 2 .   ? 2.384   -8.002  -9.476  1.00 33.06 ? 200 MES A C7  1 
HETATM 1233 C C8  . MES B 2 .   ? 1.005   -7.560  -9.210  1.00 32.05 ? 200 MES A C8  1 
HETATM 1234 S S   . MES B 2 .   ? 0.987   -6.442  -7.827  1.00 28.86 ? 200 MES A S   1 
HETATM 1235 O O1S . MES B 2 .   ? 1.627   -5.214  -8.280  1.00 23.83 ? 200 MES A O1S 1 
HETATM 1236 O O2S . MES B 2 .   ? -0.402  -6.197  -7.259  1.00 26.29 ? 200 MES A O2S 1 
HETATM 1237 O O3S . MES B 2 .   ? 1.858   -6.955  -6.792  1.00 25.60 ? 200 MES A O3S 1 
HETATM 1238 O O   . HOH C 3 .   ? 4.346   13.784  13.533  1.00 49.91 ? 301 HOH A O   1 
HETATM 1239 O O   . HOH C 3 .   ? -0.385  21.640  7.816   1.00 57.48 ? 302 HOH A O   1 
HETATM 1240 O O   . HOH C 3 .   ? 13.267  4.521   0.208   1.00 40.32 ? 303 HOH A O   1 
HETATM 1241 O O   . HOH C 3 .   ? -17.895 -1.598  -5.876  1.00 41.48 ? 304 HOH A O   1 
HETATM 1242 O O   . HOH C 3 .   ? -8.929  -8.780  -2.577  1.00 30.02 ? 305 HOH A O   1 
HETATM 1243 O O   . HOH C 3 .   ? 0.702   -14.286 9.267   1.00 41.60 ? 306 HOH A O   1 
HETATM 1244 O O   . HOH C 3 .   ? -10.616 -1.179  -13.772 1.00 31.91 ? 307 HOH A O   1 
HETATM 1245 O O   . HOH C 3 .   ? 3.689   7.964   -5.536  1.00 31.50 ? 308 HOH A O   1 
HETATM 1246 O O   . HOH C 3 .   ? -1.536  -6.569  12.358  1.00 37.45 ? 309 HOH A O   1 
HETATM 1247 O O   . HOH C 3 .   ? 9.833   7.479   -0.347  1.00 38.69 ? 310 HOH A O   1 
HETATM 1248 O O   . HOH C 3 .   ? 8.221   0.681   -18.887 1.00 40.46 ? 311 HOH A O   1 
HETATM 1249 O O   . HOH C 3 .   ? 7.720   4.734   14.721  1.00 39.77 ? 312 HOH A O   1 
HETATM 1250 O O   . HOH C 3 .   ? 16.698  -6.645  3.720   1.00 39.01 ? 313 HOH A O   1 
HETATM 1251 O O   . HOH C 3 .   ? -7.424  9.237   -11.001 1.00 36.85 ? 314 HOH A O   1 
HETATM 1252 O O   . HOH C 3 .   ? 2.925   -14.372 6.787   1.00 36.85 ? 315 HOH A O   1 
HETATM 1253 O O   . HOH C 3 .   ? -12.814 0.849   -14.382 1.00 41.20 ? 316 HOH A O   1 
HETATM 1254 O O   . HOH C 3 .   ? 6.138   -10.639 -1.970  1.00 30.41 ? 317 HOH A O   1 
HETATM 1255 O O   . HOH C 3 .   ? 9.830   -14.581 6.601   1.00 30.56 ? 318 HOH A O   1 
HETATM 1256 O O   . HOH C 3 .   ? 8.728   5.842   -7.032  1.00 31.54 ? 319 HOH A O   1 
HETATM 1257 O O   . HOH C 3 .   ? 13.798  1.828   -4.242  1.00 37.49 ? 320 HOH A O   1 
HETATM 1258 O O   . HOH C 3 .   ? 10.494  3.531   -16.474 1.00 36.79 ? 321 HOH A O   1 
HETATM 1259 O O   . HOH C 3 .   ? 5.696   -8.546  10.806  1.00 39.60 ? 322 HOH A O   1 
HETATM 1260 O O   . HOH C 3 .   ? -4.457  10.482  -4.048  1.00 26.62 ? 323 HOH A O   1 
HETATM 1261 O O   . HOH C 3 .   ? -1.624  16.048  -0.786  1.00 37.79 ? 324 HOH A O   1 
HETATM 1262 O O   . HOH C 3 .   ? 1.855   -11.090 -3.724  1.00 29.06 ? 325 HOH A O   1 
HETATM 1263 O O   . HOH C 3 .   ? 13.063  5.674   3.097   1.00 35.06 ? 326 HOH A O   1 
HETATM 1264 O O   . HOH C 3 .   ? 14.952  4.767   12.629  1.00 35.64 ? 327 HOH A O   1 
HETATM 1265 O O   . HOH C 3 .   ? -3.893  -7.300  3.580   1.00 28.87 ? 328 HOH A O   1 
HETATM 1266 O O   . HOH C 3 .   ? 10.352  -14.974 -13.739 1.00 33.13 ? 329 HOH A O   1 
HETATM 1267 O O   . HOH C 3 .   ? -11.515 11.187  -12.106 1.00 38.57 ? 330 HOH A O   1 
HETATM 1268 O O   . HOH C 3 .   ? -12.352 -1.364  -11.752 1.00 33.06 ? 331 HOH A O   1 
HETATM 1269 O O   . HOH C 3 .   ? 21.832  -2.977  8.738   1.00 41.77 ? 332 HOH A O   1 
HETATM 1270 O O   . HOH C 3 .   ? -8.004  -9.263  -6.608  1.00 36.87 ? 333 HOH A O   1 
HETATM 1271 O O   . HOH C 3 .   ? -9.327  -7.655  9.415   1.00 42.28 ? 334 HOH A O   1 
HETATM 1272 O O   . HOH C 3 .   ? 0.777   -10.981 -10.719 1.00 32.34 ? 335 HOH A O   1 
HETATM 1273 O O   . HOH C 3 .   ? 8.329   6.326   -4.489  1.00 40.61 ? 336 HOH A O   1 
HETATM 1274 O O   . HOH C 3 .   ? -10.267 7.760   9.296   1.00 38.87 ? 337 HOH A O   1 
HETATM 1275 O O   . HOH C 3 .   ? 8.540   -4.407  -9.016  1.00 28.55 ? 338 HOH A O   1 
HETATM 1276 O O   . HOH C 3 .   ? -9.855  -11.369 0.158   1.00 45.95 ? 339 HOH A O   1 
HETATM 1277 O O   . HOH C 3 .   ? -6.730  -10.766 -16.784 1.00 31.44 ? 340 HOH A O   1 
HETATM 1278 O O   . HOH C 3 .   ? -3.701  18.563  3.434   1.00 39.29 ? 341 HOH A O   1 
HETATM 1279 O O   . HOH C 3 .   ? -9.732  -5.482  3.394   1.00 31.50 ? 342 HOH A O   1 
HETATM 1280 O O   . HOH C 3 .   ? -10.407 -1.949  12.254  1.00 47.20 ? 343 HOH A O   1 
HETATM 1281 O O   . HOH C 3 .   ? -2.367  4.213   18.123  1.00 48.74 ? 344 HOH A O   1 
HETATM 1282 O O   . HOH C 3 .   ? 1.826   -0.581  -15.795 1.00 31.26 ? 345 HOH A O   1 
HETATM 1283 O O   . HOH C 3 .   ? 3.509   1.861   -10.150 1.00 24.97 ? 346 HOH A O   1 
HETATM 1284 O O   . HOH C 3 .   ? -0.652  -4.461  -16.665 1.00 40.52 ? 347 HOH A O   1 
HETATM 1285 O O   . HOH C 3 .   ? -12.127 5.032   -15.919 1.00 36.78 ? 348 HOH A O   1 
HETATM 1286 O O   . HOH C 3 .   ? 13.626  0.239   -7.091  1.00 29.47 ? 349 HOH A O   1 
HETATM 1287 O O   . HOH C 3 .   ? 16.065  -12.962 7.311   1.00 33.77 ? 350 HOH A O   1 
HETATM 1288 O O   . HOH C 3 .   ? 3.608   7.474   -13.383 1.00 30.03 ? 351 HOH A O   1 
HETATM 1289 O O   . HOH C 3 .   ? 6.722   4.904   -15.997 1.00 30.51 ? 352 HOH A O   1 
HETATM 1290 O O   . HOH C 3 .   ? 9.867   8.809   7.407   1.00 35.87 ? 353 HOH A O   1 
HETATM 1291 O O   . HOH C 3 .   ? -2.959  11.701  11.295  1.00 38.57 ? 354 HOH A O   1 
HETATM 1292 O O   . HOH C 3 .   ? -2.470  -12.383 -3.546  1.00 35.65 ? 355 HOH A O   1 
HETATM 1293 O O   . HOH C 3 .   ? 0.141   5.694   -5.913  1.00 27.11 ? 356 HOH A O   1 
HETATM 1294 O O   . HOH C 3 .   ? 2.963   -13.129 -13.470 1.00 29.00 ? 357 HOH A O   1 
HETATM 1295 O O   . HOH C 3 .   ? -5.375  19.656  2.260   1.00 39.88 ? 358 HOH A O   1 
HETATM 1296 O O   . HOH C 3 .   ? -3.192  -0.200  -9.923  1.00 29.68 ? 359 HOH A O   1 
HETATM 1297 O O   . HOH C 3 .   ? 11.665  3.431   -9.577  1.00 30.20 ? 360 HOH A O   1 
HETATM 1298 O O   . HOH C 3 .   ? 9.272   8.423   13.391  1.00 44.78 ? 361 HOH A O   1 
HETATM 1299 O O   . HOH C 3 .   ? -3.869  -12.258 -10.222 1.00 31.79 ? 362 HOH A O   1 
HETATM 1300 O O   . HOH C 3 .   ? 3.036   -6.571  -16.698 1.00 32.30 ? 363 HOH A O   1 
HETATM 1301 O O   . HOH C 3 .   ? 4.308   -12.173 -3.227  1.00 34.79 ? 364 HOH A O   1 
HETATM 1302 O O   . HOH C 3 .   ? 18.961  -7.733  12.385  1.00 45.27 ? 365 HOH A O   1 
HETATM 1303 O O   . HOH C 3 .   ? -0.763  -8.226  10.020  1.00 33.48 ? 366 HOH A O   1 
HETATM 1304 O O   . HOH C 3 .   ? 6.754   -5.528  12.595  1.00 37.38 ? 367 HOH A O   1 
HETATM 1305 O O   . HOH C 3 .   ? -16.672 -1.307  1.013   1.00 45.23 ? 368 HOH A O   1 
HETATM 1306 O O   . HOH C 3 .   ? 10.647  -0.136  -16.826 1.00 37.32 ? 369 HOH A O   1 
HETATM 1307 O O   . HOH C 3 .   ? 1.014   13.204  2.394   1.00 38.40 ? 370 HOH A O   1 
HETATM 1308 O O   . HOH C 3 .   ? 4.986   -13.737 8.283   1.00 34.62 ? 371 HOH A O   1 
HETATM 1309 O O   . HOH C 3 .   ? -12.165 -9.724  -6.106  1.00 38.81 ? 372 HOH A O   1 
HETATM 1310 O O   . HOH C 3 .   ? -16.130 -5.826  -7.234  1.00 37.25 ? 373 HOH A O   1 
HETATM 1311 O O   . HOH C 3 .   ? -2.058  14.539  12.105  1.00 45.60 ? 374 HOH A O   1 
HETATM 1312 O O   . HOH C 3 .   ? -1.693  10.316  -4.848  1.00 34.12 ? 375 HOH A O   1 
HETATM 1313 O O   . HOH C 3 .   ? -2.207  -14.285 1.582   1.00 33.78 ? 376 HOH A O   1 
HETATM 1314 O O   . HOH C 3 .   ? 9.608   -10.386 -3.855  1.00 38.08 ? 377 HOH A O   1 
HETATM 1315 O O   . HOH C 3 .   ? -1.990  -16.044 9.039   1.00 40.81 ? 378 HOH A O   1 
HETATM 1316 O O   . HOH C 3 .   ? 3.573   -2.456  -16.256 1.00 34.21 ? 379 HOH A O   1 
HETATM 1317 O O   . HOH C 3 .   ? 8.258   8.702   10.483  1.00 38.33 ? 380 HOH A O   1 
HETATM 1318 O O   . HOH C 3 .   ? 1.275   18.021  1.461   1.00 48.10 ? 381 HOH A O   1 
HETATM 1319 O O   . HOH C 3 .   ? -1.445  19.635  4.982   1.00 43.58 ? 382 HOH A O   1 
HETATM 1320 O O   . HOH C 3 .   ? -0.327  8.416   -6.149  1.00 30.20 ? 383 HOH A O   1 
HETATM 1321 O O   . HOH C 3 .   ? 6.588   7.745   -7.784  1.00 33.23 ? 384 HOH A O   1 
HETATM 1322 O O   . HOH C 3 .   ? -4.100  21.923  5.489   1.00 46.56 ? 385 HOH A O   1 
HETATM 1323 O O   . HOH C 3 .   ? -0.386  -0.541  -17.436 1.00 29.36 ? 386 HOH A O   1 
HETATM 1324 O O   . HOH C 3 .   ? 9.560   -3.269  -17.059 1.00 38.27 ? 387 HOH A O   1 
HETATM 1325 O O   . HOH C 3 .   ? 2.288   -8.695  11.380  1.00 45.24 ? 388 HOH A O   1 
HETATM 1326 O O   . HOH C 3 .   ? -8.995  -12.818 3.212   1.00 43.45 ? 389 HOH A O   1 
HETATM 1327 O O   . HOH C 3 .   ? 8.948   9.701   0.451   1.00 45.09 ? 390 HOH A O   1 
HETATM 1328 O O   . HOH C 3 .   ? -12.920 15.612  4.622   1.00 40.21 ? 391 HOH A O   1 
HETATM 1329 O O   . HOH C 3 .   ? -15.650 0.141   7.035   1.00 48.04 ? 392 HOH A O   1 
HETATM 1330 O O   . HOH C 3 .   ? -8.549  -7.476  -17.208 1.00 36.17 ? 393 HOH A O   1 
HETATM 1331 O O   . HOH C 3 .   ? 15.454  -6.107  12.578  1.00 45.59 ? 394 HOH A O   1 
HETATM 1332 O O   . HOH C 3 .   ? -6.235  -13.434 -17.010 1.00 40.68 ? 395 HOH A O   1 
HETATM 1333 O O   . HOH C 3 .   ? 4.291   -11.729 10.879  1.00 43.64 ? 396 HOH A O   1 
HETATM 1334 O O   . HOH C 3 .   ? 15.262  -2.382  15.339  1.00 46.65 ? 397 HOH A O   1 
HETATM 1335 O O   . HOH C 3 .   ? 13.607  7.437   12.339  1.00 45.62 ? 398 HOH A O   1 
HETATM 1336 O O   . HOH C 3 .   ? 2.704   -16.897 6.386   1.00 33.91 ? 399 HOH A O   1 
HETATM 1337 O O   . HOH C 3 .   ? 7.650   -14.423 8.421   1.00 39.36 ? 400 HOH A O   1 
HETATM 1338 O O   . HOH C 3 .   ? -2.792  -12.707 9.877   1.00 41.51 ? 401 HOH A O   1 
HETATM 1339 O O   . HOH C 3 .   ? -0.417  -14.876 0.079   1.00 37.28 ? 402 HOH A O   1 
HETATM 1340 O O   . HOH C 3 .   ? 3.155   12.034  0.655   1.00 35.40 ? 403 HOH A O   1 
HETATM 1341 O O   . HOH C 3 .   ? 14.376  -14.207 8.704   1.00 35.42 ? 404 HOH A O   1 
HETATM 1342 O O   . HOH C 3 .   ? 1.065   7.474   -12.755 1.00 29.47 ? 405 HOH A O   1 
HETATM 1343 O O   . HOH C 3 .   ? -7.843  12.675  -9.990  1.00 37.66 ? 406 HOH A O   1 
HETATM 1344 O O   . HOH C 3 .   ? 11.450  -13.903 8.646   1.00 36.03 ? 407 HOH A O   1 
HETATM 1345 O O   . HOH C 3 .   ? -15.284 -6.969  -14.728 1.00 42.14 ? 408 HOH A O   1 
HETATM 1346 O O   . HOH C 3 .   ? -1.489  13.383  -9.415  1.00 43.87 ? 409 HOH A O   1 
HETATM 1347 O O   . HOH C 3 .   ? 0.710   14.721  -0.124  1.00 44.27 ? 410 HOH A O   1 
HETATM 1348 O O   . HOH C 3 .   ? -4.767  13.046  -3.272  1.00 35.58 ? 411 HOH A O   1 
HETATM 1349 O O   . HOH C 3 .   ? -1.181  12.533  -6.558  1.00 40.51 ? 412 HOH A O   1 
HETATM 1350 O O   . HOH C 3 .   ? 7.943   -13.530 -2.533  1.00 41.07 ? 413 HOH A O   1 
HETATM 1351 O O   . HOH C 3 .   ? -3.847  -6.998  14.222  1.00 47.12 ? 414 HOH A O   1 
HETATM 1352 O O   . HOH C 3 .   ? -13.666 7.254   -15.832 1.00 43.88 ? 415 HOH A O   1 
HETATM 1353 O O   . HOH C 3 .   ? 11.003  5.951   -8.073  1.00 41.68 ? 416 HOH A O   1 
HETATM 1354 O O   . HOH C 3 .   ? -6.772  10.201  -17.488 1.00 41.68 ? 417 HOH A O   1 
HETATM 1355 O O   . HOH C 3 .   ? 6.348   9.200   -5.414  1.00 46.27 ? 418 HOH A O   1 
HETATM 1356 O O   . HOH C 3 .   ? 13.783  2.580   -8.590  1.00 36.72 ? 419 HOH A O   1 
HETATM 1357 O O   . HOH C 3 .   ? -6.689  14.872  -3.405  1.00 39.11 ? 420 HOH A O   1 
HETATM 1358 O O   . HOH C 3 .   ? -2.380  -10.420 10.672  1.00 45.68 ? 421 HOH A O   1 
# 
loop_
_pdbx_poly_seq_scheme.asym_id 
_pdbx_poly_seq_scheme.entity_id 
_pdbx_poly_seq_scheme.seq_id 
_pdbx_poly_seq_scheme.mon_id 
_pdbx_poly_seq_scheme.ndb_seq_num 
_pdbx_poly_seq_scheme.pdb_seq_num 
_pdbx_poly_seq_scheme.auth_seq_num 
_pdbx_poly_seq_scheme.pdb_mon_id 
_pdbx_poly_seq_scheme.auth_mon_id 
_pdbx_poly_seq_scheme.pdb_strand_id 
_pdbx_poly_seq_scheme.pdb_ins_code 
_pdbx_poly_seq_scheme.hetero 
A 1 1   MET 1   -20 ?   ?   ?   A . n 
A 1 2   GLY 2   -19 ?   ?   ?   A . n 
A 1 3   SER 3   -18 ?   ?   ?   A . n 
A 1 4   SER 4   -17 ?   ?   ?   A . n 
A 1 5   HIS 5   -16 ?   ?   ?   A . n 
A 1 6   HIS 6   -15 ?   ?   ?   A . n 
A 1 7   HIS 7   -14 ?   ?   ?   A . n 
A 1 8   HIS 8   -13 ?   ?   ?   A . n 
A 1 9   HIS 9   -12 ?   ?   ?   A . n 
A 1 10  HIS 10  -11 ?   ?   ?   A . n 
A 1 11  SER 11  -10 ?   ?   ?   A . n 
A 1 12  SER 12  -9  ?   ?   ?   A . n 
A 1 13  GLY 13  -8  ?   ?   ?   A . n 
A 1 14  LEU 14  -7  ?   ?   ?   A . n 
A 1 15  VAL 15  -6  ?   ?   ?   A . n 
A 1 16  PRO 16  -5  ?   ?   ?   A . n 
A 1 17  ARG 17  -4  ?   ?   ?   A . n 
A 1 18  GLY 18  -3  ?   ?   ?   A . n 
A 1 19  SER 19  -2  ?   ?   ?   A . n 
A 1 20  HIS 20  -1  ?   ?   ?   A . n 
A 1 21  MET 21  0   ?   ?   ?   A . n 
A 1 22  ALA 22  1   ?   ?   ?   A . n 
A 1 23  GLU 23  2   ?   ?   ?   A . n 
A 1 24  GLN 24  3   ?   ?   ?   A . n 
A 1 25  ALA 25  4   ?   ?   ?   A . n 
A 1 26  THR 26  5   5   THR THR A . n 
A 1 27  LYS 27  6   6   LYS LYS A . n 
A 1 28  SER 28  7   7   SER SER A . n 
A 1 29  VAL 29  8   8   VAL VAL A . n 
A 1 30  LEU 30  9   9   LEU LEU A . n 
A 1 31  PHE 31  10  10  PHE PHE A . n 
A 1 32  VAL 32  11  11  VAL VAL A . n 
A 1 33  CYS 33  12  12  CYS CYS A . n 
A 1 34  LEU 34  13  13  LEU LEU A . n 
A 1 35  GLY 35  14  14  GLY GLY A . n 
A 1 36  ASN 36  15  15  ASN ASN A . n 
A 1 37  ILE 37  16  16  ILE ILE A . n 
A 1 38  CYS 38  17  17  CYS CYS A . n 
A 1 39  ARG 39  18  18  ARG ARG A . n 
A 1 40  SER 40  19  19  SER SER A . n 
A 1 41  PRO 41  20  20  PRO PRO A . n 
A 1 42  ILE 42  21  21  ILE ILE A . n 
A 1 43  ALA 43  22  22  ALA ALA A . n 
A 1 44  GLU 44  23  23  GLU GLU A . n 
A 1 45  ALA 45  24  24  ALA ALA A . n 
A 1 46  VAL 46  25  25  VAL VAL A . n 
A 1 47  PHE 47  26  26  PHE PHE A . n 
A 1 48  ARG 48  27  27  ARG ARG A . n 
A 1 49  LYS 49  28  28  LYS LYS A . n 
A 1 50  LEU 50  29  29  LEU LEU A . n 
A 1 51  VAL 51  30  30  VAL VAL A . n 
A 1 52  THR 52  31  31  THR THR A . n 
A 1 53  ASP 53  32  32  ASP ASP A . n 
A 1 54  GLN 54  33  33  GLN GLN A . n 
A 1 55  ASN 55  34  34  ASN ASN A . n 
A 1 56  ILE 56  35  35  ILE ILE A . n 
A 1 57  SER 57  36  36  SER SER A . n 
A 1 58  GLU 58  37  37  GLU GLU A . n 
A 1 59  ASN 59  38  38  ASN ASN A . n 
A 1 60  TRP 60  39  39  TRP TRP A . n 
A 1 61  ARG 61  40  40  ARG ARG A . n 
A 1 62  VAL 62  41  41  VAL VAL A . n 
A 1 63  ASP 63  42  42  ASP ASP A . n 
A 1 64  SER 64  43  43  SER SER A . n 
A 1 65  ALA 65  44  44  ALA ALA A . n 
A 1 66  ALA 66  45  45  ALA ALA A . n 
A 1 67  THR 67  46  46  THR THR A . n 
A 1 68  SER 68  47  47  SER SER A . n 
A 1 69  GLY 69  48  48  GLY GLY A . n 
A 1 70  TYR 70  49  49  TYR TYR A . n 
A 1 71  GLU 71  50  50  GLU GLU A . n 
A 1 72  ILE 72  51  51  ILE ILE A . n 
A 1 73  GLY 73  52  52  GLY GLY A . n 
A 1 74  ASN 74  53  53  ASN ASN A . n 
A 1 75  PRO 75  54  54  PRO PRO A . n 
A 1 76  PRO 76  55  55  PRO PRO A . n 
A 1 77  ASP 77  56  56  ASP ASP A . n 
A 1 78  TYR 78  57  57  TYR TYR A . n 
A 1 79  ARG 79  58  58  ARG ARG A . n 
A 1 80  GLY 80  59  59  GLY GLY A . n 
A 1 81  GLN 81  60  60  GLN GLN A . n 
A 1 82  SER 82  61  61  SER SER A . n 
A 1 83  CYS 83  62  62  CYS CYS A . n 
A 1 84  MET 84  63  63  MET MET A . n 
A 1 85  LYS 85  64  64  LYS LYS A . n 
A 1 86  ARG 86  65  65  ARG ARG A . n 
A 1 87  HIS 87  66  66  HIS HIS A . n 
A 1 88  GLY 88  67  67  GLY GLY A . n 
A 1 89  ILE 89  68  68  ILE ILE A . n 
A 1 90  PRO 90  69  69  PRO PRO A . n 
A 1 91  MET 91  70  70  MET MET A . n 
A 1 92  SER 92  71  71  SER SER A . n 
A 1 93  HIS 93  72  72  HIS HIS A . n 
A 1 94  VAL 94  73  73  VAL VAL A . n 
A 1 95  ALA 95  74  74  ALA ALA A . n 
A 1 96  ARG 96  75  75  ARG ARG A . n 
A 1 97  GLN 97  76  76  GLN GLN A . n 
A 1 98  ILE 98  77  77  ILE ILE A . n 
A 1 99  THR 99  78  78  THR THR A . n 
A 1 100 LYS 100 79  79  LYS LYS A . n 
A 1 101 GLU 101 80  80  GLU GLU A . n 
A 1 102 ASP 102 81  81  ASP ASP A . n 
A 1 103 PHE 103 82  82  PHE PHE A . n 
A 1 104 ALA 104 83  83  ALA ALA A . n 
A 1 105 THR 105 84  84  THR THR A . n 
A 1 106 PHE 106 85  85  PHE PHE A . n 
A 1 107 ASP 107 86  86  ASP ASP A . n 
A 1 108 TYR 108 87  87  TYR TYR A . n 
A 1 109 ILE 109 88  88  ILE ILE A . n 
A 1 110 LEU 110 89  89  LEU LEU A . n 
A 1 111 CYS 111 90  90  CYS CYS A . n 
A 1 112 MET 112 91  91  MET MET A . n 
A 1 113 ASP 113 92  92  ASP ASP A . n 
A 1 114 GLU 114 93  93  GLU GLU A . n 
A 1 115 SER 115 94  94  SER SER A . n 
A 1 116 ASN 116 95  95  ASN ASN A . n 
A 1 117 LEU 117 96  96  LEU LEU A . n 
A 1 118 ARG 118 97  97  ARG ARG A . n 
A 1 119 ASP 119 98  98  ASP ASP A . n 
A 1 120 LEU 120 99  99  LEU LEU A . n 
A 1 121 ASN 121 100 100 ASN ASN A . n 
A 1 122 ARG 122 101 101 ARG ARG A . n 
A 1 123 LYS 123 102 102 LYS LYS A . n 
A 1 124 SER 124 103 103 SER SER A . n 
A 1 125 ASN 125 104 104 ASN ASN A . n 
A 1 126 GLN 126 105 105 GLN GLN A . n 
A 1 127 VAL 127 106 106 VAL VAL A . n 
A 1 128 LYS 128 107 107 LYS LYS A . n 
A 1 129 THR 129 108 108 THR THR A . n 
A 1 130 CYS 130 109 109 CYS CYS A . n 
A 1 131 LYS 131 110 110 LYS LYS A . n 
A 1 132 ALA 132 111 111 ALA ALA A . n 
A 1 133 LYS 133 112 112 LYS LYS A . n 
A 1 134 ILE 134 113 113 ILE ILE A . n 
A 1 135 GLU 135 114 114 GLU GLU A . n 
A 1 136 LEU 136 115 115 LEU LEU A . n 
A 1 137 LEU 137 116 116 LEU LEU A . n 
A 1 138 GLY 138 117 117 GLY GLY A . n 
A 1 139 SER 139 118 118 SER SER A . n 
A 1 140 TYR 140 119 119 TYR TYR A . n 
A 1 141 ASP 141 120 120 ASP ASP A . n 
A 1 142 PRO 142 121 121 PRO PRO A . n 
A 1 143 GLN 143 122 122 GLN GLN A . n 
A 1 144 LYS 144 123 123 LYS LYS A . n 
A 1 145 GLN 145 124 124 GLN GLN A . n 
A 1 146 LEU 146 125 125 LEU LEU A . n 
A 1 147 ILE 147 126 126 ILE ILE A . n 
A 1 148 ILE 148 127 127 ILE ILE A . n 
A 1 149 GLU 149 128 128 GLU GLU A . n 
A 1 150 ASP 150 129 129 ASP ASP A . n 
A 1 151 PRO 151 130 130 PRO PRO A . n 
A 1 152 TYR 152 131 131 TYR TYR A . n 
A 1 153 TYR 153 132 132 TYR TYR A . n 
A 1 154 GLY 154 133 133 GLY GLY A . n 
A 1 155 ASN 155 134 134 ASN ASN A . n 
A 1 156 ASP 156 135 135 ASP ASP A . n 
A 1 157 SER 157 136 136 SER SER A . n 
A 1 158 ASP 158 137 137 ASP ASP A . n 
A 1 159 PHE 159 138 138 PHE PHE A . n 
A 1 160 GLU 160 139 139 GLU GLU A . n 
A 1 161 THR 161 140 140 THR THR A . n 
A 1 162 VAL 162 141 141 VAL VAL A . n 
A 1 163 TYR 163 142 142 TYR TYR A . n 
A 1 164 GLN 164 143 143 GLN GLN A . n 
A 1 165 GLN 165 144 144 GLN GLN A . n 
A 1 166 CYS 166 145 145 CYS CYS A . n 
A 1 167 VAL 167 146 146 VAL VAL A . n 
A 1 168 ARG 168 147 147 ARG ARG A . n 
A 1 169 CYS 169 148 148 CYS CYS A . n 
A 1 170 CYS 170 149 149 CYS CYS A . n 
A 1 171 ARG 171 150 150 ARG ARG A . n 
A 1 172 ALA 172 151 151 ALA ALA A . n 
A 1 173 PHE 173 152 152 PHE PHE A . n 
A 1 174 LEU 174 153 153 LEU LEU A . n 
A 1 175 GLU 175 154 154 GLU GLU A . n 
A 1 176 LYS 176 155 155 LYS LYS A . n 
A 1 177 ALA 177 156 156 ALA ALA A . n 
A 1 178 HIS 178 157 157 HIS HIS A . n 
# 
loop_
_pdbx_nonpoly_scheme.asym_id 
_pdbx_nonpoly_scheme.entity_id 
_pdbx_nonpoly_scheme.mon_id 
_pdbx_nonpoly_scheme.ndb_seq_num 
_pdbx_nonpoly_scheme.pdb_seq_num 
_pdbx_nonpoly_scheme.auth_seq_num 
_pdbx_nonpoly_scheme.pdb_mon_id 
_pdbx_nonpoly_scheme.auth_mon_id 
_pdbx_nonpoly_scheme.pdb_strand_id 
_pdbx_nonpoly_scheme.pdb_ins_code 
B 2 MES 1   200 200 MES MES A . 
C 3 HOH 1   301 68  HOH HOH A . 
C 3 HOH 2   302 120 HOH HOH A . 
C 3 HOH 3   303 97  HOH HOH A . 
C 3 HOH 4   304 85  HOH HOH A . 
C 3 HOH 5   305 9   HOH HOH A . 
C 3 HOH 6   306 105 HOH HOH A . 
C 3 HOH 7   307 8   HOH HOH A . 
C 3 HOH 8   308 34  HOH HOH A . 
C 3 HOH 9   309 87  HOH HOH A . 
C 3 HOH 10  310 43  HOH HOH A . 
C 3 HOH 11  311 113 HOH HOH A . 
C 3 HOH 12  312 92  HOH HOH A . 
C 3 HOH 13  313 40  HOH HOH A . 
C 3 HOH 14  314 103 HOH HOH A . 
C 3 HOH 15  315 107 HOH HOH A . 
C 3 HOH 16  316 83  HOH HOH A . 
C 3 HOH 17  317 27  HOH HOH A . 
C 3 HOH 18  318 18  HOH HOH A . 
C 3 HOH 19  319 29  HOH HOH A . 
C 3 HOH 20  320 21  HOH HOH A . 
C 3 HOH 21  321 24  HOH HOH A . 
C 3 HOH 22  322 76  HOH HOH A . 
C 3 HOH 23  323 2   HOH HOH A . 
C 3 HOH 24  324 38  HOH HOH A . 
C 3 HOH 25  325 14  HOH HOH A . 
C 3 HOH 26  326 11  HOH HOH A . 
C 3 HOH 27  327 37  HOH HOH A . 
C 3 HOH 28  328 7   HOH HOH A . 
C 3 HOH 29  329 23  HOH HOH A . 
C 3 HOH 30  330 15  HOH HOH A . 
C 3 HOH 31  331 31  HOH HOH A . 
C 3 HOH 32  332 49  HOH HOH A . 
C 3 HOH 33  333 79  HOH HOH A . 
C 3 HOH 34  334 53  HOH HOH A . 
C 3 HOH 35  335 54  HOH HOH A . 
C 3 HOH 36  336 99  HOH HOH A . 
C 3 HOH 37  337 30  HOH HOH A . 
C 3 HOH 38  338 5   HOH HOH A . 
C 3 HOH 39  339 118 HOH HOH A . 
C 3 HOH 40  340 16  HOH HOH A . 
C 3 HOH 41  341 70  HOH HOH A . 
C 3 HOH 42  342 10  HOH HOH A . 
C 3 HOH 43  343 58  HOH HOH A . 
C 3 HOH 44  344 86  HOH HOH A . 
C 3 HOH 45  345 19  HOH HOH A . 
C 3 HOH 46  346 3   HOH HOH A . 
C 3 HOH 47  347 69  HOH HOH A . 
C 3 HOH 48  348 33  HOH HOH A . 
C 3 HOH 49  349 35  HOH HOH A . 
C 3 HOH 50  350 47  HOH HOH A . 
C 3 HOH 51  351 36  HOH HOH A . 
C 3 HOH 52  352 12  HOH HOH A . 
C 3 HOH 53  353 46  HOH HOH A . 
C 3 HOH 54  354 67  HOH HOH A . 
C 3 HOH 55  355 42  HOH HOH A . 
C 3 HOH 56  356 1   HOH HOH A . 
C 3 HOH 57  357 48  HOH HOH A . 
C 3 HOH 58  358 104 HOH HOH A . 
C 3 HOH 59  359 32  HOH HOH A . 
C 3 HOH 60  360 59  HOH HOH A . 
C 3 HOH 61  361 95  HOH HOH A . 
C 3 HOH 62  362 17  HOH HOH A . 
C 3 HOH 63  363 28  HOH HOH A . 
C 3 HOH 64  364 51  HOH HOH A . 
C 3 HOH 65  365 88  HOH HOH A . 
C 3 HOH 66  366 20  HOH HOH A . 
C 3 HOH 67  367 62  HOH HOH A . 
C 3 HOH 68  368 90  HOH HOH A . 
C 3 HOH 69  369 63  HOH HOH A . 
C 3 HOH 70  370 98  HOH HOH A . 
C 3 HOH 71  371 13  HOH HOH A . 
C 3 HOH 72  372 89  HOH HOH A . 
C 3 HOH 73  373 39  HOH HOH A . 
C 3 HOH 74  374 77  HOH HOH A . 
C 3 HOH 75  375 25  HOH HOH A . 
C 3 HOH 76  376 45  HOH HOH A . 
C 3 HOH 77  377 78  HOH HOH A . 
C 3 HOH 78  378 73  HOH HOH A . 
C 3 HOH 79  379 60  HOH HOH A . 
C 3 HOH 80  380 81  HOH HOH A . 
C 3 HOH 81  381 117 HOH HOH A . 
C 3 HOH 82  382 66  HOH HOH A . 
C 3 HOH 83  383 4   HOH HOH A . 
C 3 HOH 84  384 41  HOH HOH A . 
C 3 HOH 85  385 109 HOH HOH A . 
C 3 HOH 86  386 50  HOH HOH A . 
C 3 HOH 87  387 80  HOH HOH A . 
C 3 HOH 88  388 93  HOH HOH A . 
C 3 HOH 89  389 72  HOH HOH A . 
C 3 HOH 90  390 82  HOH HOH A . 
C 3 HOH 91  391 71  HOH HOH A . 
C 3 HOH 92  392 119 HOH HOH A . 
C 3 HOH 93  393 56  HOH HOH A . 
C 3 HOH 94  394 94  HOH HOH A . 
C 3 HOH 95  395 96  HOH HOH A . 
C 3 HOH 96  396 91  HOH HOH A . 
C 3 HOH 97  397 101 HOH HOH A . 
C 3 HOH 98  398 114 HOH HOH A . 
C 3 HOH 99  399 52  HOH HOH A . 
C 3 HOH 100 400 108 HOH HOH A . 
C 3 HOH 101 401 110 HOH HOH A . 
C 3 HOH 102 402 57  HOH HOH A . 
C 3 HOH 103 403 22  HOH HOH A . 
C 3 HOH 104 404 26  HOH HOH A . 
C 3 HOH 105 405 6   HOH HOH A . 
C 3 HOH 106 406 55  HOH HOH A . 
C 3 HOH 107 407 100 HOH HOH A . 
C 3 HOH 108 408 65  HOH HOH A . 
C 3 HOH 109 409 64  HOH HOH A . 
C 3 HOH 110 410 112 HOH HOH A . 
C 3 HOH 111 411 44  HOH HOH A . 
C 3 HOH 112 412 61  HOH HOH A . 
C 3 HOH 113 413 106 HOH HOH A . 
C 3 HOH 114 414 75  HOH HOH A . 
C 3 HOH 115 415 116 HOH HOH A . 
C 3 HOH 116 416 111 HOH HOH A . 
C 3 HOH 117 417 102 HOH HOH A . 
C 3 HOH 118 418 115 HOH HOH A . 
C 3 HOH 119 419 84  HOH HOH A . 
C 3 HOH 120 420 74  HOH HOH A . 
C 3 HOH 121 421 121 HOH HOH A . 
# 
_pdbx_struct_assembly.id                   1 
_pdbx_struct_assembly.details              author_and_software_defined_assembly 
_pdbx_struct_assembly.method_details       PISA 
_pdbx_struct_assembly.oligomeric_details   monomeric 
_pdbx_struct_assembly.oligomeric_count     1 
# 
_pdbx_struct_assembly_gen.assembly_id       1 
_pdbx_struct_assembly_gen.oper_expression   1 
_pdbx_struct_assembly_gen.asym_id_list      A,B,C 
# 
_pdbx_struct_oper_list.id                   1 
_pdbx_struct_oper_list.type                 'identity operation' 
_pdbx_struct_oper_list.name                 1_555 
_pdbx_struct_oper_list.symmetry_operation   x,y,z 
_pdbx_struct_oper_list.matrix[1][1]         1.0000000000 
_pdbx_struct_oper_list.matrix[1][2]         0.0000000000 
_pdbx_struct_oper_list.matrix[1][3]         0.0000000000 
_pdbx_struct_oper_list.vector[1]            0.0000000000 
_pdbx_struct_oper_list.matrix[2][1]         0.0000000000 
_pdbx_struct_oper_list.matrix[2][2]         1.0000000000 
_pdbx_struct_oper_list.matrix[2][3]         0.0000000000 
_pdbx_struct_oper_list.vector[2]            0.0000000000 
_pdbx_struct_oper_list.matrix[3][1]         0.0000000000 
_pdbx_struct_oper_list.matrix[3][2]         0.0000000000 
_pdbx_struct_oper_list.matrix[3][3]         1.0000000000 
_pdbx_struct_oper_list.vector[3]            0.0000000000 
# 
loop_
_pdbx_audit_revision_history.ordinal 
_pdbx_audit_revision_history.data_content_type 
_pdbx_audit_revision_history.major_revision 
_pdbx_audit_revision_history.minor_revision 
_pdbx_audit_revision_history.revision_date 
1 'Structure model' 1 0 2016-10-12 
2 'Structure model' 1 1 2023-10-04 
# 
_pdbx_audit_revision_details.ordinal             1 
_pdbx_audit_revision_details.revision_ordinal    1 
_pdbx_audit_revision_details.data_content_type   'Structure model' 
_pdbx_audit_revision_details.provider            repository 
_pdbx_audit_revision_details.type                'Initial release' 
_pdbx_audit_revision_details.description         ? 
_pdbx_audit_revision_details.details             ? 
# 
loop_
_pdbx_audit_revision_group.ordinal 
_pdbx_audit_revision_group.revision_ordinal 
_pdbx_audit_revision_group.data_content_type 
_pdbx_audit_revision_group.group 
1 2 'Structure model' 'Data collection'        
2 2 'Structure model' 'Database references'    
3 2 'Structure model' 'Derived calculations'   
4 2 'Structure model' 'Refinement description' 
# 
loop_
_pdbx_audit_revision_category.ordinal 
_pdbx_audit_revision_category.revision_ordinal 
_pdbx_audit_revision_category.data_content_type 
_pdbx_audit_revision_category.category 
1 2 'Structure model' chem_comp_atom                
2 2 'Structure model' chem_comp_bond                
3 2 'Structure model' citation                      
4 2 'Structure model' database_2                    
5 2 'Structure model' pdbx_initial_refinement_model 
6 2 'Structure model' pdbx_struct_oper_list         
# 
loop_
_pdbx_audit_revision_item.ordinal 
_pdbx_audit_revision_item.revision_ordinal 
_pdbx_audit_revision_item.data_content_type 
_pdbx_audit_revision_item.item 
1 2 'Structure model' '_citation.journal_id_CSD'                  
2 2 'Structure model' '_database_2.pdbx_DOI'                      
3 2 'Structure model' '_database_2.pdbx_database_accession'       
4 2 'Structure model' '_pdbx_struct_oper_list.symmetry_operation' 
# 
loop_
_software.citation_id 
_software.classification 
_software.compiler_name 
_software.compiler_version 
_software.contact_author 
_software.contact_author_email 
_software.date 
_software.description 
_software.dependencies 
_software.hardware 
_software.language 
_software.location 
_software.mods 
_software.name 
_software.os 
_software.os_version 
_software.type 
_software.version 
_software.pdbx_ordinal 
? refinement       ? ? ? ? ? ? ? ? ? ? ? PHENIX   ? ? ? 1.7.1_743 1 
? 'data reduction' ? ? ? ? ? ? ? ? ? ? ? HKL-3000 ? ? ? .         2 
? 'data scaling'   ? ? ? ? ? ? ? ? ? ? ? HKL-3000 ? ? ? .         3 
? phasing          ? ? ? ? ? ? ? ? ? ? ? MOLREP   ? ? ? .         4 
# 
_pdbx_validate_close_contact.id               1 
_pdbx_validate_close_contact.PDB_model_num    1 
_pdbx_validate_close_contact.auth_atom_id_1   OD1 
_pdbx_validate_close_contact.auth_asym_id_1   A 
_pdbx_validate_close_contact.auth_comp_id_1   ASP 
_pdbx_validate_close_contact.auth_seq_id_1    98 
_pdbx_validate_close_contact.PDB_ins_code_1   ? 
_pdbx_validate_close_contact.label_alt_id_1   ? 
_pdbx_validate_close_contact.auth_atom_id_2   NH1 
_pdbx_validate_close_contact.auth_asym_id_2   A 
_pdbx_validate_close_contact.auth_comp_id_2   ARG 
_pdbx_validate_close_contact.auth_seq_id_2    101 
_pdbx_validate_close_contact.PDB_ins_code_2   ? 
_pdbx_validate_close_contact.label_alt_id_2   ? 
_pdbx_validate_close_contact.dist             2.00 
# 
_pdbx_validate_rmsd_angle.id                         1 
_pdbx_validate_rmsd_angle.PDB_model_num              1 
_pdbx_validate_rmsd_angle.auth_atom_id_1             CA 
_pdbx_validate_rmsd_angle.auth_asym_id_1             A 
_pdbx_validate_rmsd_angle.auth_comp_id_1             HIS 
_pdbx_validate_rmsd_angle.auth_seq_id_1              157 
_pdbx_validate_rmsd_angle.PDB_ins_code_1             ? 
_pdbx_validate_rmsd_angle.label_alt_id_1             ? 
_pdbx_validate_rmsd_angle.auth_atom_id_2             C 
_pdbx_validate_rmsd_angle.auth_asym_id_2             A 
_pdbx_validate_rmsd_angle.auth_comp_id_2             HIS 
_pdbx_validate_rmsd_angle.auth_seq_id_2              157 
_pdbx_validate_rmsd_angle.PDB_ins_code_2             ? 
_pdbx_validate_rmsd_angle.label_alt_id_2             ? 
_pdbx_validate_rmsd_angle.auth_atom_id_3             O 
_pdbx_validate_rmsd_angle.auth_asym_id_3             A 
_pdbx_validate_rmsd_angle.auth_comp_id_3             HIS 
_pdbx_validate_rmsd_angle.auth_seq_id_3              157 
_pdbx_validate_rmsd_angle.PDB_ins_code_3             ? 
_pdbx_validate_rmsd_angle.label_alt_id_3             ? 
_pdbx_validate_rmsd_angle.angle_value                158.96 
_pdbx_validate_rmsd_angle.angle_target_value         120.10 
_pdbx_validate_rmsd_angle.angle_deviation            38.86 
_pdbx_validate_rmsd_angle.angle_standard_deviation   2.10 
_pdbx_validate_rmsd_angle.linker_flag                N 
# 
loop_
_pdbx_unobs_or_zero_occ_residues.id 
_pdbx_unobs_or_zero_occ_residues.PDB_model_num 
_pdbx_unobs_or_zero_occ_residues.polymer_flag 
_pdbx_unobs_or_zero_occ_residues.occupancy_flag 
_pdbx_unobs_or_zero_occ_residues.auth_asym_id 
_pdbx_unobs_or_zero_occ_residues.auth_comp_id 
_pdbx_unobs_or_zero_occ_residues.auth_seq_id 
_pdbx_unobs_or_zero_occ_residues.PDB_ins_code 
_pdbx_unobs_or_zero_occ_residues.label_asym_id 
_pdbx_unobs_or_zero_occ_residues.label_comp_id 
_pdbx_unobs_or_zero_occ_residues.label_seq_id 
1  1 Y 1 A MET -20 ? A MET 1  
2  1 Y 1 A GLY -19 ? A GLY 2  
3  1 Y 1 A SER -18 ? A SER 3  
4  1 Y 1 A SER -17 ? A SER 4  
5  1 Y 1 A HIS -16 ? A HIS 5  
6  1 Y 1 A HIS -15 ? A HIS 6  
7  1 Y 1 A HIS -14 ? A HIS 7  
8  1 Y 1 A HIS -13 ? A HIS 8  
9  1 Y 1 A HIS -12 ? A HIS 9  
10 1 Y 1 A HIS -11 ? A HIS 10 
11 1 Y 1 A SER -10 ? A SER 11 
12 1 Y 1 A SER -9  ? A SER 12 
13 1 Y 1 A GLY -8  ? A GLY 13 
14 1 Y 1 A LEU -7  ? A LEU 14 
15 1 Y 1 A VAL -6  ? A VAL 15 
16 1 Y 1 A PRO -5  ? A PRO 16 
17 1 Y 1 A ARG -4  ? A ARG 17 
18 1 Y 1 A GLY -3  ? A GLY 18 
19 1 Y 1 A SER -2  ? A SER 19 
20 1 Y 1 A HIS -1  ? A HIS 20 
21 1 Y 1 A MET 0   ? A MET 21 
22 1 Y 1 A ALA 1   ? A ALA 22 
23 1 Y 1 A GLU 2   ? A GLU 23 
24 1 Y 1 A GLN 3   ? A GLN 24 
25 1 Y 1 A ALA 4   ? A ALA 25 
# 
loop_
_chem_comp_atom.comp_id 
_chem_comp_atom.atom_id 
_chem_comp_atom.type_symbol 
_chem_comp_atom.pdbx_aromatic_flag 
_chem_comp_atom.pdbx_stereo_config 
_chem_comp_atom.pdbx_ordinal 
ALA N    N N N 1   
ALA CA   C N S 2   
ALA C    C N N 3   
ALA O    O N N 4   
ALA CB   C N N 5   
ALA OXT  O N N 6   
ALA H    H N N 7   
ALA H2   H N N 8   
ALA HA   H N N 9   
ALA HB1  H N N 10  
ALA HB2  H N N 11  
ALA HB3  H N N 12  
ALA HXT  H N N 13  
ARG N    N N N 14  
ARG CA   C N S 15  
ARG C    C N N 16  
ARG O    O N N 17  
ARG CB   C N N 18  
ARG CG   C N N 19  
ARG CD   C N N 20  
ARG NE   N N N 21  
ARG CZ   C N N 22  
ARG NH1  N N N 23  
ARG NH2  N N N 24  
ARG OXT  O N N 25  
ARG H    H N N 26  
ARG H2   H N N 27  
ARG HA   H N N 28  
ARG HB2  H N N 29  
ARG HB3  H N N 30  
ARG HG2  H N N 31  
ARG HG3  H N N 32  
ARG HD2  H N N 33  
ARG HD3  H N N 34  
ARG HE   H N N 35  
ARG HH11 H N N 36  
ARG HH12 H N N 37  
ARG HH21 H N N 38  
ARG HH22 H N N 39  
ARG HXT  H N N 40  
ASN N    N N N 41  
ASN CA   C N S 42  
ASN C    C N N 43  
ASN O    O N N 44  
ASN CB   C N N 45  
ASN CG   C N N 46  
ASN OD1  O N N 47  
ASN ND2  N N N 48  
ASN OXT  O N N 49  
ASN H    H N N 50  
ASN H2   H N N 51  
ASN HA   H N N 52  
ASN HB2  H N N 53  
ASN HB3  H N N 54  
ASN HD21 H N N 55  
ASN HD22 H N N 56  
ASN HXT  H N N 57  
ASP N    N N N 58  
ASP CA   C N S 59  
ASP C    C N N 60  
ASP O    O N N 61  
ASP CB   C N N 62  
ASP CG   C N N 63  
ASP OD1  O N N 64  
ASP OD2  O N N 65  
ASP OXT  O N N 66  
ASP H    H N N 67  
ASP H2   H N N 68  
ASP HA   H N N 69  
ASP HB2  H N N 70  
ASP HB3  H N N 71  
ASP HD2  H N N 72  
ASP HXT  H N N 73  
CYS N    N N N 74  
CYS CA   C N R 75  
CYS C    C N N 76  
CYS O    O N N 77  
CYS CB   C N N 78  
CYS SG   S N N 79  
CYS OXT  O N N 80  
CYS H    H N N 81  
CYS H2   H N N 82  
CYS HA   H N N 83  
CYS HB2  H N N 84  
CYS HB3  H N N 85  
CYS HG   H N N 86  
CYS HXT  H N N 87  
GLN N    N N N 88  
GLN CA   C N S 89  
GLN C    C N N 90  
GLN O    O N N 91  
GLN CB   C N N 92  
GLN CG   C N N 93  
GLN CD   C N N 94  
GLN OE1  O N N 95  
GLN NE2  N N N 96  
GLN OXT  O N N 97  
GLN H    H N N 98  
GLN H2   H N N 99  
GLN HA   H N N 100 
GLN HB2  H N N 101 
GLN HB3  H N N 102 
GLN HG2  H N N 103 
GLN HG3  H N N 104 
GLN HE21 H N N 105 
GLN HE22 H N N 106 
GLN HXT  H N N 107 
GLU N    N N N 108 
GLU CA   C N S 109 
GLU C    C N N 110 
GLU O    O N N 111 
GLU CB   C N N 112 
GLU CG   C N N 113 
GLU CD   C N N 114 
GLU OE1  O N N 115 
GLU OE2  O N N 116 
GLU OXT  O N N 117 
GLU H    H N N 118 
GLU H2   H N N 119 
GLU HA   H N N 120 
GLU HB2  H N N 121 
GLU HB3  H N N 122 
GLU HG2  H N N 123 
GLU HG3  H N N 124 
GLU HE2  H N N 125 
GLU HXT  H N N 126 
GLY N    N N N 127 
GLY CA   C N N 128 
GLY C    C N N 129 
GLY O    O N N 130 
GLY OXT  O N N 131 
GLY H    H N N 132 
GLY H2   H N N 133 
GLY HA2  H N N 134 
GLY HA3  H N N 135 
GLY HXT  H N N 136 
HIS N    N N N 137 
HIS CA   C N S 138 
HIS C    C N N 139 
HIS O    O N N 140 
HIS CB   C N N 141 
HIS CG   C Y N 142 
HIS ND1  N Y N 143 
HIS CD2  C Y N 144 
HIS CE1  C Y N 145 
HIS NE2  N Y N 146 
HIS OXT  O N N 147 
HIS H    H N N 148 
HIS H2   H N N 149 
HIS HA   H N N 150 
HIS HB2  H N N 151 
HIS HB3  H N N 152 
HIS HD1  H N N 153 
HIS HD2  H N N 154 
HIS HE1  H N N 155 
HIS HE2  H N N 156 
HIS HXT  H N N 157 
HOH O    O N N 158 
HOH H1   H N N 159 
HOH H2   H N N 160 
ILE N    N N N 161 
ILE CA   C N S 162 
ILE C    C N N 163 
ILE O    O N N 164 
ILE CB   C N S 165 
ILE CG1  C N N 166 
ILE CG2  C N N 167 
ILE CD1  C N N 168 
ILE OXT  O N N 169 
ILE H    H N N 170 
ILE H2   H N N 171 
ILE HA   H N N 172 
ILE HB   H N N 173 
ILE HG12 H N N 174 
ILE HG13 H N N 175 
ILE HG21 H N N 176 
ILE HG22 H N N 177 
ILE HG23 H N N 178 
ILE HD11 H N N 179 
ILE HD12 H N N 180 
ILE HD13 H N N 181 
ILE HXT  H N N 182 
LEU N    N N N 183 
LEU CA   C N S 184 
LEU C    C N N 185 
LEU O    O N N 186 
LEU CB   C N N 187 
LEU CG   C N N 188 
LEU CD1  C N N 189 
LEU CD2  C N N 190 
LEU OXT  O N N 191 
LEU H    H N N 192 
LEU H2   H N N 193 
LEU HA   H N N 194 
LEU HB2  H N N 195 
LEU HB3  H N N 196 
LEU HG   H N N 197 
LEU HD11 H N N 198 
LEU HD12 H N N 199 
LEU HD13 H N N 200 
LEU HD21 H N N 201 
LEU HD22 H N N 202 
LEU HD23 H N N 203 
LEU HXT  H N N 204 
LYS N    N N N 205 
LYS CA   C N S 206 
LYS C    C N N 207 
LYS O    O N N 208 
LYS CB   C N N 209 
LYS CG   C N N 210 
LYS CD   C N N 211 
LYS CE   C N N 212 
LYS NZ   N N N 213 
LYS OXT  O N N 214 
LYS H    H N N 215 
LYS H2   H N N 216 
LYS HA   H N N 217 
LYS HB2  H N N 218 
LYS HB3  H N N 219 
LYS HG2  H N N 220 
LYS HG3  H N N 221 
LYS HD2  H N N 222 
LYS HD3  H N N 223 
LYS HE2  H N N 224 
LYS HE3  H N N 225 
LYS HZ1  H N N 226 
LYS HZ2  H N N 227 
LYS HZ3  H N N 228 
LYS HXT  H N N 229 
MES O1   O N N 230 
MES C2   C N N 231 
MES C3   C N N 232 
MES N4   N N N 233 
MES C5   C N N 234 
MES C6   C N N 235 
MES C7   C N N 236 
MES C8   C N N 237 
MES S    S N N 238 
MES O1S  O N N 239 
MES O2S  O N N 240 
MES O3S  O N N 241 
MES H21  H N N 242 
MES H22  H N N 243 
MES H31  H N N 244 
MES H32  H N N 245 
MES HN4  H N N 246 
MES H51  H N N 247 
MES H52  H N N 248 
MES H61  H N N 249 
MES H62  H N N 250 
MES H71  H N N 251 
MES H72  H N N 252 
MES H81  H N N 253 
MES H82  H N N 254 
MET N    N N N 255 
MET CA   C N S 256 
MET C    C N N 257 
MET O    O N N 258 
MET CB   C N N 259 
MET CG   C N N 260 
MET SD   S N N 261 
MET CE   C N N 262 
MET OXT  O N N 263 
MET H    H N N 264 
MET H2   H N N 265 
MET HA   H N N 266 
MET HB2  H N N 267 
MET HB3  H N N 268 
MET HG2  H N N 269 
MET HG3  H N N 270 
MET HE1  H N N 271 
MET HE2  H N N 272 
MET HE3  H N N 273 
MET HXT  H N N 274 
PHE N    N N N 275 
PHE CA   C N S 276 
PHE C    C N N 277 
PHE O    O N N 278 
PHE CB   C N N 279 
PHE CG   C Y N 280 
PHE CD1  C Y N 281 
PHE CD2  C Y N 282 
PHE CE1  C Y N 283 
PHE CE2  C Y N 284 
PHE CZ   C Y N 285 
PHE OXT  O N N 286 
PHE H    H N N 287 
PHE H2   H N N 288 
PHE HA   H N N 289 
PHE HB2  H N N 290 
PHE HB3  H N N 291 
PHE HD1  H N N 292 
PHE HD2  H N N 293 
PHE HE1  H N N 294 
PHE HE2  H N N 295 
PHE HZ   H N N 296 
PHE HXT  H N N 297 
PRO N    N N N 298 
PRO CA   C N S 299 
PRO C    C N N 300 
PRO O    O N N 301 
PRO CB   C N N 302 
PRO CG   C N N 303 
PRO CD   C N N 304 
PRO OXT  O N N 305 
PRO H    H N N 306 
PRO HA   H N N 307 
PRO HB2  H N N 308 
PRO HB3  H N N 309 
PRO HG2  H N N 310 
PRO HG3  H N N 311 
PRO HD2  H N N 312 
PRO HD3  H N N 313 
PRO HXT  H N N 314 
SER N    N N N 315 
SER CA   C N S 316 
SER C    C N N 317 
SER O    O N N 318 
SER CB   C N N 319 
SER OG   O N N 320 
SER OXT  O N N 321 
SER H    H N N 322 
SER H2   H N N 323 
SER HA   H N N 324 
SER HB2  H N N 325 
SER HB3  H N N 326 
SER HG   H N N 327 
SER HXT  H N N 328 
THR N    N N N 329 
THR CA   C N S 330 
THR C    C N N 331 
THR O    O N N 332 
THR CB   C N R 333 
THR OG1  O N N 334 
THR CG2  C N N 335 
THR OXT  O N N 336 
THR H    H N N 337 
THR H2   H N N 338 
THR HA   H N N 339 
THR HB   H N N 340 
THR HG1  H N N 341 
THR HG21 H N N 342 
THR HG22 H N N 343 
THR HG23 H N N 344 
THR HXT  H N N 345 
TRP N    N N N 346 
TRP CA   C N S 347 
TRP C    C N N 348 
TRP O    O N N 349 
TRP CB   C N N 350 
TRP CG   C Y N 351 
TRP CD1  C Y N 352 
TRP CD2  C Y N 353 
TRP NE1  N Y N 354 
TRP CE2  C Y N 355 
TRP CE3  C Y N 356 
TRP CZ2  C Y N 357 
TRP CZ3  C Y N 358 
TRP CH2  C Y N 359 
TRP OXT  O N N 360 
TRP H    H N N 361 
TRP H2   H N N 362 
TRP HA   H N N 363 
TRP HB2  H N N 364 
TRP HB3  H N N 365 
TRP HD1  H N N 366 
TRP HE1  H N N 367 
TRP HE3  H N N 368 
TRP HZ2  H N N 369 
TRP HZ3  H N N 370 
TRP HH2  H N N 371 
TRP HXT  H N N 372 
TYR N    N N N 373 
TYR CA   C N S 374 
TYR C    C N N 375 
TYR O    O N N 376 
TYR CB   C N N 377 
TYR CG   C Y N 378 
TYR CD1  C Y N 379 
TYR CD2  C Y N 380 
TYR CE1  C Y N 381 
TYR CE2  C Y N 382 
TYR CZ   C Y N 383 
TYR OH   O N N 384 
TYR OXT  O N N 385 
TYR H    H N N 386 
TYR H2   H N N 387 
TYR HA   H N N 388 
TYR HB2  H N N 389 
TYR HB3  H N N 390 
TYR HD1  H N N 391 
TYR HD2  H N N 392 
TYR HE1  H N N 393 
TYR HE2  H N N 394 
TYR HH   H N N 395 
TYR HXT  H N N 396 
VAL N    N N N 397 
VAL CA   C N S 398 
VAL C    C N N 399 
VAL O    O N N 400 
VAL CB   C N N 401 
VAL CG1  C N N 402 
VAL CG2  C N N 403 
VAL OXT  O N N 404 
VAL H    H N N 405 
VAL H2   H N N 406 
VAL HA   H N N 407 
VAL HB   H N N 408 
VAL HG11 H N N 409 
VAL HG12 H N N 410 
VAL HG13 H N N 411 
VAL HG21 H N N 412 
VAL HG22 H N N 413 
VAL HG23 H N N 414 
VAL HXT  H N N 415 
# 
loop_
_chem_comp_bond.comp_id 
_chem_comp_bond.atom_id_1 
_chem_comp_bond.atom_id_2 
_chem_comp_bond.value_order 
_chem_comp_bond.pdbx_aromatic_flag 
_chem_comp_bond.pdbx_stereo_config 
_chem_comp_bond.pdbx_ordinal 
ALA N   CA   sing N N 1   
ALA N   H    sing N N 2   
ALA N   H2   sing N N 3   
ALA CA  C    sing N N 4   
ALA CA  CB   sing N N 5   
ALA CA  HA   sing N N 6   
ALA C   O    doub N N 7   
ALA C   OXT  sing N N 8   
ALA CB  HB1  sing N N 9   
ALA CB  HB2  sing N N 10  
ALA CB  HB3  sing N N 11  
ALA OXT HXT  sing N N 12  
ARG N   CA   sing N N 13  
ARG N   H    sing N N 14  
ARG N   H2   sing N N 15  
ARG CA  C    sing N N 16  
ARG CA  CB   sing N N 17  
ARG CA  HA   sing N N 18  
ARG C   O    doub N N 19  
ARG C   OXT  sing N N 20  
ARG CB  CG   sing N N 21  
ARG CB  HB2  sing N N 22  
ARG CB  HB3  sing N N 23  
ARG CG  CD   sing N N 24  
ARG CG  HG2  sing N N 25  
ARG CG  HG3  sing N N 26  
ARG CD  NE   sing N N 27  
ARG CD  HD2  sing N N 28  
ARG CD  HD3  sing N N 29  
ARG NE  CZ   sing N N 30  
ARG NE  HE   sing N N 31  
ARG CZ  NH1  sing N N 32  
ARG CZ  NH2  doub N N 33  
ARG NH1 HH11 sing N N 34  
ARG NH1 HH12 sing N N 35  
ARG NH2 HH21 sing N N 36  
ARG NH2 HH22 sing N N 37  
ARG OXT HXT  sing N N 38  
ASN N   CA   sing N N 39  
ASN N   H    sing N N 40  
ASN N   H2   sing N N 41  
ASN CA  C    sing N N 42  
ASN CA  CB   sing N N 43  
ASN CA  HA   sing N N 44  
ASN C   O    doub N N 45  
ASN C   OXT  sing N N 46  
ASN CB  CG   sing N N 47  
ASN CB  HB2  sing N N 48  
ASN CB  HB3  sing N N 49  
ASN CG  OD1  doub N N 50  
ASN CG  ND2  sing N N 51  
ASN ND2 HD21 sing N N 52  
ASN ND2 HD22 sing N N 53  
ASN OXT HXT  sing N N 54  
ASP N   CA   sing N N 55  
ASP N   H    sing N N 56  
ASP N   H2   sing N N 57  
ASP CA  C    sing N N 58  
ASP CA  CB   sing N N 59  
ASP CA  HA   sing N N 60  
ASP C   O    doub N N 61  
ASP C   OXT  sing N N 62  
ASP CB  CG   sing N N 63  
ASP CB  HB2  sing N N 64  
ASP CB  HB3  sing N N 65  
ASP CG  OD1  doub N N 66  
ASP CG  OD2  sing N N 67  
ASP OD2 HD2  sing N N 68  
ASP OXT HXT  sing N N 69  
CYS N   CA   sing N N 70  
CYS N   H    sing N N 71  
CYS N   H2   sing N N 72  
CYS CA  C    sing N N 73  
CYS CA  CB   sing N N 74  
CYS CA  HA   sing N N 75  
CYS C   O    doub N N 76  
CYS C   OXT  sing N N 77  
CYS CB  SG   sing N N 78  
CYS CB  HB2  sing N N 79  
CYS CB  HB3  sing N N 80  
CYS SG  HG   sing N N 81  
CYS OXT HXT  sing N N 82  
GLN N   CA   sing N N 83  
GLN N   H    sing N N 84  
GLN N   H2   sing N N 85  
GLN CA  C    sing N N 86  
GLN CA  CB   sing N N 87  
GLN CA  HA   sing N N 88  
GLN C   O    doub N N 89  
GLN C   OXT  sing N N 90  
GLN CB  CG   sing N N 91  
GLN CB  HB2  sing N N 92  
GLN CB  HB3  sing N N 93  
GLN CG  CD   sing N N 94  
GLN CG  HG2  sing N N 95  
GLN CG  HG3  sing N N 96  
GLN CD  OE1  doub N N 97  
GLN CD  NE2  sing N N 98  
GLN NE2 HE21 sing N N 99  
GLN NE2 HE22 sing N N 100 
GLN OXT HXT  sing N N 101 
GLU N   CA   sing N N 102 
GLU N   H    sing N N 103 
GLU N   H2   sing N N 104 
GLU CA  C    sing N N 105 
GLU CA  CB   sing N N 106 
GLU CA  HA   sing N N 107 
GLU C   O    doub N N 108 
GLU C   OXT  sing N N 109 
GLU CB  CG   sing N N 110 
GLU CB  HB2  sing N N 111 
GLU CB  HB3  sing N N 112 
GLU CG  CD   sing N N 113 
GLU CG  HG2  sing N N 114 
GLU CG  HG3  sing N N 115 
GLU CD  OE1  doub N N 116 
GLU CD  OE2  sing N N 117 
GLU OE2 HE2  sing N N 118 
GLU OXT HXT  sing N N 119 
GLY N   CA   sing N N 120 
GLY N   H    sing N N 121 
GLY N   H2   sing N N 122 
GLY CA  C    sing N N 123 
GLY CA  HA2  sing N N 124 
GLY CA  HA3  sing N N 125 
GLY C   O    doub N N 126 
GLY C   OXT  sing N N 127 
GLY OXT HXT  sing N N 128 
HIS N   CA   sing N N 129 
HIS N   H    sing N N 130 
HIS N   H2   sing N N 131 
HIS CA  C    sing N N 132 
HIS CA  CB   sing N N 133 
HIS CA  HA   sing N N 134 
HIS C   O    doub N N 135 
HIS C   OXT  sing N N 136 
HIS CB  CG   sing N N 137 
HIS CB  HB2  sing N N 138 
HIS CB  HB3  sing N N 139 
HIS CG  ND1  sing Y N 140 
HIS CG  CD2  doub Y N 141 
HIS ND1 CE1  doub Y N 142 
HIS ND1 HD1  sing N N 143 
HIS CD2 NE2  sing Y N 144 
HIS CD2 HD2  sing N N 145 
HIS CE1 NE2  sing Y N 146 
HIS CE1 HE1  sing N N 147 
HIS NE2 HE2  sing N N 148 
HIS OXT HXT  sing N N 149 
HOH O   H1   sing N N 150 
HOH O   H2   sing N N 151 
ILE N   CA   sing N N 152 
ILE N   H    sing N N 153 
ILE N   H2   sing N N 154 
ILE CA  C    sing N N 155 
ILE CA  CB   sing N N 156 
ILE CA  HA   sing N N 157 
ILE C   O    doub N N 158 
ILE C   OXT  sing N N 159 
ILE CB  CG1  sing N N 160 
ILE CB  CG2  sing N N 161 
ILE CB  HB   sing N N 162 
ILE CG1 CD1  sing N N 163 
ILE CG1 HG12 sing N N 164 
ILE CG1 HG13 sing N N 165 
ILE CG2 HG21 sing N N 166 
ILE CG2 HG22 sing N N 167 
ILE CG2 HG23 sing N N 168 
ILE CD1 HD11 sing N N 169 
ILE CD1 HD12 sing N N 170 
ILE CD1 HD13 sing N N 171 
ILE OXT HXT  sing N N 172 
LEU N   CA   sing N N 173 
LEU N   H    sing N N 174 
LEU N   H2   sing N N 175 
LEU CA  C    sing N N 176 
LEU CA  CB   sing N N 177 
LEU CA  HA   sing N N 178 
LEU C   O    doub N N 179 
LEU C   OXT  sing N N 180 
LEU CB  CG   sing N N 181 
LEU CB  HB2  sing N N 182 
LEU CB  HB3  sing N N 183 
LEU CG  CD1  sing N N 184 
LEU CG  CD2  sing N N 185 
LEU CG  HG   sing N N 186 
LEU CD1 HD11 sing N N 187 
LEU CD1 HD12 sing N N 188 
LEU CD1 HD13 sing N N 189 
LEU CD2 HD21 sing N N 190 
LEU CD2 HD22 sing N N 191 
LEU CD2 HD23 sing N N 192 
LEU OXT HXT  sing N N 193 
LYS N   CA   sing N N 194 
LYS N   H    sing N N 195 
LYS N   H2   sing N N 196 
LYS CA  C    sing N N 197 
LYS CA  CB   sing N N 198 
LYS CA  HA   sing N N 199 
LYS C   O    doub N N 200 
LYS C   OXT  sing N N 201 
LYS CB  CG   sing N N 202 
LYS CB  HB2  sing N N 203 
LYS CB  HB3  sing N N 204 
LYS CG  CD   sing N N 205 
LYS CG  HG2  sing N N 206 
LYS CG  HG3  sing N N 207 
LYS CD  CE   sing N N 208 
LYS CD  HD2  sing N N 209 
LYS CD  HD3  sing N N 210 
LYS CE  NZ   sing N N 211 
LYS CE  HE2  sing N N 212 
LYS CE  HE3  sing N N 213 
LYS NZ  HZ1  sing N N 214 
LYS NZ  HZ2  sing N N 215 
LYS NZ  HZ3  sing N N 216 
LYS OXT HXT  sing N N 217 
MES O1  C2   sing N N 218 
MES O1  C6   sing N N 219 
MES C2  C3   sing N N 220 
MES C2  H21  sing N N 221 
MES C2  H22  sing N N 222 
MES C3  N4   sing N N 223 
MES C3  H31  sing N N 224 
MES C3  H32  sing N N 225 
MES N4  C5   sing N N 226 
MES N4  C7   sing N N 227 
MES N4  HN4  sing N N 228 
MES C5  C6   sing N N 229 
MES C5  H51  sing N N 230 
MES C5  H52  sing N N 231 
MES C6  H61  sing N N 232 
MES C6  H62  sing N N 233 
MES C7  C8   sing N N 234 
MES C7  H71  sing N N 235 
MES C7  H72  sing N N 236 
MES C8  S    sing N N 237 
MES C8  H81  sing N N 238 
MES C8  H82  sing N N 239 
MES S   O1S  doub N N 240 
MES S   O2S  doub N N 241 
MES S   O3S  sing N N 242 
MET N   CA   sing N N 243 
MET N   H    sing N N 244 
MET N   H2   sing N N 245 
MET CA  C    sing N N 246 
MET CA  CB   sing N N 247 
MET CA  HA   sing N N 248 
MET C   O    doub N N 249 
MET C   OXT  sing N N 250 
MET CB  CG   sing N N 251 
MET CB  HB2  sing N N 252 
MET CB  HB3  sing N N 253 
MET CG  SD   sing N N 254 
MET CG  HG2  sing N N 255 
MET CG  HG3  sing N N 256 
MET SD  CE   sing N N 257 
MET CE  HE1  sing N N 258 
MET CE  HE2  sing N N 259 
MET CE  HE3  sing N N 260 
MET OXT HXT  sing N N 261 
PHE N   CA   sing N N 262 
PHE N   H    sing N N 263 
PHE N   H2   sing N N 264 
PHE CA  C    sing N N 265 
PHE CA  CB   sing N N 266 
PHE CA  HA   sing N N 267 
PHE C   O    doub N N 268 
PHE C   OXT  sing N N 269 
PHE CB  CG   sing N N 270 
PHE CB  HB2  sing N N 271 
PHE CB  HB3  sing N N 272 
PHE CG  CD1  doub Y N 273 
PHE CG  CD2  sing Y N 274 
PHE CD1 CE1  sing Y N 275 
PHE CD1 HD1  sing N N 276 
PHE CD2 CE2  doub Y N 277 
PHE CD2 HD2  sing N N 278 
PHE CE1 CZ   doub Y N 279 
PHE CE1 HE1  sing N N 280 
PHE CE2 CZ   sing Y N 281 
PHE CE2 HE2  sing N N 282 
PHE CZ  HZ   sing N N 283 
PHE OXT HXT  sing N N 284 
PRO N   CA   sing N N 285 
PRO N   CD   sing N N 286 
PRO N   H    sing N N 287 
PRO CA  C    sing N N 288 
PRO CA  CB   sing N N 289 
PRO CA  HA   sing N N 290 
PRO C   O    doub N N 291 
PRO C   OXT  sing N N 292 
PRO CB  CG   sing N N 293 
PRO CB  HB2  sing N N 294 
PRO CB  HB3  sing N N 295 
PRO CG  CD   sing N N 296 
PRO CG  HG2  sing N N 297 
PRO CG  HG3  sing N N 298 
PRO CD  HD2  sing N N 299 
PRO CD  HD3  sing N N 300 
PRO OXT HXT  sing N N 301 
SER N   CA   sing N N 302 
SER N   H    sing N N 303 
SER N   H2   sing N N 304 
SER CA  C    sing N N 305 
SER CA  CB   sing N N 306 
SER CA  HA   sing N N 307 
SER C   O    doub N N 308 
SER C   OXT  sing N N 309 
SER CB  OG   sing N N 310 
SER CB  HB2  sing N N 311 
SER CB  HB3  sing N N 312 
SER OG  HG   sing N N 313 
SER OXT HXT  sing N N 314 
THR N   CA   sing N N 315 
THR N   H    sing N N 316 
THR N   H2   sing N N 317 
THR CA  C    sing N N 318 
THR CA  CB   sing N N 319 
THR CA  HA   sing N N 320 
THR C   O    doub N N 321 
THR C   OXT  sing N N 322 
THR CB  OG1  sing N N 323 
THR CB  CG2  sing N N 324 
THR CB  HB   sing N N 325 
THR OG1 HG1  sing N N 326 
THR CG2 HG21 sing N N 327 
THR CG2 HG22 sing N N 328 
THR CG2 HG23 sing N N 329 
THR OXT HXT  sing N N 330 
TRP N   CA   sing N N 331 
TRP N   H    sing N N 332 
TRP N   H2   sing N N 333 
TRP CA  C    sing N N 334 
TRP CA  CB   sing N N 335 
TRP CA  HA   sing N N 336 
TRP C   O    doub N N 337 
TRP C   OXT  sing N N 338 
TRP CB  CG   sing N N 339 
TRP CB  HB2  sing N N 340 
TRP CB  HB3  sing N N 341 
TRP CG  CD1  doub Y N 342 
TRP CG  CD2  sing Y N 343 
TRP CD1 NE1  sing Y N 344 
TRP CD1 HD1  sing N N 345 
TRP CD2 CE2  doub Y N 346 
TRP CD2 CE3  sing Y N 347 
TRP NE1 CE2  sing Y N 348 
TRP NE1 HE1  sing N N 349 
TRP CE2 CZ2  sing Y N 350 
TRP CE3 CZ3  doub Y N 351 
TRP CE3 HE3  sing N N 352 
TRP CZ2 CH2  doub Y N 353 
TRP CZ2 HZ2  sing N N 354 
TRP CZ3 CH2  sing Y N 355 
TRP CZ3 HZ3  sing N N 356 
TRP CH2 HH2  sing N N 357 
TRP OXT HXT  sing N N 358 
TYR N   CA   sing N N 359 
TYR N   H    sing N N 360 
TYR N   H2   sing N N 361 
TYR CA  C    sing N N 362 
TYR CA  CB   sing N N 363 
TYR CA  HA   sing N N 364 
TYR C   O    doub N N 365 
TYR C   OXT  sing N N 366 
TYR CB  CG   sing N N 367 
TYR CB  HB2  sing N N 368 
TYR CB  HB3  sing N N 369 
TYR CG  CD1  doub Y N 370 
TYR CG  CD2  sing Y N 371 
TYR CD1 CE1  sing Y N 372 
TYR CD1 HD1  sing N N 373 
TYR CD2 CE2  doub Y N 374 
TYR CD2 HD2  sing N N 375 
TYR CE1 CZ   doub Y N 376 
TYR CE1 HE1  sing N N 377 
TYR CE2 CZ   sing Y N 378 
TYR CE2 HE2  sing N N 379 
TYR CZ  OH   sing N N 380 
TYR OH  HH   sing N N 381 
TYR OXT HXT  sing N N 382 
VAL N   CA   sing N N 383 
VAL N   H    sing N N 384 
VAL N   H2   sing N N 385 
VAL CA  C    sing N N 386 
VAL CA  CB   sing N N 387 
VAL CA  HA   sing N N 388 
VAL C   O    doub N N 389 
VAL C   OXT  sing N N 390 
VAL CB  CG1  sing N N 391 
VAL CB  CG2  sing N N 392 
VAL CB  HB   sing N N 393 
VAL CG1 HG11 sing N N 394 
VAL CG1 HG12 sing N N 395 
VAL CG1 HG13 sing N N 396 
VAL CG2 HG21 sing N N 397 
VAL CG2 HG22 sing N N 398 
VAL CG2 HG23 sing N N 399 
VAL OXT HXT  sing N N 400 
# 
loop_
_pdbx_entity_nonpoly.entity_id 
_pdbx_entity_nonpoly.name 
_pdbx_entity_nonpoly.comp_id 
2 '2-(N-MORPHOLINO)-ETHANESULFONIC ACID' MES 
3 water                                  HOH 
# 
_pdbx_initial_refinement_model.id               1 
_pdbx_initial_refinement_model.entity_id_list   ? 
_pdbx_initial_refinement_model.type             'experimental model' 
_pdbx_initial_refinement_model.source_name      PDB 
_pdbx_initial_refinement_model.accession_code   5PNT 
_pdbx_initial_refinement_model.details          ? 
# 
